data_6B46
#
_entry.id   6B46
#
_cell.length_a   1
_cell.length_b   1
_cell.length_c   1
_cell.angle_alpha   90.00
_cell.angle_beta   90.00
_cell.angle_gamma   90.00
#
_symmetry.space_group_name_H-M   'P 1'
#
loop_
_entity.id
_entity.type
_entity.pdbx_description
1 polymer 'CRISPR-associated protein Csy3'
2 polymer 'Anti-CRISPR protein AcrF1'
3 polymer 'CRISPR-associated endonuclease Cas6/Csy4'
4 polymer 'Pseudomonas aeruginosa strain SMC4485 CRISPR repeat sequence'
#
loop_
_entity_poly.entity_id
_entity_poly.type
_entity_poly.pdbx_seq_one_letter_code
_entity_poly.pdbx_strand_id
1 'polypeptide(L)'
;MAMSKPILSTASVLAFERKLDPSDALMSAGAWAQRDASQEWPAVTVREKSVRGTISNRLKTKDRDPAKLDASIQSPNLQT
VDVANLPSDADTLKVRFTLRVLGGAGTPSACNDAAYRDKLLQTVATYVNDQGFAELARRYAHNLANARFLWRNRVGAEAV
EVRINHIRQGEVARAWRFDALAIGLRDFKADAELDALAELIASGLSGSGHVLLEVVAFARIGDGQEVFPSQELILDKGDK
KGQKSKTLYSVRDAAAIHSQKIGNALRTIDTWYPDEDGLGPIAVEPYGSVTSQGKAYRQPKQKLDFYTLLDNWVLRDEAP
AVEQQHYVIANLIRGGVFGEAEEK
;
C,D,E,F,G,H
2 'polypeptide(L)' GSMKFIKYLSTAHLNYMNIAVYENGSKIKARVENVVNGKSVGARDFDSTEQLESWFYGLPGSGLGRIENAMNEISRRENP I,J
3 'polypeptide(L)'
;MAMDHYLDIRLRPDPEFPPAQLMSVLFGKLHQALVAQGGDRIGVSFPDLDESRSRLGERLRIHASADDLRALLARPWLEG
LRDHLQFGEPAVVPHPTPYRQVSRVQAKSNPERLRRRLMRRHDLSEEEARKRIPDTVARALDLPFVTLRSQSTGQHFRLF
IRHGPLQVTAEEGGFTCYGLSKGGFVPWF
;
L
4 'polyribonucleotide' CUAAGAAAUUCACGGCGGGCUUGAUGUCCGCGUCUACCUGGUUCACUGCCGUGUAGGCAG M
#
# COMPACT_ATOMS: atom_id res chain seq x y z
N LEU A 8 21.94 50.62 2.05
CA LEU A 8 22.55 49.51 1.33
C LEU A 8 22.68 48.30 2.24
N SER A 9 22.42 47.11 1.71
CA SER A 9 22.50 45.88 2.47
C SER A 9 23.11 44.79 1.60
N THR A 10 23.25 43.61 2.18
CA THR A 10 23.80 42.47 1.48
C THR A 10 22.75 41.84 0.56
N ALA A 11 23.23 41.30 -0.56
CA ALA A 11 22.33 40.57 -1.46
C ALA A 11 21.97 39.24 -0.83
N SER A 12 20.68 38.90 -0.87
CA SER A 12 20.20 37.70 -0.20
C SER A 12 20.59 36.42 -0.94
N VAL A 13 20.94 36.49 -2.21
CA VAL A 13 21.41 35.33 -2.97
C VAL A 13 22.61 35.76 -3.81
N LEU A 14 23.77 35.14 -3.57
CA LEU A 14 24.92 35.26 -4.46
C LEU A 14 25.36 33.88 -4.87
N ALA A 15 25.82 33.77 -6.12
CA ALA A 15 26.33 32.50 -6.63
C ALA A 15 27.37 32.81 -7.68
N PHE A 16 28.61 32.38 -7.44
CA PHE A 16 29.71 32.61 -8.35
C PHE A 16 30.10 31.30 -9.01
N GLU A 17 30.14 31.29 -10.33
CA GLU A 17 30.66 30.15 -11.06
C GLU A 17 32.15 30.05 -10.84
N ARG A 18 32.64 28.82 -10.76
CA ARG A 18 34.06 28.64 -10.48
C ARG A 18 34.89 28.93 -11.72
N LYS A 19 36.09 29.45 -11.49
CA LYS A 19 37.10 29.54 -12.51
C LYS A 19 38.16 28.48 -12.25
N LEU A 20 39.06 28.31 -13.22
CA LEU A 20 40.13 27.30 -13.20
C LEU A 20 39.53 25.90 -13.08
N ASP A 21 38.84 25.49 -14.16
CA ASP A 21 37.98 24.32 -14.18
C ASP A 21 38.76 23.11 -14.69
N PRO A 22 39.15 22.16 -13.83
CA PRO A 22 39.99 21.06 -14.28
C PRO A 22 39.17 19.84 -14.70
N SER A 23 39.82 18.99 -15.49
CA SER A 23 39.27 17.69 -15.83
C SER A 23 39.91 16.63 -14.93
N ASP A 24 39.39 15.41 -15.04
CA ASP A 24 39.86 14.33 -14.18
C ASP A 24 41.25 13.86 -14.59
N ALA A 25 41.89 13.16 -13.67
CA ALA A 25 43.28 12.73 -13.83
C ALA A 25 43.30 11.29 -14.31
N LEU A 26 43.73 11.07 -15.55
CA LEU A 26 43.73 9.74 -16.12
C LEU A 26 45.09 9.09 -15.84
N MET A 27 45.17 8.33 -14.75
CA MET A 27 46.43 7.74 -14.34
C MET A 27 46.77 6.54 -15.22
N SER A 28 47.97 6.54 -15.78
CA SER A 28 48.48 5.39 -16.51
C SER A 28 49.84 5.00 -15.93
N ALA A 29 50.55 4.10 -16.59
CA ALA A 29 51.85 3.68 -16.08
C ALA A 29 52.78 3.33 -17.23
N GLY A 30 54.07 3.46 -16.97
CA GLY A 30 55.06 3.17 -17.98
C GLY A 30 56.45 3.05 -17.39
N ALA A 31 57.45 3.13 -18.26
CA ALA A 31 58.84 3.03 -17.84
C ALA A 31 59.55 4.35 -18.13
N TRP A 32 60.45 4.73 -17.21
CA TRP A 32 61.15 6.00 -17.28
C TRP A 32 62.10 6.02 -18.47
N ALA A 33 62.35 7.23 -18.99
CA ALA A 33 63.07 7.51 -20.23
C ALA A 33 62.42 6.86 -21.46
N GLN A 34 61.10 6.66 -21.42
CA GLN A 34 60.29 6.51 -22.61
C GLN A 34 59.11 7.49 -22.60
N ARG A 35 59.26 8.61 -21.90
CA ARG A 35 58.23 9.62 -21.74
C ARG A 35 57.96 10.42 -23.02
N ASP A 36 58.81 10.27 -24.04
CA ASP A 36 58.64 11.03 -25.27
C ASP A 36 57.54 10.47 -26.16
N ALA A 37 57.07 9.26 -25.88
CA ALA A 37 55.98 8.64 -26.62
C ALA A 37 54.99 8.03 -25.63
N SER A 38 54.58 8.81 -24.65
CA SER A 38 53.71 8.35 -23.57
C SER A 38 52.23 8.56 -23.89
N GLN A 39 51.82 8.18 -25.10
CA GLN A 39 50.41 8.30 -25.46
C GLN A 39 49.66 6.98 -25.35
N GLU A 40 50.34 5.87 -25.61
CA GLU A 40 49.71 4.55 -25.62
C GLU A 40 50.07 3.74 -24.38
N TRP A 41 50.36 4.42 -23.26
CA TRP A 41 50.72 3.67 -22.06
C TRP A 41 49.47 3.06 -21.44
N PRO A 42 49.57 1.84 -20.90
CA PRO A 42 48.40 1.20 -20.30
C PRO A 42 48.00 1.85 -19.00
N ALA A 43 46.70 1.79 -18.71
CA ALA A 43 46.16 2.44 -17.54
C ALA A 43 46.31 1.57 -16.30
N VAL A 44 46.32 2.22 -15.15
CA VAL A 44 46.31 1.54 -13.85
C VAL A 44 44.90 1.04 -13.61
N THR A 45 44.73 -0.28 -13.55
CA THR A 45 43.42 -0.89 -13.38
C THR A 45 43.19 -1.19 -11.90
N VAL A 46 42.02 -0.78 -11.40
CA VAL A 46 41.64 -1.10 -10.02
C VAL A 46 41.24 -2.56 -9.96
N ARG A 47 41.92 -3.34 -9.11
CA ARG A 47 41.63 -4.75 -8.94
C ARG A 47 41.22 -5.00 -7.48
N GLU A 48 41.06 -6.28 -7.13
CA GLU A 48 40.54 -6.65 -5.82
C GLU A 48 41.37 -7.79 -5.24
N LYS A 49 41.61 -7.73 -3.93
CA LYS A 49 42.23 -8.81 -3.16
C LYS A 49 41.79 -8.66 -1.71
N SER A 50 42.35 -9.50 -0.84
CA SER A 50 42.06 -9.45 0.59
C SER A 50 43.33 -9.32 1.42
N GLN A 79 36.91 -10.55 3.56
CA GLN A 79 36.70 -9.13 3.29
C GLN A 79 37.34 -8.73 1.96
N THR A 80 36.81 -7.68 1.34
CA THR A 80 37.25 -7.23 0.03
C THR A 80 37.74 -5.79 0.10
N VAL A 81 38.91 -5.54 -0.49
CA VAL A 81 39.42 -4.20 -0.69
C VAL A 81 39.79 -4.03 -2.15
N ASP A 82 39.85 -2.77 -2.59
CA ASP A 82 40.27 -2.43 -3.94
C ASP A 82 41.66 -1.82 -3.90
N VAL A 83 42.55 -2.33 -4.75
CA VAL A 83 43.98 -2.01 -4.71
C VAL A 83 44.44 -1.64 -6.11
N ALA A 84 45.16 -0.53 -6.23
CA ALA A 84 45.82 -0.14 -7.46
C ALA A 84 47.33 -0.36 -7.34
N ASN A 85 47.96 -0.78 -8.43
CA ASN A 85 49.37 -1.12 -8.43
C ASN A 85 49.99 -0.61 -9.73
N LEU A 86 51.17 -1.13 -10.06
CA LEU A 86 51.85 -0.88 -11.32
C LEU A 86 52.03 -2.21 -12.06
N PRO A 87 52.23 -2.16 -13.39
CA PRO A 87 52.62 -3.37 -14.12
C PRO A 87 54.03 -3.83 -13.75
N SER A 88 54.33 -5.07 -14.15
CA SER A 88 55.55 -5.74 -13.72
C SER A 88 56.80 -5.11 -14.34
N ASP A 89 56.68 -4.57 -15.55
CA ASP A 89 57.78 -3.90 -16.23
C ASP A 89 57.51 -2.41 -16.38
N ALA A 90 57.06 -1.78 -15.29
CA ALA A 90 56.76 -0.36 -15.25
C ALA A 90 57.20 0.21 -13.92
N ASP A 91 57.71 1.45 -13.96
CA ASP A 91 58.11 2.14 -12.74
C ASP A 91 57.79 3.64 -12.78
N THR A 92 56.90 4.08 -13.67
CA THR A 92 56.67 5.49 -13.91
C THR A 92 55.17 5.74 -14.01
N LEU A 93 54.65 6.63 -13.16
CA LEU A 93 53.26 7.03 -13.25
C LEU A 93 53.10 8.14 -14.29
N LYS A 94 51.90 8.25 -14.85
CA LYS A 94 51.56 9.36 -15.73
C LYS A 94 50.16 9.84 -15.39
N VAL A 95 50.06 11.11 -15.01
CA VAL A 95 48.81 11.73 -14.56
C VAL A 95 48.53 12.90 -15.49
N ARG A 96 47.45 12.79 -16.27
CA ARG A 96 47.15 13.75 -17.33
C ARG A 96 45.76 14.35 -17.12
N PHE A 97 45.67 15.67 -17.24
CA PHE A 97 44.40 16.38 -17.15
C PHE A 97 44.51 17.70 -17.90
N THR A 98 43.37 18.33 -18.13
CA THR A 98 43.31 19.64 -18.78
C THR A 98 42.69 20.66 -17.84
N LEU A 99 42.88 21.94 -18.19
CA LEU A 99 42.55 23.03 -17.28
C LEU A 99 42.13 24.25 -18.07
N ARG A 100 40.84 24.60 -18.00
CA ARG A 100 40.33 25.81 -18.63
C ARG A 100 40.44 26.97 -17.66
N VAL A 101 40.99 28.09 -18.15
CA VAL A 101 41.04 29.33 -17.38
C VAL A 101 40.02 30.28 -18.01
N LEU A 102 39.02 30.70 -17.23
CA LEU A 102 37.84 31.33 -17.79
C LEU A 102 37.91 32.86 -17.80
N GLY A 103 37.99 33.49 -16.65
CA GLY A 103 37.96 34.94 -16.68
C GLY A 103 36.57 35.50 -16.52
N GLY A 104 36.50 36.66 -15.88
CA GLY A 104 35.25 37.27 -15.48
C GLY A 104 35.00 37.03 -14.01
N ALA A 105 36.04 37.22 -13.21
CA ALA A 105 36.11 36.68 -11.85
C ALA A 105 35.43 37.55 -10.80
N GLY A 106 34.53 38.45 -11.18
CA GLY A 106 33.86 39.28 -10.21
C GLY A 106 32.35 39.27 -10.29
N THR A 107 31.81 38.90 -11.44
CA THR A 107 30.38 39.04 -11.70
C THR A 107 29.65 37.82 -11.17
N PRO A 108 28.66 37.99 -10.30
CA PRO A 108 27.90 36.83 -9.81
C PRO A 108 26.90 36.34 -10.83
N SER A 109 26.62 35.04 -10.77
CA SER A 109 25.67 34.41 -11.66
C SER A 109 24.23 34.55 -11.19
N ALA A 110 24.01 34.99 -9.95
CA ALA A 110 22.67 35.22 -9.43
C ALA A 110 22.77 36.26 -8.32
N CYS A 111 22.02 37.34 -8.44
CA CYS A 111 22.11 38.42 -7.45
C CYS A 111 20.80 39.18 -7.42
N ASN A 112 20.21 39.29 -6.23
CA ASN A 112 18.92 39.97 -6.09
C ASN A 112 19.07 41.48 -6.23
N ASP A 113 20.00 42.07 -5.49
CA ASP A 113 20.16 43.51 -5.49
C ASP A 113 20.80 43.98 -6.79
N ALA A 114 20.46 45.20 -7.19
CA ALA A 114 21.10 45.86 -8.30
C ALA A 114 22.11 46.92 -7.86
N ALA A 115 22.12 47.29 -6.58
CA ALA A 115 23.11 48.20 -6.04
C ALA A 115 24.31 47.46 -5.46
N TYR A 116 24.05 46.33 -4.80
CA TYR A 116 25.14 45.48 -4.34
C TYR A 116 25.92 44.90 -5.50
N ARG A 117 25.24 44.63 -6.62
CA ARG A 117 25.88 43.95 -7.74
C ARG A 117 26.91 44.86 -8.42
N ASP A 118 26.50 46.07 -8.80
CA ASP A 118 27.47 46.97 -9.42
C ASP A 118 28.43 47.59 -8.42
N LYS A 119 28.05 47.66 -7.14
CA LYS A 119 29.03 48.01 -6.11
C LYS A 119 30.14 46.97 -6.03
N LEU A 120 29.77 45.70 -6.06
CA LEU A 120 30.74 44.61 -6.10
C LEU A 120 31.58 44.64 -7.37
N LEU A 121 30.94 44.96 -8.51
CA LEU A 121 31.65 45.02 -9.78
C LEU A 121 32.69 46.15 -9.78
N GLN A 122 32.34 47.30 -9.23
CA GLN A 122 33.32 48.39 -9.21
C GLN A 122 34.39 48.19 -8.15
N THR A 123 34.08 47.46 -7.07
CA THR A 123 35.12 47.12 -6.09
C THR A 123 36.13 46.14 -6.68
N VAL A 124 35.64 45.10 -7.37
CA VAL A 124 36.55 44.15 -8.01
C VAL A 124 37.28 44.80 -9.19
N ALA A 125 36.65 45.79 -9.85
CA ALA A 125 37.35 46.53 -10.90
C ALA A 125 38.46 47.41 -10.32
N THR A 126 38.25 47.95 -9.11
CA THR A 126 39.33 48.66 -8.42
C THR A 126 40.47 47.71 -8.07
N TYR A 127 40.15 46.48 -7.64
CA TYR A 127 41.19 45.49 -7.39
C TYR A 127 41.94 45.13 -8.67
N VAL A 128 41.23 45.08 -9.81
CA VAL A 128 41.91 44.66 -11.04
C VAL A 128 42.74 45.80 -11.62
N ASN A 129 42.32 47.05 -11.47
CA ASN A 129 43.12 48.09 -12.09
C ASN A 129 44.26 48.60 -11.21
N ASP A 130 44.15 48.51 -9.87
CA ASP A 130 45.30 48.99 -9.09
C ASP A 130 46.46 48.00 -9.07
N GLN A 131 46.19 46.72 -9.35
CA GLN A 131 47.21 45.69 -9.50
C GLN A 131 46.59 44.52 -10.26
N GLY A 132 47.41 43.82 -11.03
CA GLY A 132 46.87 42.77 -11.87
C GLY A 132 46.52 41.53 -11.07
N PHE A 133 46.15 40.49 -11.81
CA PHE A 133 45.99 39.17 -11.22
C PHE A 133 47.31 38.45 -11.00
N ALA A 134 48.44 39.08 -11.31
CA ALA A 134 49.73 38.41 -11.43
C ALA A 134 50.24 37.81 -10.13
N GLU A 135 49.78 38.30 -8.98
CA GLU A 135 50.18 37.72 -7.71
C GLU A 135 49.49 36.39 -7.48
N LEU A 136 48.15 36.40 -7.51
CA LEU A 136 47.37 35.17 -7.39
C LEU A 136 47.70 34.21 -8.52
N ALA A 137 47.85 34.72 -9.75
CA ALA A 137 48.17 33.87 -10.88
C ALA A 137 49.59 33.32 -10.78
N ARG A 138 50.50 34.06 -10.15
CA ARG A 138 51.84 33.54 -9.89
C ARG A 138 51.79 32.37 -8.93
N ARG A 139 50.92 32.47 -7.92
CA ARG A 139 50.80 31.37 -6.96
C ARG A 139 50.08 30.16 -7.57
N TYR A 140 49.10 30.39 -8.45
CA TYR A 140 48.48 29.28 -9.16
C TYR A 140 49.46 28.60 -10.13
N ALA A 141 50.30 29.40 -10.81
CA ALA A 141 51.30 28.82 -11.69
C ALA A 141 52.38 28.09 -10.92
N HIS A 142 52.64 28.50 -9.67
CA HIS A 142 53.52 27.71 -8.82
C HIS A 142 52.90 26.38 -8.41
N ASN A 143 51.60 26.38 -8.10
CA ASN A 143 50.96 25.09 -7.78
C ASN A 143 50.86 24.18 -8.99
N LEU A 144 50.81 24.75 -10.19
CA LEU A 144 50.97 23.92 -11.39
C LEU A 144 52.41 23.51 -11.62
N ALA A 145 53.36 24.33 -11.14
CA ALA A 145 54.76 24.14 -11.48
C ALA A 145 55.34 22.91 -10.79
N ASN A 146 55.07 22.78 -9.49
CA ASN A 146 55.36 21.55 -8.78
C ASN A 146 54.24 20.53 -9.05
N ALA A 147 54.16 19.51 -8.23
CA ALA A 147 53.19 18.45 -8.52
C ALA A 147 52.26 18.22 -7.34
N ARG A 148 51.65 19.29 -6.81
CA ARG A 148 50.81 19.14 -5.63
C ARG A 148 49.49 18.42 -5.94
N PHE A 149 49.11 18.34 -7.22
CA PHE A 149 47.97 17.52 -7.58
C PHE A 149 48.28 16.03 -7.51
N LEU A 150 49.55 15.66 -7.43
CA LEU A 150 49.92 14.38 -6.86
C LEU A 150 49.93 14.53 -5.36
N TRP A 151 49.15 13.69 -4.67
CA TRP A 151 48.91 13.88 -3.24
C TRP A 151 49.78 12.99 -2.37
N ARG A 152 49.66 11.68 -2.54
CA ARG A 152 50.50 10.75 -1.82
C ARG A 152 51.25 9.84 -2.77
N ASN A 153 51.17 10.11 -4.07
CA ASN A 153 52.04 9.50 -5.07
C ASN A 153 53.27 10.37 -5.36
N ARG A 154 53.49 11.40 -4.55
CA ARG A 154 54.69 12.22 -4.60
C ARG A 154 55.67 11.89 -3.50
N VAL A 155 55.18 11.43 -2.34
CA VAL A 155 55.97 11.26 -1.13
C VAL A 155 56.98 10.15 -1.34
N GLY A 156 58.26 10.51 -1.42
CA GLY A 156 59.30 9.56 -1.70
C GLY A 156 59.37 9.18 -3.17
N ALA A 157 59.48 10.17 -4.03
CA ALA A 157 59.64 9.95 -5.46
C ALA A 157 61.05 10.33 -5.89
N GLU A 158 61.57 9.59 -6.87
CA GLU A 158 62.95 9.81 -7.30
C GLU A 158 63.06 10.95 -8.30
N ALA A 159 62.10 11.06 -9.22
CA ALA A 159 62.07 12.16 -10.17
C ALA A 159 60.64 12.37 -10.62
N VAL A 160 60.17 13.61 -10.54
CA VAL A 160 58.84 13.99 -11.00
C VAL A 160 58.95 15.24 -11.85
N GLU A 161 58.47 15.16 -13.09
CA GLU A 161 58.53 16.24 -14.05
C GLU A 161 57.13 16.62 -14.48
N VAL A 162 56.81 17.90 -14.40
CA VAL A 162 55.47 18.39 -14.73
C VAL A 162 55.55 19.10 -16.08
N ARG A 163 55.01 18.46 -17.10
CA ARG A 163 54.96 19.04 -18.44
C ARG A 163 53.63 19.74 -18.65
N ILE A 164 53.68 20.93 -19.25
CA ILE A 164 52.51 21.75 -19.52
C ILE A 164 52.59 22.23 -20.97
N ASN A 165 51.52 22.02 -21.72
CA ASN A 165 51.42 22.50 -23.09
C ASN A 165 50.29 23.52 -23.18
N HIS A 166 50.42 24.45 -24.12
CA HIS A 166 49.39 25.44 -24.38
C HIS A 166 48.63 25.05 -25.63
N ILE A 167 47.31 25.06 -25.55
CA ILE A 167 46.44 24.54 -26.59
C ILE A 167 45.54 25.68 -27.05
N ARG A 168 45.73 26.11 -28.30
CA ARG A 168 44.83 27.08 -28.92
C ARG A 168 43.98 26.44 -30.01
N GLN A 169 44.57 25.57 -30.81
CA GLN A 169 43.87 24.59 -31.62
C GLN A 169 44.49 23.23 -31.30
N GLY A 170 44.19 22.22 -32.11
CA GLY A 170 44.79 20.91 -31.88
C GLY A 170 46.28 20.82 -32.22
N GLU A 171 47.08 21.64 -31.55
CA GLU A 171 48.51 21.77 -31.79
C GLU A 171 49.09 22.57 -30.63
N VAL A 172 50.29 22.17 -30.19
CA VAL A 172 50.91 22.79 -29.02
C VAL A 172 51.48 24.15 -29.43
N ALA A 173 50.95 25.21 -28.83
CA ALA A 173 51.43 26.56 -29.14
C ALA A 173 52.63 26.97 -28.30
N ARG A 174 52.83 26.36 -27.14
CA ARG A 174 53.96 26.65 -26.27
C ARG A 174 54.12 25.51 -25.29
N ALA A 175 55.34 24.96 -25.17
CA ALA A 175 55.59 23.80 -24.33
C ALA A 175 56.51 24.18 -23.18
N TRP A 176 56.07 23.88 -21.96
CA TRP A 176 56.87 24.07 -20.75
C TRP A 176 57.25 22.72 -20.15
N ARG A 177 58.44 22.68 -19.54
CA ARG A 177 58.90 21.52 -18.79
C ARG A 177 59.50 21.98 -17.47
N PHE A 178 59.23 21.21 -16.42
CA PHE A 178 59.60 21.61 -15.06
C PHE A 178 60.37 20.52 -14.34
N ASP A 179 60.54 20.68 -13.04
CA ASP A 179 61.08 19.64 -12.18
C ASP A 179 60.47 19.88 -10.81
N ALA A 180 59.55 19.01 -10.40
CA ALA A 180 58.70 19.31 -9.25
C ALA A 180 59.42 19.14 -7.91
N LEU A 181 60.55 18.42 -7.88
CA LEU A 181 61.30 18.34 -6.63
C LEU A 181 62.23 19.52 -6.44
N ALA A 182 62.64 20.18 -7.53
CA ALA A 182 63.46 21.38 -7.39
C ALA A 182 62.61 22.55 -6.88
N ILE A 183 61.44 22.75 -7.47
CA ILE A 183 60.53 23.79 -7.02
C ILE A 183 59.90 23.36 -5.71
N GLY A 184 59.93 24.25 -4.72
CA GLY A 184 59.53 23.89 -3.38
C GLY A 184 58.03 23.71 -3.20
N LEU A 185 57.65 23.44 -1.96
CA LEU A 185 56.25 23.26 -1.58
C LEU A 185 55.81 24.20 -0.47
N ARG A 186 56.73 24.73 0.33
CA ARG A 186 56.36 25.64 1.42
C ARG A 186 56.73 27.08 1.12
N ASP A 187 57.50 27.34 0.08
CA ASP A 187 57.92 28.69 -0.29
C ASP A 187 57.60 28.92 -1.77
N PHE A 188 57.60 30.19 -2.16
CA PHE A 188 57.30 30.61 -3.53
C PHE A 188 58.46 31.41 -4.09
N LYS A 189 58.93 31.03 -5.27
CA LYS A 189 60.18 31.54 -5.84
C LYS A 189 59.91 32.13 -7.22
N ALA A 190 60.98 32.41 -7.95
CA ALA A 190 60.89 33.04 -9.26
C ALA A 190 61.68 32.24 -10.30
N ASP A 191 61.31 32.44 -11.56
CA ASP A 191 61.96 31.80 -12.70
C ASP A 191 61.67 32.66 -13.92
N ALA A 192 61.89 32.12 -15.11
CA ALA A 192 61.45 32.74 -16.36
C ALA A 192 60.26 32.04 -16.98
N GLU A 193 60.30 30.71 -17.07
CA GLU A 193 59.17 29.95 -17.59
C GLU A 193 57.99 29.95 -16.62
N LEU A 194 58.24 30.00 -15.31
CA LEU A 194 57.14 30.15 -14.36
C LEU A 194 56.50 31.51 -14.47
N ASP A 195 57.28 32.57 -14.74
CA ASP A 195 56.67 33.88 -14.93
C ASP A 195 55.93 33.97 -16.26
N ALA A 196 56.37 33.24 -17.28
CA ALA A 196 55.62 33.18 -18.53
C ALA A 196 54.28 32.47 -18.34
N LEU A 197 54.29 31.35 -17.60
CA LEU A 197 53.06 30.63 -17.31
C LEU A 197 52.13 31.47 -16.44
N ALA A 198 52.69 32.21 -15.49
CA ALA A 198 51.87 33.08 -14.64
C ALA A 198 51.28 34.24 -15.42
N GLU A 199 52.02 34.77 -16.40
CA GLU A 199 51.47 35.80 -17.27
C GLU A 199 50.33 35.25 -18.13
N LEU A 200 50.46 34.00 -18.57
CA LEU A 200 49.38 33.36 -19.33
C LEU A 200 48.13 33.16 -18.48
N ILE A 201 48.30 32.70 -17.24
CA ILE A 201 47.17 32.51 -16.33
C ILE A 201 46.53 33.85 -15.98
N ALA A 202 47.34 34.89 -15.81
CA ALA A 202 46.79 36.20 -15.49
C ALA A 202 46.07 36.82 -16.68
N SER A 203 46.49 36.51 -17.90
CA SER A 203 45.72 36.96 -19.06
C SER A 203 44.43 36.18 -19.20
N GLY A 204 44.44 34.90 -18.78
CA GLY A 204 43.22 34.12 -18.82
C GLY A 204 42.19 34.55 -17.78
N LEU A 205 42.66 34.96 -16.59
CA LEU A 205 41.73 35.30 -15.52
C LEU A 205 41.08 36.65 -15.72
N SER A 206 41.67 37.51 -16.55
CA SER A 206 41.13 38.86 -16.73
C SER A 206 40.18 38.96 -17.90
N GLY A 207 40.14 37.96 -18.77
CA GLY A 207 39.31 38.00 -19.95
C GLY A 207 40.00 38.47 -21.21
N SER A 208 41.32 38.48 -21.24
CA SER A 208 42.07 38.94 -22.39
C SER A 208 42.25 37.87 -23.47
N GLY A 209 41.81 36.64 -23.20
CA GLY A 209 41.98 35.58 -24.17
C GLY A 209 41.45 34.26 -23.61
N HIS A 210 41.66 33.20 -24.39
CA HIS A 210 41.21 31.87 -24.02
C HIS A 210 42.42 30.98 -23.81
N VAL A 211 42.51 30.37 -22.63
CA VAL A 211 43.67 29.58 -22.23
C VAL A 211 43.19 28.17 -21.94
N LEU A 212 43.76 27.20 -22.63
CA LEU A 212 43.53 25.79 -22.38
C LEU A 212 44.87 25.11 -22.24
N LEU A 213 45.14 24.57 -21.05
CA LEU A 213 46.42 23.95 -20.75
C LEU A 213 46.20 22.47 -20.42
N GLU A 214 47.06 21.62 -20.95
CA GLU A 214 47.07 20.22 -20.55
C GLU A 214 48.32 19.96 -19.71
N VAL A 215 48.17 19.16 -18.66
CA VAL A 215 49.19 18.99 -17.64
C VAL A 215 49.51 17.50 -17.52
N VAL A 216 50.80 17.17 -17.58
CA VAL A 216 51.27 15.79 -17.47
C VAL A 216 52.34 15.77 -16.38
N ALA A 217 52.22 14.84 -15.43
CA ALA A 217 53.18 14.69 -14.34
C ALA A 217 53.72 13.26 -14.31
N PHE A 218 54.89 13.06 -14.90
CA PHE A 218 55.58 11.78 -14.78
C PHE A 218 56.13 11.64 -13.37
N ALA A 219 56.40 10.40 -12.97
CA ALA A 219 56.87 10.15 -11.60
C ALA A 219 57.76 8.92 -11.58
N ARG A 220 58.29 8.63 -10.39
CA ARG A 220 59.13 7.47 -10.13
C ARG A 220 58.75 6.89 -8.78
N ILE A 221 58.28 5.65 -8.77
CA ILE A 221 57.89 4.97 -7.55
C ILE A 221 58.62 3.64 -7.39
N GLY A 222 58.53 2.78 -8.38
CA GLY A 222 59.22 1.50 -8.32
C GLY A 222 58.57 0.47 -9.21
N ASP A 223 59.26 -0.65 -9.38
CA ASP A 223 58.85 -1.71 -10.29
C ASP A 223 57.72 -2.56 -9.73
N GLY A 224 56.49 -2.01 -9.74
CA GLY A 224 55.35 -2.75 -9.26
C GLY A 224 54.87 -2.36 -7.87
N GLN A 225 55.04 -1.10 -7.49
CA GLN A 225 54.59 -0.63 -6.18
C GLN A 225 53.13 -0.22 -6.22
N GLU A 226 52.69 0.52 -5.21
CA GLU A 226 51.29 0.86 -5.02
C GLU A 226 51.07 2.34 -5.25
N VAL A 227 50.02 2.67 -6.00
CA VAL A 227 49.60 4.05 -6.24
C VAL A 227 48.27 4.31 -5.53
N PHE A 228 48.07 5.57 -5.17
CA PHE A 228 46.87 5.97 -4.44
C PHE A 228 45.93 6.73 -5.36
N PRO A 229 44.80 6.14 -5.76
CA PRO A 229 43.71 6.96 -6.31
C PRO A 229 42.85 7.54 -5.21
N SER A 230 41.76 8.20 -5.59
CA SER A 230 40.83 8.75 -4.63
C SER A 230 39.75 7.73 -4.33
N GLN A 231 39.37 7.61 -3.06
CA GLN A 231 38.41 6.61 -2.64
C GLN A 231 36.98 7.13 -2.77
N GLU A 232 36.09 6.23 -3.19
CA GLU A 232 34.66 6.48 -3.25
C GLU A 232 33.97 5.95 -2.00
N LEU A 233 32.71 6.34 -1.83
CA LEU A 233 31.88 5.84 -0.74
C LEU A 233 31.51 4.38 -0.96
N LYS A 246 36.91 -0.99 0.47
CA LYS A 246 36.70 0.34 -0.06
C LYS A 246 36.73 0.31 -1.58
N THR A 247 36.26 1.39 -2.21
CA THR A 247 36.14 1.47 -3.66
C THR A 247 37.00 2.62 -4.16
N LEU A 248 37.81 2.34 -5.19
CA LEU A 248 38.68 3.34 -5.79
C LEU A 248 37.98 3.96 -6.99
N TYR A 249 38.16 5.26 -7.16
CA TYR A 249 37.47 5.98 -8.22
C TYR A 249 38.00 5.57 -9.58
N SER A 250 37.09 5.37 -10.53
CA SER A 250 37.47 4.89 -11.84
C SER A 250 36.59 5.50 -12.92
N VAL A 251 37.03 5.30 -14.15
CA VAL A 251 36.35 5.62 -15.41
C VAL A 251 36.38 4.33 -16.20
N ARG A 252 36.18 4.40 -17.53
CA ARG A 252 36.10 3.21 -18.36
C ARG A 252 37.46 2.50 -18.38
N ASP A 253 37.64 1.66 -17.35
CA ASP A 253 38.83 0.84 -17.11
C ASP A 253 40.10 1.69 -16.99
N ALA A 254 40.08 2.58 -16.01
CA ALA A 254 41.26 3.38 -15.62
C ALA A 254 41.01 3.97 -14.25
N ALA A 255 41.97 3.80 -13.34
CA ALA A 255 41.91 4.49 -12.06
C ALA A 255 42.10 5.98 -12.27
N ALA A 256 41.52 6.78 -11.37
CA ALA A 256 41.51 8.21 -11.60
C ALA A 256 41.38 8.95 -10.27
N ILE A 257 41.47 10.28 -10.35
CA ILE A 257 41.39 11.19 -9.21
C ILE A 257 40.26 12.17 -9.49
N HIS A 258 39.50 12.52 -8.46
CA HIS A 258 38.39 13.47 -8.62
C HIS A 258 38.92 14.86 -8.99
N SER A 259 38.11 15.59 -9.76
CA SER A 259 38.53 16.90 -10.24
C SER A 259 38.46 17.94 -9.13
N GLN A 260 37.60 17.76 -8.14
CA GLN A 260 37.62 18.68 -7.01
C GLN A 260 38.84 18.47 -6.12
N LYS A 261 39.48 17.31 -6.19
CA LYS A 261 40.72 17.09 -5.47
C LYS A 261 41.88 17.85 -6.11
N ILE A 262 41.96 17.82 -7.44
CA ILE A 262 42.96 18.64 -8.15
C ILE A 262 42.64 20.12 -7.99
N GLY A 263 41.36 20.48 -7.92
CA GLY A 263 41.00 21.85 -7.65
C GLY A 263 41.36 22.31 -6.26
N ASN A 264 41.29 21.40 -5.28
CA ASN A 264 41.78 21.71 -3.94
C ASN A 264 43.30 21.86 -3.94
N ALA A 265 43.99 21.04 -4.72
CA ALA A 265 45.43 21.16 -4.85
C ALA A 265 45.86 22.36 -5.68
N LEU A 266 44.93 23.06 -6.34
CA LEU A 266 45.29 24.30 -7.03
C LEU A 266 44.99 25.56 -6.23
N ARG A 267 43.96 25.57 -5.39
CA ARG A 267 43.65 26.74 -4.57
C ARG A 267 44.36 26.67 -3.21
N THR A 268 45.47 25.95 -3.13
CA THR A 268 46.32 25.89 -1.94
C THR A 268 47.33 27.01 -2.05
N ILE A 269 46.95 28.20 -1.58
CA ILE A 269 47.73 29.40 -1.84
C ILE A 269 48.07 30.17 -0.58
N ASP A 270 47.08 30.49 0.27
CA ASP A 270 47.20 31.62 1.18
C ASP A 270 48.21 31.36 2.29
N THR A 271 49.27 32.15 2.30
CA THR A 271 50.25 32.15 3.36
C THR A 271 49.98 33.23 4.39
N TRP A 272 48.93 34.02 4.19
CA TRP A 272 48.64 35.12 5.09
C TRP A 272 47.57 34.79 6.10
N TYR A 273 47.44 33.52 6.46
CA TYR A 273 47.00 33.19 7.79
C TYR A 273 48.22 33.35 8.70
N PRO A 274 48.28 34.38 9.53
CA PRO A 274 49.59 34.81 10.07
C PRO A 274 50.06 34.05 11.30
N ASP A 275 49.49 32.88 11.57
CA ASP A 275 49.79 32.19 12.82
C ASP A 275 51.10 31.43 12.75
N GLU A 276 51.32 30.66 11.69
CA GLU A 276 52.48 29.80 11.60
C GLU A 276 52.81 29.50 10.15
N ASP A 277 54.09 29.59 9.78
CA ASP A 277 54.56 29.26 8.45
C ASP A 277 55.21 27.86 8.42
N GLY A 278 55.11 27.12 9.52
CA GLY A 278 55.57 25.75 9.49
C GLY A 278 54.67 24.84 8.69
N LEU A 279 53.38 25.20 8.60
CA LEU A 279 52.46 24.43 7.78
C LEU A 279 52.51 24.87 6.32
N GLY A 280 53.22 25.96 6.04
CA GLY A 280 53.24 26.53 4.72
C GLY A 280 51.90 27.15 4.37
N PRO A 281 51.46 26.97 3.12
CA PRO A 281 50.15 27.48 2.73
C PRO A 281 49.07 26.43 2.88
N ILE A 282 47.82 26.90 2.98
CA ILE A 282 46.67 26.01 3.06
C ILE A 282 45.69 26.33 1.93
N ALA A 283 44.56 25.64 1.91
CA ALA A 283 43.56 25.82 0.87
C ALA A 283 42.77 27.10 1.11
N VAL A 284 42.52 27.83 0.03
CA VAL A 284 41.73 29.05 0.10
C VAL A 284 40.25 28.67 0.17
N GLU A 285 39.62 28.96 1.31
CA GLU A 285 38.20 28.74 1.53
C GLU A 285 37.78 29.53 2.75
N PRO A 286 36.54 30.02 2.82
CA PRO A 286 36.14 30.85 3.96
C PRO A 286 36.04 30.02 5.24
N TYR A 287 36.34 30.67 6.37
CA TYR A 287 36.65 30.02 7.64
C TYR A 287 37.76 28.99 7.43
N GLY A 288 38.95 29.48 7.05
CA GLY A 288 40.00 28.66 6.46
C GLY A 288 40.48 27.49 7.28
N SER A 289 40.03 26.30 6.92
CA SER A 289 40.06 25.15 7.82
C SER A 289 40.59 23.92 7.13
N VAL A 290 41.23 23.06 7.91
CA VAL A 290 41.74 21.78 7.46
C VAL A 290 41.02 20.69 8.25
N THR A 291 40.43 19.74 7.54
CA THR A 291 39.70 18.65 8.19
C THR A 291 40.64 17.56 8.70
N SER A 292 41.78 17.36 8.03
CA SER A 292 42.75 16.38 8.49
C SER A 292 43.48 16.87 9.74
N GLN A 293 43.82 18.17 9.77
CA GLN A 293 44.32 18.79 10.98
C GLN A 293 43.23 18.84 12.05
N GLY A 294 41.98 19.00 11.64
CA GLY A 294 40.87 19.08 12.57
C GLY A 294 40.64 20.44 13.18
N LYS A 295 41.63 21.31 13.17
CA LYS A 295 41.51 22.66 13.70
C LYS A 295 41.06 23.59 12.59
N ALA A 296 40.91 24.87 12.94
CA ALA A 296 40.41 25.86 11.98
C ALA A 296 40.92 27.23 12.41
N TYR A 297 41.87 27.77 11.65
CA TYR A 297 42.31 29.14 11.84
C TYR A 297 41.43 30.02 10.94
N ARG A 298 41.65 31.34 11.00
CA ARG A 298 40.89 32.36 10.26
C ARG A 298 39.40 32.27 10.61
N GLN A 299 39.14 32.50 11.87
CA GLN A 299 37.84 32.40 12.49
C GLN A 299 37.15 33.75 12.51
N PRO A 300 35.82 33.81 12.70
CA PRO A 300 35.17 35.12 12.88
C PRO A 300 35.38 35.71 14.27
N LYS A 301 36.17 35.03 15.10
CA LYS A 301 36.63 35.60 16.36
C LYS A 301 37.48 36.85 16.10
N GLN A 302 38.58 36.67 15.38
CA GLN A 302 39.29 37.80 14.80
C GLN A 302 38.64 38.16 13.47
N LYS A 303 39.23 39.12 12.75
CA LYS A 303 38.54 39.65 11.58
C LYS A 303 39.30 39.32 10.31
N LEU A 304 39.76 38.08 10.18
CA LEU A 304 40.40 37.59 8.97
C LEU A 304 39.43 36.86 8.06
N ASP A 305 38.16 36.78 8.44
CA ASP A 305 37.12 36.04 7.73
C ASP A 305 36.91 36.60 6.32
N PHE A 306 36.52 35.72 5.41
CA PHE A 306 36.10 36.16 4.08
C PHE A 306 34.83 37.00 4.14
N TYR A 307 33.88 36.60 4.98
CA TYR A 307 32.59 37.28 5.07
C TYR A 307 32.74 38.68 5.67
N THR A 308 33.55 38.79 6.73
CA THR A 308 33.74 40.08 7.39
C THR A 308 34.52 41.05 6.52
N LEU A 309 35.60 40.57 5.89
CA LEU A 309 36.38 41.41 4.99
C LEU A 309 35.57 41.81 3.77
N LEU A 310 34.75 40.90 3.24
CA LEU A 310 33.91 41.21 2.09
C LEU A 310 32.85 42.24 2.46
N ASP A 311 32.26 42.13 3.65
CA ASP A 311 31.28 43.11 4.11
C ASP A 311 31.92 44.48 4.31
N ASN A 312 33.12 44.51 4.87
CA ASN A 312 33.74 45.80 5.12
C ASN A 312 34.27 46.45 3.84
N TRP A 313 34.72 45.66 2.88
CA TRP A 313 35.31 46.23 1.68
C TRP A 313 34.30 46.46 0.56
N VAL A 314 33.13 45.82 0.61
CA VAL A 314 32.09 46.11 -0.36
C VAL A 314 31.12 47.15 0.18
N LEU A 315 30.55 46.87 1.35
CA LEU A 315 29.51 47.76 1.88
C LEU A 315 30.09 49.03 2.48
N ARG A 316 30.88 48.90 3.54
CA ARG A 316 31.32 50.03 4.33
C ARG A 316 32.59 50.68 3.79
N ASP A 317 33.09 50.22 2.65
CA ASP A 317 34.27 50.76 1.95
C ASP A 317 35.53 50.72 2.81
N GLU A 318 35.60 49.82 3.78
CA GLU A 318 36.80 49.66 4.61
C GLU A 318 37.78 48.83 3.81
N ALA A 319 38.72 49.49 3.16
CA ALA A 319 39.73 48.82 2.35
C ALA A 319 40.70 48.08 3.25
N PRO A 320 40.82 46.76 3.15
CA PRO A 320 41.74 46.03 4.02
C PRO A 320 43.16 46.06 3.50
N ALA A 321 44.05 45.33 4.15
CA ALA A 321 45.40 45.14 3.66
C ALA A 321 45.38 44.38 2.33
N VAL A 322 46.47 44.52 1.57
CA VAL A 322 46.55 43.98 0.22
C VAL A 322 46.52 42.46 0.23
N GLU A 323 47.08 41.83 1.27
CA GLU A 323 47.11 40.38 1.32
C GLU A 323 45.73 39.81 1.62
N GLN A 324 44.97 40.49 2.48
CA GLN A 324 43.61 40.04 2.77
C GLN A 324 42.71 40.18 1.55
N GLN A 325 42.92 41.20 0.72
CA GLN A 325 42.11 41.30 -0.49
C GLN A 325 42.59 40.33 -1.56
N HIS A 326 43.86 39.92 -1.55
CA HIS A 326 44.27 38.76 -2.36
C HIS A 326 43.49 37.52 -1.97
N TYR A 327 43.33 37.30 -0.66
CA TYR A 327 42.53 36.16 -0.18
C TYR A 327 41.07 36.27 -0.61
N VAL A 328 40.50 37.48 -0.55
CA VAL A 328 39.10 37.68 -0.93
C VAL A 328 38.87 37.43 -2.42
N ILE A 329 39.78 37.92 -3.27
CA ILE A 329 39.65 37.68 -4.70
C ILE A 329 39.93 36.22 -5.03
N ALA A 330 40.76 35.54 -4.23
CA ALA A 330 40.95 34.10 -4.43
C ALA A 330 39.68 33.32 -4.08
N ASN A 331 38.96 33.75 -3.05
CA ASN A 331 37.67 33.11 -2.77
C ASN A 331 36.64 33.42 -3.84
N LEU A 332 36.69 34.61 -4.45
CA LEU A 332 35.76 34.89 -5.54
C LEU A 332 36.09 34.09 -6.79
N ILE A 333 37.37 33.81 -7.02
CA ILE A 333 37.75 32.92 -8.12
C ILE A 333 37.32 31.49 -7.81
N ARG A 334 37.34 31.10 -6.53
CA ARG A 334 36.84 29.78 -6.15
C ARG A 334 35.34 29.63 -6.39
N GLY A 335 34.55 30.64 -6.10
CA GLY A 335 33.12 30.54 -6.26
C GLY A 335 32.45 30.01 -5.01
N GLY A 336 31.14 29.80 -5.12
CA GLY A 336 30.38 29.22 -4.04
C GLY A 336 29.08 29.96 -3.81
N VAL A 337 28.37 29.52 -2.78
CA VAL A 337 27.05 30.01 -2.44
C VAL A 337 27.22 31.03 -1.32
N PHE A 338 26.97 32.29 -1.61
CA PHE A 338 27.17 33.35 -0.63
C PHE A 338 25.81 33.96 -0.28
N GLY A 339 25.83 34.99 0.56
CA GLY A 339 24.62 35.69 0.92
C GLY A 339 23.80 34.96 1.96
N GLU A 340 22.99 35.75 2.67
CA GLU A 340 22.21 35.26 3.81
C GLU A 340 21.02 34.39 3.43
N LEU B 8 -18.09 44.82 -23.94
CA LEU B 8 -17.25 43.65 -24.18
C LEU B 8 -16.26 43.47 -23.03
N SER B 9 -16.13 42.24 -22.54
CA SER B 9 -15.25 41.95 -21.41
C SER B 9 -14.44 40.71 -21.72
N THR B 10 -13.36 40.52 -20.96
CA THR B 10 -12.44 39.42 -21.20
C THR B 10 -13.07 38.08 -20.83
N ALA B 11 -12.68 37.05 -21.57
CA ALA B 11 -13.14 35.70 -21.29
C ALA B 11 -12.51 35.20 -19.99
N SER B 12 -13.32 34.50 -19.18
CA SER B 12 -12.80 33.94 -17.95
C SER B 12 -11.90 32.74 -18.19
N VAL B 13 -11.98 32.13 -19.37
CA VAL B 13 -11.07 31.06 -19.77
C VAL B 13 -10.46 31.47 -21.11
N LEU B 14 -9.13 31.64 -21.11
CA LEU B 14 -8.35 31.78 -22.32
C LEU B 14 -7.16 30.84 -22.25
N ALA B 15 -6.84 30.23 -23.38
CA ALA B 15 -5.72 29.32 -23.44
C ALA B 15 -5.17 29.32 -24.85
N PHE B 16 -3.86 29.37 -24.96
CA PHE B 16 -3.18 29.41 -26.24
C PHE B 16 -2.15 28.29 -26.27
N GLU B 17 -2.23 27.45 -27.29
CA GLU B 17 -1.19 26.45 -27.50
C GLU B 17 0.10 27.15 -27.89
N ARG B 18 1.21 26.52 -27.53
CA ARG B 18 2.50 27.12 -27.85
C ARG B 18 2.83 26.84 -29.32
N LYS B 19 3.46 27.81 -29.94
CA LYS B 19 4.15 27.62 -31.20
C LYS B 19 5.64 27.63 -30.88
N LEU B 20 6.44 27.27 -31.88
CA LEU B 20 7.91 27.14 -31.76
C LEU B 20 8.28 26.17 -30.66
N ASP B 21 7.85 24.91 -30.85
CA ASP B 21 8.05 23.90 -29.83
C ASP B 21 9.26 23.03 -30.14
N PRO B 22 10.29 23.04 -29.29
CA PRO B 22 11.47 22.21 -29.54
C PRO B 22 11.36 20.85 -28.88
N SER B 23 12.30 19.98 -29.25
CA SER B 23 12.45 18.70 -28.59
C SER B 23 13.54 18.84 -27.53
N ASP B 24 13.75 17.76 -26.77
CA ASP B 24 14.84 17.74 -25.80
C ASP B 24 16.17 17.62 -26.52
N ALA B 25 17.20 18.26 -25.96
CA ALA B 25 18.53 18.23 -26.54
C ALA B 25 19.22 16.93 -26.17
N LEU B 26 20.08 16.45 -27.06
CA LEU B 26 20.87 15.26 -26.81
C LEU B 26 22.34 15.59 -27.00
N MET B 27 23.14 15.31 -25.98
CA MET B 27 24.55 15.64 -26.01
C MET B 27 25.39 14.43 -26.36
N SER B 28 26.28 14.59 -27.33
CA SER B 28 27.22 13.55 -27.72
C SER B 28 28.56 14.21 -27.97
N ALA B 29 29.64 13.53 -27.61
CA ALA B 29 30.97 14.12 -27.67
C ALA B 29 31.79 13.50 -28.78
N GLY B 30 32.78 14.25 -29.23
CA GLY B 30 33.65 13.83 -30.30
C GLY B 30 34.77 14.81 -30.48
N ALA B 31 35.43 14.71 -31.63
CA ALA B 31 36.56 15.57 -31.95
C ALA B 31 36.14 16.63 -32.96
N TRP B 32 36.73 17.83 -32.84
CA TRP B 32 36.55 18.87 -33.83
C TRP B 32 37.22 18.44 -35.14
N ALA B 33 36.70 18.95 -36.25
CA ALA B 33 36.94 18.54 -37.64
C ALA B 33 36.48 17.12 -37.93
N GLN B 34 35.74 16.49 -37.02
CA GLN B 34 34.83 15.39 -37.33
C GLN B 34 33.38 15.87 -37.27
N ARG B 35 33.18 17.16 -37.52
CA ARG B 35 31.85 17.76 -37.46
C ARG B 35 30.96 17.29 -38.60
N ASP B 36 31.53 17.11 -39.78
CA ASP B 36 30.76 16.80 -40.98
C ASP B 36 30.50 15.31 -41.13
N ALA B 37 30.90 14.51 -40.15
CA ALA B 37 30.65 13.06 -40.15
C ALA B 37 30.23 12.63 -38.76
N SER B 38 29.44 13.45 -38.08
CA SER B 38 29.09 13.23 -36.67
C SER B 38 27.74 12.54 -36.52
N GLN B 39 27.52 11.45 -37.25
CA GLN B 39 26.30 10.67 -37.12
C GLN B 39 26.50 9.41 -36.29
N GLU B 40 27.68 9.25 -35.69
CA GLU B 40 28.01 8.03 -34.94
C GLU B 40 28.69 8.33 -33.62
N TRP B 41 28.68 9.59 -33.17
CA TRP B 41 29.38 9.95 -31.94
C TRP B 41 28.68 9.36 -30.73
N PRO B 42 29.43 8.86 -29.75
CA PRO B 42 28.81 8.32 -28.54
C PRO B 42 28.24 9.42 -27.67
N ALA B 43 27.17 9.09 -26.96
CA ALA B 43 26.46 10.05 -26.15
C ALA B 43 27.21 10.30 -24.85
N VAL B 44 27.18 11.55 -24.39
CA VAL B 44 27.76 11.92 -23.11
C VAL B 44 26.92 11.27 -22.01
N THR B 45 27.49 10.29 -21.32
CA THR B 45 26.76 9.53 -20.32
C THR B 45 26.93 10.18 -18.94
N VAL B 46 25.85 10.18 -18.18
CA VAL B 46 25.88 10.66 -16.81
C VAL B 46 26.57 9.61 -15.95
N ARG B 47 27.52 10.04 -15.14
CA ARG B 47 28.24 9.17 -14.22
C ARG B 47 27.96 9.60 -12.79
N GLU B 48 28.68 9.00 -11.85
CA GLU B 48 28.39 9.20 -10.44
C GLU B 48 29.67 9.10 -9.65
N LYS B 49 29.99 10.14 -8.88
CA LYS B 49 31.21 10.17 -8.11
C LYS B 49 30.91 10.65 -6.71
N SER B 50 31.89 10.44 -5.83
CA SER B 50 31.79 10.81 -4.42
C SER B 50 32.37 12.20 -4.21
N VAL B 51 31.70 12.99 -3.38
CA VAL B 51 32.11 14.36 -3.11
C VAL B 51 32.08 14.59 -1.61
N ARG B 52 33.22 14.96 -1.06
CA ARG B 52 33.33 15.43 0.32
C ARG B 52 33.88 16.85 0.31
N GLY B 53 33.24 17.74 1.06
CA GLY B 53 33.72 19.10 1.15
C GLY B 53 33.38 19.74 2.47
N THR B 54 34.00 20.87 2.78
CA THR B 54 33.84 21.53 4.06
C THR B 54 32.58 22.39 4.07
N ILE B 55 32.12 22.71 5.27
CA ILE B 55 30.99 23.62 5.46
C ILE B 55 31.55 25.04 5.42
N SER B 56 31.12 25.82 4.42
CA SER B 56 31.53 27.21 4.30
C SER B 56 30.33 28.14 4.14
N ASN B 57 29.12 27.66 4.44
CA ASN B 57 27.94 28.48 4.27
C ASN B 57 27.85 29.51 5.38
N ARG B 58 27.23 30.66 5.06
CA ARG B 58 27.18 31.79 5.97
C ARG B 58 26.25 31.49 7.13
N LEU B 59 26.82 31.01 8.23
CA LEU B 59 26.03 30.71 9.41
C LEU B 59 25.61 31.98 10.13
N LYS B 60 24.47 31.89 10.81
CA LYS B 60 24.02 32.99 11.66
C LYS B 60 24.89 33.05 12.91
N THR B 61 25.07 34.26 13.43
CA THR B 61 25.93 34.50 14.57
C THR B 61 25.22 34.10 15.87
N LYS B 62 25.81 34.52 17.00
CA LYS B 62 25.41 34.10 18.36
C LYS B 62 25.41 32.58 18.51
N ASP B 63 26.44 31.95 17.96
CA ASP B 63 26.63 30.50 18.03
C ASP B 63 28.06 30.26 18.49
N ARG B 64 28.23 29.80 19.73
CA ARG B 64 29.53 29.56 20.31
C ARG B 64 29.56 28.17 20.96
N ASP B 65 29.13 27.18 20.20
CA ASP B 65 29.25 25.80 20.60
C ASP B 65 30.60 25.27 20.15
N PRO B 66 31.50 24.91 21.06
CA PRO B 66 32.82 24.42 20.64
C PRO B 66 32.77 23.06 19.97
N ALA B 67 31.84 22.19 20.38
CA ALA B 67 31.64 20.92 19.69
C ALA B 67 31.11 21.13 18.28
N LYS B 68 30.19 22.09 18.09
CA LYS B 68 29.71 22.38 16.75
C LYS B 68 30.78 23.08 15.93
N LEU B 69 31.42 24.10 16.48
CA LEU B 69 32.45 24.84 15.76
C LEU B 69 33.80 24.13 15.73
N ASP B 70 33.87 22.87 16.17
CA ASP B 70 35.04 22.03 15.91
C ASP B 70 34.68 20.79 15.10
N ALA B 71 33.71 19.98 15.54
CA ALA B 71 33.36 18.75 14.85
C ALA B 71 32.29 18.94 13.79
N SER B 72 31.82 20.16 13.58
CA SER B 72 31.14 20.54 12.35
C SER B 72 32.15 20.93 11.28
N ILE B 73 33.42 20.95 11.65
CA ILE B 73 34.52 21.06 10.70
C ILE B 73 35.27 19.74 10.56
N GLN B 74 35.43 19.01 11.66
CA GLN B 74 36.09 17.72 11.62
C GLN B 74 35.25 16.65 10.95
N SER B 75 33.92 16.76 11.02
CA SER B 75 33.01 15.80 10.39
C SER B 75 32.14 16.54 9.39
N PRO B 76 32.62 16.77 8.17
CA PRO B 76 31.77 17.41 7.15
C PRO B 76 30.83 16.43 6.48
N ASN B 77 30.13 16.89 5.45
CA ASN B 77 29.16 16.04 4.77
C ASN B 77 29.83 15.14 3.75
N LEU B 78 29.20 14.00 3.48
CA LEU B 78 29.64 13.03 2.50
C LEU B 78 28.52 12.89 1.48
N GLN B 79 28.71 13.50 0.32
CA GLN B 79 27.66 13.57 -0.68
C GLN B 79 27.91 12.58 -1.80
N THR B 80 26.94 12.49 -2.70
CA THR B 80 27.07 11.73 -3.93
C THR B 80 26.39 12.54 -5.02
N VAL B 81 27.10 12.79 -6.11
CA VAL B 81 26.56 13.66 -7.16
C VAL B 81 26.51 12.92 -8.48
N ASP B 82 26.00 13.60 -9.51
CA ASP B 82 26.12 13.17 -10.89
C ASP B 82 26.95 14.18 -11.65
N VAL B 83 27.85 13.68 -12.47
CA VAL B 83 28.63 14.53 -13.36
C VAL B 83 28.52 14.01 -14.78
N ALA B 84 28.64 14.92 -15.72
CA ALA B 84 28.78 14.59 -17.13
C ALA B 84 30.05 15.22 -17.65
N ASN B 85 30.91 14.42 -18.24
CA ASN B 85 32.17 14.89 -18.75
C ASN B 85 32.32 14.40 -20.18
N LEU B 86 33.27 14.97 -20.90
CA LEU B 86 33.62 14.39 -22.17
C LEU B 86 34.54 13.21 -21.92
N PRO B 87 34.71 12.32 -22.90
CA PRO B 87 35.77 11.31 -22.78
C PRO B 87 37.16 11.90 -22.87
N SER B 88 38.18 11.06 -22.71
CA SER B 88 39.56 11.50 -22.78
C SER B 88 40.08 11.61 -24.21
N ASP B 89 39.21 11.48 -25.20
CA ASP B 89 39.59 11.58 -26.61
C ASP B 89 38.65 12.53 -27.36
N ALA B 90 38.13 13.54 -26.66
CA ALA B 90 37.08 14.37 -27.23
C ALA B 90 37.16 15.76 -26.64
N ASP B 91 37.06 16.78 -27.51
CA ASP B 91 37.02 18.17 -27.08
C ASP B 91 35.78 18.91 -27.56
N THR B 92 34.87 18.23 -28.26
CA THR B 92 33.73 18.89 -28.89
C THR B 92 32.45 18.34 -28.29
N LEU B 93 31.48 19.22 -28.08
CA LEU B 93 30.15 18.86 -27.60
C LEU B 93 29.16 19.06 -28.73
N LYS B 94 28.41 18.01 -29.08
CA LYS B 94 27.37 18.11 -30.08
C LYS B 94 26.00 18.10 -29.40
N VAL B 95 25.20 19.12 -29.69
CA VAL B 95 23.85 19.25 -29.13
C VAL B 95 22.88 19.35 -30.29
N ARG B 96 21.87 18.46 -30.31
CA ARG B 96 20.96 18.33 -31.44
C ARG B 96 19.52 18.36 -30.95
N PHE B 97 18.67 19.10 -31.66
CA PHE B 97 17.23 19.07 -31.41
C PHE B 97 16.51 19.47 -32.70
N THR B 98 15.19 19.30 -32.69
CA THR B 98 14.33 19.70 -33.80
C THR B 98 13.30 20.72 -33.34
N LEU B 99 12.89 21.59 -34.26
CA LEU B 99 12.00 22.69 -33.94
C LEU B 99 10.89 22.76 -34.98
N ARG B 100 9.64 22.61 -34.55
CA ARG B 100 8.48 22.79 -35.41
C ARG B 100 7.93 24.20 -35.24
N VAL B 101 7.53 24.80 -36.34
CA VAL B 101 6.93 26.13 -36.35
C VAL B 101 5.51 25.98 -36.90
N LEU B 102 4.51 26.29 -36.09
CA LEU B 102 3.15 25.89 -36.43
C LEU B 102 2.39 26.97 -37.20
N GLY B 103 2.18 28.11 -36.57
CA GLY B 103 1.36 29.13 -37.20
C GLY B 103 -0.08 29.10 -36.71
N GLY B 104 -0.81 30.16 -37.03
CA GLY B 104 -2.12 30.35 -36.45
C GLY B 104 -1.98 30.86 -35.04
N ALA B 105 -1.18 31.90 -34.87
CA ALA B 105 -0.70 32.35 -33.57
C ALA B 105 -1.59 33.38 -32.92
N GLY B 106 -2.88 33.39 -33.24
CA GLY B 106 -3.79 34.31 -32.58
C GLY B 106 -5.07 33.63 -32.15
N THR B 107 -5.23 32.38 -32.55
CA THR B 107 -6.45 31.64 -32.28
C THR B 107 -6.33 30.93 -30.94
N PRO B 108 -7.18 31.23 -29.97
CA PRO B 108 -7.12 30.50 -28.70
C PRO B 108 -7.66 29.10 -28.83
N SER B 109 -7.11 28.19 -28.04
CA SER B 109 -7.58 26.82 -28.00
C SER B 109 -8.75 26.64 -27.04
N ALA B 110 -9.02 27.61 -26.19
CA ALA B 110 -10.15 27.56 -25.27
C ALA B 110 -10.62 28.97 -25.01
N CYS B 111 -11.91 29.23 -25.22
CA CYS B 111 -12.45 30.57 -25.01
C CYS B 111 -13.94 30.47 -24.74
N ASN B 112 -14.43 31.24 -23.76
CA ASN B 112 -15.85 31.23 -23.46
C ASN B 112 -16.63 32.13 -24.41
N ASP B 113 -16.31 33.41 -24.45
CA ASP B 113 -17.05 34.36 -25.25
C ASP B 113 -16.74 34.19 -26.73
N ALA B 114 -17.75 34.47 -27.56
CA ALA B 114 -17.57 34.47 -29.00
C ALA B 114 -17.27 35.86 -29.55
N ALA B 115 -17.80 36.91 -28.92
CA ALA B 115 -17.49 38.27 -29.34
C ALA B 115 -16.06 38.64 -29.01
N TYR B 116 -15.59 38.23 -27.83
CA TYR B 116 -14.20 38.45 -27.47
C TYR B 116 -13.27 37.66 -28.38
N ARG B 117 -13.69 36.46 -28.79
CA ARG B 117 -12.83 35.62 -29.60
C ARG B 117 -12.61 36.19 -31.00
N ASP B 118 -13.69 36.59 -31.68
CA ASP B 118 -13.45 37.13 -33.02
C ASP B 118 -13.01 38.58 -32.99
N LYS B 119 -13.25 39.29 -31.88
CA LYS B 119 -12.59 40.59 -31.68
C LYS B 119 -11.08 40.43 -31.57
N LEU B 120 -10.64 39.41 -30.83
CA LEU B 120 -9.21 39.12 -30.73
C LEU B 120 -8.64 38.64 -32.06
N LEU B 121 -9.41 37.84 -32.81
CA LEU B 121 -8.92 37.36 -34.10
C LEU B 121 -8.79 38.49 -35.10
N GLN B 122 -9.72 39.45 -35.09
CA GLN B 122 -9.57 40.57 -36.02
C GLN B 122 -8.52 41.56 -35.55
N THR B 123 -8.25 41.64 -34.24
CA THR B 123 -7.12 42.44 -33.76
C THR B 123 -5.78 41.85 -34.21
N VAL B 124 -5.61 40.53 -34.05
CA VAL B 124 -4.37 39.88 -34.46
C VAL B 124 -4.25 39.89 -35.99
N ALA B 125 -5.37 39.79 -36.71
CA ALA B 125 -5.32 39.90 -38.16
C ALA B 125 -5.01 41.33 -38.61
N THR B 126 -5.44 42.33 -37.84
CA THR B 126 -5.04 43.71 -38.11
C THR B 126 -3.53 43.89 -37.94
N TYR B 127 -2.97 43.28 -36.88
CA TYR B 127 -1.52 43.29 -36.68
C TYR B 127 -0.80 42.64 -37.85
N VAL B 128 -1.22 41.43 -38.24
CA VAL B 128 -0.54 40.68 -39.29
C VAL B 128 -0.69 41.38 -40.65
N ASN B 129 -1.82 42.05 -40.88
CA ASN B 129 -2.00 42.79 -42.11
C ASN B 129 -1.16 44.05 -42.13
N ASP B 130 -1.00 44.71 -40.97
CA ASP B 130 -0.19 45.92 -40.91
C ASP B 130 1.28 45.63 -41.16
N GLN B 131 1.78 44.54 -40.60
CA GLN B 131 3.16 44.11 -40.74
C GLN B 131 3.22 42.62 -40.42
N GLY B 132 4.12 41.90 -41.07
CA GLY B 132 4.12 40.46 -40.96
C GLY B 132 4.70 39.96 -39.66
N PHE B 133 5.32 38.79 -39.72
CA PHE B 133 6.11 38.29 -38.61
C PHE B 133 7.59 38.50 -38.86
N ALA B 134 7.96 39.64 -39.44
CA ALA B 134 9.34 39.83 -39.85
C ALA B 134 10.25 40.16 -38.67
N GLU B 135 9.79 41.00 -37.74
CA GLU B 135 10.63 41.38 -36.61
C GLU B 135 10.75 40.24 -35.60
N LEU B 136 9.64 39.54 -35.34
CA LEU B 136 9.69 38.43 -34.41
C LEU B 136 10.53 37.28 -34.95
N ALA B 137 10.36 36.92 -36.23
CA ALA B 137 11.16 35.83 -36.78
C ALA B 137 12.60 36.24 -37.00
N ARG B 138 12.84 37.53 -37.23
CA ARG B 138 14.19 38.10 -37.18
C ARG B 138 14.88 37.79 -35.86
N ARG B 139 14.20 38.10 -34.75
CA ARG B 139 14.79 37.88 -33.44
C ARG B 139 14.86 36.40 -33.04
N TYR B 140 13.90 35.56 -33.48
CA TYR B 140 14.00 34.13 -33.22
C TYR B 140 15.12 33.50 -34.04
N ALA B 141 15.34 33.97 -35.26
CA ALA B 141 16.45 33.46 -36.05
C ALA B 141 17.78 33.93 -35.50
N HIS B 142 17.83 35.11 -34.87
CA HIS B 142 19.03 35.49 -34.13
C HIS B 142 19.30 34.55 -32.97
N ASN B 143 18.26 34.21 -32.18
CA ASN B 143 18.48 33.31 -31.06
C ASN B 143 18.80 31.89 -31.49
N LEU B 144 18.40 31.48 -32.70
CA LEU B 144 18.94 30.24 -33.26
C LEU B 144 20.37 30.42 -33.74
N ALA B 145 20.73 31.62 -34.20
CA ALA B 145 22.00 31.84 -34.86
C ALA B 145 23.17 31.78 -33.89
N ASN B 146 23.04 32.45 -32.75
CA ASN B 146 23.96 32.22 -31.65
C ASN B 146 23.52 30.97 -30.90
N ALA B 147 24.06 30.75 -29.71
CA ALA B 147 23.84 29.48 -29.04
C ALA B 147 23.32 29.69 -27.64
N ARG B 148 22.22 30.46 -27.52
CA ARG B 148 21.56 30.65 -26.22
C ARG B 148 21.15 29.33 -25.58
N PHE B 149 20.74 28.35 -26.42
CA PHE B 149 20.41 27.04 -25.90
C PHE B 149 21.62 26.27 -25.37
N LEU B 150 22.84 26.67 -25.75
CA LEU B 150 24.04 26.24 -25.04
C LEU B 150 24.24 27.22 -23.89
N TRP B 151 23.75 26.88 -22.72
CA TRP B 151 23.68 27.84 -21.62
C TRP B 151 25.05 28.10 -21.01
N ARG B 152 25.62 27.10 -20.34
CA ARG B 152 26.95 27.21 -19.81
C ARG B 152 27.96 26.52 -20.71
N ASN B 153 27.49 25.78 -21.71
CA ASN B 153 28.33 25.05 -22.62
C ASN B 153 28.93 25.91 -23.72
N ARG B 154 28.70 27.22 -23.69
CA ARG B 154 29.40 28.14 -24.56
C ARG B 154 30.20 29.18 -23.80
N VAL B 155 30.08 29.21 -22.48
CA VAL B 155 30.81 30.17 -21.66
C VAL B 155 32.28 29.74 -21.63
N GLY B 156 33.12 30.48 -22.32
CA GLY B 156 34.52 30.12 -22.43
C GLY B 156 34.74 28.91 -23.31
N ALA B 157 34.51 29.06 -24.61
CA ALA B 157 34.78 28.02 -25.58
C ALA B 157 35.66 28.57 -26.68
N GLU B 158 36.35 27.67 -27.39
CA GLU B 158 37.18 28.07 -28.51
C GLU B 158 36.32 28.54 -29.68
N ALA B 159 35.45 27.67 -30.18
CA ALA B 159 34.63 27.98 -31.34
C ALA B 159 33.29 27.29 -31.19
N VAL B 160 32.21 28.04 -31.39
CA VAL B 160 30.85 27.54 -31.32
C VAL B 160 30.18 27.83 -32.64
N GLU B 161 29.69 26.80 -33.32
CA GLU B 161 28.90 27.03 -34.52
C GLU B 161 27.58 26.30 -34.43
N VAL B 162 26.59 26.85 -35.12
CA VAL B 162 25.23 26.32 -35.15
C VAL B 162 24.85 26.16 -36.61
N ARG B 163 24.74 24.92 -37.07
CA ARG B 163 24.27 24.65 -38.42
C ARG B 163 22.85 24.12 -38.39
N ILE B 164 22.01 24.62 -39.29
CA ILE B 164 20.56 24.43 -39.25
C ILE B 164 20.11 23.88 -40.60
N ASN B 165 19.40 22.76 -40.58
CA ASN B 165 18.87 22.16 -41.77
C ASN B 165 17.36 22.35 -41.82
N HIS B 166 16.83 22.52 -43.03
CA HIS B 166 15.39 22.57 -43.27
C HIS B 166 14.95 21.24 -43.85
N ILE B 167 13.96 20.62 -43.23
CA ILE B 167 13.58 19.24 -43.52
C ILE B 167 12.18 19.25 -44.12
N ARG B 168 12.08 18.83 -45.38
CA ARG B 168 10.83 18.76 -46.12
C ARG B 168 10.29 17.34 -46.17
N GLN B 169 11.08 16.43 -46.70
CA GLN B 169 10.97 14.98 -46.54
C GLN B 169 12.23 14.56 -45.82
N GLY B 170 12.52 13.26 -45.80
CA GLY B 170 13.78 12.82 -45.21
C GLY B 170 14.99 13.21 -46.04
N GLU B 171 15.25 14.52 -46.07
CA GLU B 171 16.06 15.20 -47.07
C GLU B 171 16.25 16.64 -46.64
N VAL B 172 17.45 17.17 -46.76
CA VAL B 172 17.72 18.56 -46.37
C VAL B 172 17.41 19.44 -47.57
N ALA B 173 16.35 20.24 -47.46
CA ALA B 173 15.96 21.10 -48.56
C ALA B 173 16.81 22.35 -48.65
N ARG B 174 17.32 22.83 -47.52
CA ARG B 174 18.05 24.09 -47.45
C ARG B 174 18.88 24.09 -46.18
N ALA B 175 20.19 24.23 -46.31
CA ALA B 175 21.10 24.16 -45.17
C ALA B 175 21.69 25.53 -44.87
N TRP B 176 21.91 25.79 -43.59
CA TRP B 176 22.63 26.97 -43.12
C TRP B 176 23.81 26.54 -42.27
N ARG B 177 24.69 27.51 -42.00
CA ARG B 177 25.85 27.29 -41.15
C ARG B 177 26.34 28.64 -40.65
N PHE B 178 26.55 28.74 -39.35
CA PHE B 178 26.74 30.03 -38.68
C PHE B 178 28.04 30.03 -37.90
N ASP B 179 28.30 31.15 -37.24
CA ASP B 179 29.40 31.28 -36.28
C ASP B 179 28.79 31.98 -35.07
N ALA B 180 28.53 31.21 -34.02
CA ALA B 180 27.79 31.73 -32.88
C ALA B 180 28.60 32.70 -32.03
N LEU B 181 29.92 32.72 -32.18
CA LEU B 181 30.73 33.67 -31.44
C LEU B 181 30.92 34.98 -32.20
N ALA B 182 30.90 34.93 -33.54
CA ALA B 182 30.96 36.17 -34.31
C ALA B 182 29.66 36.93 -34.24
N ILE B 183 28.53 36.23 -34.35
CA ILE B 183 27.23 36.82 -34.07
C ILE B 183 27.14 37.12 -32.59
N GLY B 184 26.73 38.34 -32.26
CA GLY B 184 26.75 38.79 -30.89
C GLY B 184 25.62 38.20 -30.06
N LEU B 185 25.47 38.77 -28.88
CA LEU B 185 24.46 38.34 -27.92
C LEU B 185 23.75 39.51 -27.27
N ARG B 186 24.16 40.74 -27.57
CA ARG B 186 23.51 41.95 -27.06
C ARG B 186 22.65 42.65 -28.09
N ASP B 187 23.02 42.61 -29.37
CA ASP B 187 22.32 43.33 -30.41
C ASP B 187 21.81 42.38 -31.48
N PHE B 188 20.84 42.86 -32.25
CA PHE B 188 20.20 42.10 -33.32
C PHE B 188 20.57 42.78 -34.64
N LYS B 189 21.63 42.31 -35.28
CA LYS B 189 22.14 42.91 -36.50
C LYS B 189 21.81 42.05 -37.71
N ALA B 190 21.60 42.70 -38.84
CA ALA B 190 21.09 42.03 -40.03
C ALA B 190 22.21 41.25 -40.74
N ASP B 191 21.76 40.32 -41.58
CA ASP B 191 22.63 39.49 -42.41
C ASP B 191 21.76 38.90 -43.52
N ALA B 192 22.41 38.38 -44.55
CA ALA B 192 21.68 37.85 -45.69
C ALA B 192 21.00 36.52 -45.36
N GLU B 193 21.79 35.52 -44.95
CA GLU B 193 21.22 34.22 -44.62
C GLU B 193 20.40 34.26 -43.34
N LEU B 194 20.66 35.21 -42.44
CA LEU B 194 19.77 35.42 -41.32
C LEU B 194 18.41 35.91 -41.77
N ASP B 195 18.37 36.76 -42.80
CA ASP B 195 17.09 37.18 -43.33
C ASP B 195 16.40 36.07 -44.12
N ALA B 196 17.17 35.16 -44.72
CA ALA B 196 16.56 33.99 -45.36
C ALA B 196 15.91 33.07 -44.32
N LEU B 197 16.62 32.80 -43.22
CA LEU B 197 16.08 31.96 -42.17
C LEU B 197 14.90 32.64 -41.46
N ALA B 198 14.97 33.95 -41.29
CA ALA B 198 13.86 34.69 -40.71
C ALA B 198 12.66 34.71 -41.64
N GLU B 199 12.89 34.70 -42.96
CA GLU B 199 11.80 34.58 -43.90
C GLU B 199 11.14 33.21 -43.81
N LEU B 200 11.95 32.16 -43.60
CA LEU B 200 11.39 30.83 -43.44
C LEU B 200 10.56 30.71 -42.15
N ILE B 201 11.08 31.24 -41.05
CA ILE B 201 10.33 31.20 -39.77
C ILE B 201 9.10 32.09 -39.84
N ALA B 202 9.17 33.19 -40.58
CA ALA B 202 8.00 34.06 -40.72
C ALA B 202 6.95 33.45 -41.62
N SER B 203 7.35 32.66 -42.62
CA SER B 203 6.36 31.93 -43.41
C SER B 203 5.75 30.80 -42.59
N GLY B 204 6.51 30.21 -41.67
CA GLY B 204 5.94 29.20 -40.79
C GLY B 204 4.96 29.78 -39.79
N LEU B 205 5.26 30.94 -39.23
CA LEU B 205 4.36 31.56 -38.25
C LEU B 205 3.09 32.10 -38.89
N SER B 206 3.10 32.40 -40.17
CA SER B 206 1.95 32.97 -40.83
C SER B 206 1.00 31.92 -41.39
N GLY B 207 1.32 30.64 -41.22
CA GLY B 207 0.48 29.59 -41.75
C GLY B 207 0.53 29.44 -43.25
N SER B 208 1.72 29.51 -43.85
CA SER B 208 1.88 29.40 -45.29
C SER B 208 2.51 28.09 -45.72
N GLY B 209 3.12 27.35 -44.80
CA GLY B 209 3.73 26.08 -45.13
C GLY B 209 4.15 25.38 -43.87
N HIS B 210 4.71 24.18 -44.03
CA HIS B 210 5.19 23.39 -42.91
C HIS B 210 6.68 23.59 -42.75
N VAL B 211 7.09 24.01 -41.55
CA VAL B 211 8.49 24.30 -41.26
C VAL B 211 8.97 23.33 -40.18
N LEU B 212 9.98 22.53 -40.53
CA LEU B 212 10.63 21.63 -39.59
C LEU B 212 12.13 21.85 -39.71
N LEU B 213 12.76 22.22 -38.61
CA LEU B 213 14.18 22.52 -38.59
C LEU B 213 14.93 21.47 -37.79
N GLU B 214 16.24 21.44 -37.99
CA GLU B 214 17.14 20.60 -37.21
C GLU B 214 18.36 21.41 -36.85
N VAL B 215 18.58 21.61 -35.55
CA VAL B 215 19.57 22.55 -35.06
C VAL B 215 20.66 21.78 -34.34
N VAL B 216 21.88 21.84 -34.87
CA VAL B 216 23.02 21.11 -34.36
C VAL B 216 24.10 22.12 -33.99
N ALA B 217 24.62 22.03 -32.77
CA ALA B 217 25.62 22.96 -32.27
C ALA B 217 26.87 22.20 -31.86
N PHE B 218 28.02 22.63 -32.38
CA PHE B 218 29.32 22.11 -32.00
C PHE B 218 30.04 23.14 -31.15
N ALA B 219 30.89 22.68 -30.24
CA ALA B 219 31.61 23.58 -29.34
C ALA B 219 32.91 22.90 -28.91
N ARG B 220 34.02 23.32 -29.52
CA ARG B 220 35.34 22.95 -29.03
C ARG B 220 35.56 23.59 -27.66
N ILE B 221 35.58 22.79 -26.60
CA ILE B 221 35.76 23.29 -25.24
C ILE B 221 37.02 22.73 -24.58
N GLY B 222 37.36 21.48 -24.83
CA GLY B 222 38.55 20.91 -24.24
C GLY B 222 38.40 19.45 -23.89
N ASP B 223 39.53 18.79 -23.64
CA ASP B 223 39.52 17.35 -23.40
C ASP B 223 39.01 17.04 -22.01
N GLY B 224 37.94 16.25 -21.93
CA GLY B 224 37.46 15.73 -20.67
C GLY B 224 36.83 16.75 -19.73
N GLN B 225 36.50 17.93 -20.22
CA GLN B 225 35.94 18.97 -19.38
C GLN B 225 34.50 18.64 -18.99
N GLU B 226 33.98 19.41 -18.05
CA GLU B 226 32.62 19.18 -17.57
C GLU B 226 31.61 19.87 -18.48
N VAL B 227 30.62 19.11 -18.94
CA VAL B 227 29.45 19.67 -19.60
C VAL B 227 28.30 19.69 -18.61
N PHE B 228 27.30 20.50 -18.93
CA PHE B 228 26.23 20.83 -17.98
C PHE B 228 24.88 20.50 -18.60
N PRO B 229 24.31 19.35 -18.26
CA PRO B 229 22.89 19.11 -18.55
C PRO B 229 22.02 19.80 -17.51
N SER B 230 20.73 19.57 -17.63
CA SER B 230 19.76 20.17 -16.72
C SER B 230 19.59 19.30 -15.48
N GLN B 231 19.35 19.96 -14.35
CA GLN B 231 19.35 19.32 -13.04
C GLN B 231 17.92 19.05 -12.59
N GLU B 232 17.70 17.86 -12.04
CA GLU B 232 16.37 17.38 -11.70
C GLU B 232 16.00 17.66 -10.26
N LEU B 233 14.70 17.58 -9.98
CA LEU B 233 14.14 17.93 -8.69
C LEU B 233 14.40 16.82 -7.69
N ILE B 234 14.87 17.19 -6.50
CA ILE B 234 15.26 16.24 -5.46
C ILE B 234 14.59 16.66 -4.16
N LEU B 235 13.70 15.81 -3.64
CA LEU B 235 13.03 16.03 -2.37
C LEU B 235 13.81 15.32 -1.25
N ASP B 236 13.19 15.21 -0.08
CA ASP B 236 13.73 14.42 1.03
C ASP B 236 12.99 13.08 1.03
N LYS B 237 13.57 12.09 0.36
CA LYS B 237 12.96 10.77 0.29
C LYS B 237 13.96 9.64 0.43
N GLY B 238 15.12 9.88 1.05
CA GLY B 238 16.13 8.84 1.17
C GLY B 238 17.30 9.21 2.06
N ASP B 239 18.51 8.88 1.62
CA ASP B 239 19.72 9.09 2.40
C ASP B 239 20.71 9.94 1.61
N LYS B 240 21.91 10.09 2.18
CA LYS B 240 22.98 10.83 1.51
C LYS B 240 23.53 10.02 0.33
N LYS B 241 24.05 8.83 0.61
CA LYS B 241 24.39 7.87 -0.43
C LYS B 241 23.09 7.41 -1.10
N GLY B 242 22.89 7.85 -2.33
CA GLY B 242 21.58 7.79 -2.94
C GLY B 242 21.29 9.13 -3.60
N GLN B 243 22.35 9.94 -3.71
CA GLN B 243 22.43 11.23 -4.42
C GLN B 243 21.30 12.18 -4.04
N LYS B 244 21.36 12.59 -2.77
CA LYS B 244 20.45 13.60 -2.25
C LYS B 244 20.75 15.01 -2.75
N SER B 245 21.82 15.19 -3.51
CA SER B 245 22.33 16.54 -3.82
C SER B 245 22.14 16.94 -5.28
N LYS B 246 22.46 16.08 -6.24
CA LYS B 246 22.51 16.52 -7.63
C LYS B 246 22.19 15.36 -8.56
N THR B 247 21.02 15.41 -9.19
CA THR B 247 20.61 14.45 -10.21
C THR B 247 20.48 15.19 -11.53
N LEU B 248 21.14 14.69 -12.56
CA LEU B 248 21.15 15.31 -13.87
C LEU B 248 20.16 14.61 -14.78
N TYR B 249 19.41 15.40 -15.55
CA TYR B 249 18.38 14.86 -16.43
C TYR B 249 18.98 14.11 -17.59
N SER B 250 18.36 13.00 -17.96
CA SER B 250 18.84 12.20 -19.06
C SER B 250 17.67 11.52 -19.74
N VAL B 251 17.99 10.77 -20.78
CA VAL B 251 17.10 9.94 -21.59
C VAL B 251 17.77 8.57 -21.53
N ARG B 252 17.46 7.68 -22.48
CA ARG B 252 18.04 6.35 -22.47
C ARG B 252 19.55 6.42 -22.70
N ASP B 253 20.27 6.67 -21.60
CA ASP B 253 21.74 6.74 -21.52
C ASP B 253 22.31 7.83 -22.42
N ALA B 254 21.89 9.07 -22.15
CA ALA B 254 22.41 10.26 -22.82
C ALA B 254 22.02 11.47 -21.99
N ALA B 255 22.98 12.32 -21.66
CA ALA B 255 22.69 13.54 -20.92
C ALA B 255 21.90 14.51 -21.80
N ALA B 256 20.96 15.22 -21.18
CA ALA B 256 19.96 15.93 -21.96
C ALA B 256 19.56 17.23 -21.29
N ILE B 257 19.19 18.21 -22.11
CA ILE B 257 18.64 19.48 -21.66
C ILE B 257 17.15 19.45 -21.96
N HIS B 258 16.34 20.09 -21.11
CA HIS B 258 14.90 20.03 -21.29
C HIS B 258 14.47 20.80 -22.53
N SER B 259 13.22 20.55 -22.93
CA SER B 259 12.65 21.29 -24.05
C SER B 259 12.21 22.69 -23.63
N GLN B 260 11.74 22.85 -22.40
CA GLN B 260 11.36 24.19 -21.97
C GLN B 260 12.55 25.09 -21.73
N LYS B 261 13.74 24.53 -21.51
CA LYS B 261 14.91 25.37 -21.33
C LYS B 261 15.43 25.90 -22.67
N ILE B 262 15.42 25.04 -23.70
CA ILE B 262 15.72 25.49 -25.06
C ILE B 262 14.67 26.49 -25.53
N GLY B 263 13.41 26.26 -25.16
CA GLY B 263 12.36 27.19 -25.51
C GLY B 263 12.53 28.54 -24.84
N ASN B 264 12.96 28.53 -23.57
CA ASN B 264 13.28 29.76 -22.88
C ASN B 264 14.45 30.48 -23.52
N ALA B 265 15.42 29.72 -24.04
CA ALA B 265 16.53 30.32 -24.76
C ALA B 265 16.12 30.88 -26.11
N LEU B 266 15.07 30.36 -26.74
CA LEU B 266 14.67 30.88 -28.03
C LEU B 266 13.87 32.17 -27.95
N ARG B 267 13.07 32.37 -26.91
CA ARG B 267 12.21 33.54 -26.80
C ARG B 267 12.83 34.63 -25.94
N THR B 268 14.16 34.76 -25.96
CA THR B 268 14.83 35.85 -25.26
C THR B 268 14.98 36.99 -26.25
N ILE B 269 13.93 37.80 -26.32
CA ILE B 269 13.74 38.78 -27.38
C ILE B 269 13.52 40.16 -26.79
N ASP B 270 12.95 40.20 -25.58
CA ASP B 270 12.36 41.41 -25.03
C ASP B 270 13.43 42.43 -24.68
N THR B 271 13.71 43.34 -25.63
CA THR B 271 14.57 44.49 -25.40
C THR B 271 13.78 45.77 -25.21
N TRP B 272 12.47 45.69 -25.07
CA TRP B 272 11.65 46.88 -24.99
C TRP B 272 11.11 47.12 -23.58
N TYR B 273 11.64 46.44 -22.59
CA TYR B 273 11.24 46.70 -21.21
C TYR B 273 11.85 48.02 -20.75
N PRO B 274 11.09 48.85 -20.03
CA PRO B 274 11.45 50.26 -19.89
C PRO B 274 12.54 50.57 -18.88
N ASP B 275 13.20 49.57 -18.32
CA ASP B 275 14.15 49.83 -17.23
C ASP B 275 15.44 50.45 -17.75
N GLU B 276 16.18 49.71 -18.57
CA GLU B 276 17.50 50.15 -19.04
C GLU B 276 17.87 49.31 -20.26
N ASP B 277 19.12 49.48 -20.70
CA ASP B 277 19.73 48.65 -21.73
C ASP B 277 21.04 48.03 -21.27
N GLY B 278 21.31 48.04 -19.96
CA GLY B 278 22.54 47.53 -19.40
C GLY B 278 22.62 46.03 -19.22
N LEU B 279 21.60 45.30 -19.66
CA LEU B 279 21.59 43.84 -19.59
C LEU B 279 21.54 43.18 -20.96
N GLY B 280 20.61 43.60 -21.80
CA GLY B 280 20.32 42.91 -23.03
C GLY B 280 18.89 42.43 -23.03
N PRO B 281 18.57 41.49 -23.91
CA PRO B 281 17.20 40.97 -23.96
C PRO B 281 16.91 40.04 -22.79
N ILE B 282 15.67 40.07 -22.33
CA ILE B 282 15.15 39.10 -21.39
C ILE B 282 14.11 38.25 -22.09
N ALA B 283 13.68 37.19 -21.42
CA ALA B 283 12.70 36.29 -22.00
C ALA B 283 11.33 36.93 -22.03
N VAL B 284 10.56 36.59 -23.06
CA VAL B 284 9.21 37.13 -23.22
C VAL B 284 8.29 36.40 -22.25
N GLU B 285 7.85 37.09 -21.21
CA GLU B 285 6.99 36.53 -20.19
C GLU B 285 5.96 37.57 -19.75
N PRO B 286 4.78 37.12 -19.33
CA PRO B 286 3.88 38.03 -18.63
C PRO B 286 4.48 38.40 -17.28
N TYR B 287 4.41 39.70 -16.96
CA TYR B 287 5.17 40.34 -15.87
C TYR B 287 6.65 40.00 -16.02
N GLY B 288 7.24 40.47 -17.12
CA GLY B 288 8.48 39.92 -17.66
C GLY B 288 9.68 39.93 -16.75
N SER B 289 10.02 38.76 -16.21
CA SER B 289 10.88 38.65 -15.05
C SER B 289 11.98 37.62 -15.28
N VAL B 290 13.08 37.81 -14.58
CA VAL B 290 14.22 36.90 -14.62
C VAL B 290 14.40 36.34 -13.22
N THR B 291 14.55 35.02 -13.13
CA THR B 291 14.80 34.38 -11.84
C THR B 291 16.26 34.47 -11.41
N SER B 292 17.19 34.51 -12.37
CA SER B 292 18.61 34.66 -12.02
C SER B 292 18.98 36.10 -11.71
N GLN B 293 18.05 37.04 -11.85
CA GLN B 293 18.25 38.40 -11.37
C GLN B 293 17.36 38.72 -10.17
N GLY B 294 16.34 37.90 -9.92
CA GLY B 294 15.40 38.17 -8.84
C GLY B 294 14.53 39.38 -9.03
N LYS B 295 14.46 39.91 -10.25
CA LYS B 295 13.83 41.19 -10.52
C LYS B 295 12.63 40.99 -11.44
N ALA B 296 11.50 41.56 -11.06
CA ALA B 296 10.32 41.59 -11.92
C ALA B 296 10.35 42.89 -12.69
N TYR B 297 10.98 42.85 -13.87
CA TYR B 297 10.82 43.95 -14.80
C TYR B 297 9.40 43.93 -15.37
N ARG B 298 9.04 45.04 -16.00
CA ARG B 298 7.75 45.22 -16.68
C ARG B 298 6.59 45.00 -15.69
N GLN B 299 6.56 45.90 -14.72
CA GLN B 299 5.79 45.87 -13.50
C GLN B 299 4.36 46.32 -13.75
N PRO B 300 3.38 45.78 -13.02
CA PRO B 300 1.99 46.26 -13.17
C PRO B 300 1.65 47.55 -12.45
N LYS B 301 2.57 48.15 -11.69
CA LYS B 301 2.38 49.54 -11.30
C LYS B 301 2.68 50.47 -12.48
N GLN B 302 3.62 50.07 -13.32
CA GLN B 302 3.71 50.63 -14.66
C GLN B 302 2.61 50.03 -15.53
N LYS B 303 2.48 50.54 -16.74
CA LYS B 303 1.43 50.06 -17.62
C LYS B 303 2.02 49.33 -18.81
N LEU B 304 2.97 48.44 -18.56
CA LEU B 304 3.70 47.79 -19.64
C LEU B 304 3.53 46.29 -19.68
N ASP B 305 2.88 45.68 -18.70
CA ASP B 305 2.73 44.23 -18.67
C ASP B 305 1.72 43.76 -19.72
N PHE B 306 1.76 42.45 -19.97
CA PHE B 306 1.02 41.85 -21.08
C PHE B 306 -0.48 41.95 -20.91
N TYR B 307 -0.97 41.87 -19.67
CA TYR B 307 -2.40 41.86 -19.42
C TYR B 307 -3.01 43.22 -19.68
N THR B 308 -2.36 44.29 -19.24
CA THR B 308 -2.87 45.64 -19.44
C THR B 308 -2.80 46.02 -20.91
N LEU B 309 -1.71 45.65 -21.60
CA LEU B 309 -1.57 45.93 -23.03
C LEU B 309 -2.62 45.19 -23.84
N LEU B 310 -2.85 43.92 -23.52
CA LEU B 310 -3.83 43.13 -24.27
C LEU B 310 -5.25 43.62 -24.01
N ASP B 311 -5.56 43.99 -22.76
CA ASP B 311 -6.89 44.50 -22.45
C ASP B 311 -7.15 45.83 -23.10
N ASN B 312 -6.14 46.71 -23.16
CA ASN B 312 -6.36 47.98 -23.82
C ASN B 312 -6.38 47.83 -25.35
N TRP B 313 -5.71 46.83 -25.88
CA TRP B 313 -5.62 46.68 -27.33
C TRP B 313 -6.75 45.85 -27.91
N VAL B 314 -7.46 45.07 -27.11
CA VAL B 314 -8.60 44.31 -27.58
C VAL B 314 -9.92 44.94 -27.17
N LEU B 315 -10.08 45.27 -25.90
CA LEU B 315 -11.36 45.81 -25.43
C LEU B 315 -11.51 47.27 -25.79
N ARG B 316 -10.68 48.14 -25.22
CA ARG B 316 -10.86 49.57 -25.32
C ARG B 316 -10.35 50.14 -26.64
N ASP B 317 -9.80 49.30 -27.52
CA ASP B 317 -9.32 49.68 -28.86
C ASP B 317 -8.23 50.75 -28.77
N GLU B 318 -7.34 50.60 -27.80
CA GLU B 318 -6.25 51.54 -27.57
C GLU B 318 -4.98 50.82 -28.01
N ALA B 319 -4.65 50.98 -29.28
CA ALA B 319 -3.46 50.35 -29.85
C ALA B 319 -2.20 50.95 -29.22
N PRO B 320 -1.36 50.15 -28.58
CA PRO B 320 -0.13 50.70 -27.97
C PRO B 320 0.93 51.03 -29.00
N ALA B 321 2.15 51.30 -28.51
CA ALA B 321 3.29 51.46 -29.39
C ALA B 321 3.56 50.15 -30.14
N VAL B 322 4.27 50.26 -31.26
CA VAL B 322 4.48 49.12 -32.15
C VAL B 322 5.37 48.07 -31.48
N GLU B 323 6.34 48.52 -30.70
CA GLU B 323 7.18 47.61 -29.90
C GLU B 323 6.36 46.80 -28.89
N GLN B 324 5.35 47.41 -28.30
CA GLN B 324 4.50 46.66 -27.37
C GLN B 324 3.59 45.70 -28.12
N GLN B 325 3.27 46.02 -29.38
CA GLN B 325 2.55 45.07 -30.22
C GLN B 325 3.40 43.86 -30.54
N HIS B 326 4.70 44.07 -30.79
CA HIS B 326 5.62 42.95 -30.97
C HIS B 326 5.71 42.10 -29.70
N TYR B 327 5.69 42.76 -28.54
CA TYR B 327 5.73 42.03 -27.28
C TYR B 327 4.48 41.18 -27.06
N VAL B 328 3.30 41.72 -27.38
CA VAL B 328 2.06 40.99 -27.19
C VAL B 328 1.97 39.80 -28.14
N ILE B 329 2.38 39.98 -29.39
CA ILE B 329 2.33 38.85 -30.33
C ILE B 329 3.41 37.82 -29.98
N ALA B 330 4.51 38.25 -29.35
CA ALA B 330 5.49 37.29 -28.84
C ALA B 330 4.91 36.46 -27.69
N ASN B 331 4.15 37.09 -26.80
CA ASN B 331 3.46 36.32 -25.76
C ASN B 331 2.39 35.40 -26.32
N LEU B 332 1.75 35.78 -27.41
CA LEU B 332 0.74 34.88 -27.98
C LEU B 332 1.39 33.71 -28.70
N ILE B 333 2.59 33.89 -29.25
CA ILE B 333 3.35 32.76 -29.76
C ILE B 333 3.84 31.88 -28.61
N ARG B 334 4.07 32.49 -27.44
CA ARG B 334 4.52 31.74 -26.27
C ARG B 334 3.45 30.76 -25.79
N GLY B 335 2.21 31.20 -25.70
CA GLY B 335 1.15 30.42 -25.14
C GLY B 335 0.86 30.81 -23.71
N GLY B 336 0.15 29.94 -23.01
CA GLY B 336 -0.09 30.13 -21.60
C GLY B 336 -1.55 30.01 -21.24
N VAL B 337 -1.79 30.04 -19.93
CA VAL B 337 -3.13 29.98 -19.36
C VAL B 337 -3.48 31.40 -18.94
N PHE B 338 -4.40 32.01 -19.66
CA PHE B 338 -4.78 33.40 -19.42
C PHE B 338 -6.19 33.42 -18.83
N GLY B 339 -6.60 34.61 -18.38
CA GLY B 339 -7.85 34.73 -17.67
C GLY B 339 -7.73 34.30 -16.22
N GLU B 340 -8.82 34.46 -15.49
CA GLU B 340 -8.82 34.17 -14.06
C GLU B 340 -8.76 32.68 -13.77
N ILE C 7 -53.97 7.30 -23.84
CA ILE C 7 -52.94 8.35 -23.77
C ILE C 7 -51.56 7.67 -23.64
N LEU C 8 -50.54 8.30 -24.23
CA LEU C 8 -49.20 7.74 -24.30
C LEU C 8 -48.21 8.75 -23.75
N SER C 9 -47.47 8.36 -22.73
CA SER C 9 -46.46 9.22 -22.11
C SER C 9 -45.10 8.54 -22.14
N THR C 10 -44.09 9.28 -21.70
CA THR C 10 -42.73 8.79 -21.73
C THR C 10 -42.49 7.77 -20.63
N ALA C 11 -41.70 6.75 -20.94
CA ALA C 11 -41.32 5.77 -19.94
C ALA C 11 -40.36 6.39 -18.94
N SER C 12 -40.48 5.98 -17.68
CA SER C 12 -39.68 6.57 -16.63
C SER C 12 -38.24 6.05 -16.62
N VAL C 13 -37.98 4.89 -17.23
CA VAL C 13 -36.64 4.35 -17.34
C VAL C 13 -36.38 4.08 -18.81
N LEU C 14 -35.39 4.76 -19.37
CA LEU C 14 -34.90 4.47 -20.71
C LEU C 14 -33.38 4.35 -20.67
N ALA C 15 -32.86 3.43 -21.49
CA ALA C 15 -31.44 3.22 -21.56
C ALA C 15 -31.12 2.58 -22.90
N PHE C 16 -30.04 3.03 -23.50
CA PHE C 16 -29.61 2.51 -24.79
C PHE C 16 -28.15 2.12 -24.69
N GLU C 17 -27.83 0.89 -25.06
CA GLU C 17 -26.45 0.51 -25.22
C GLU C 17 -25.85 1.25 -26.40
N ARG C 18 -24.61 1.69 -26.25
CA ARG C 18 -23.98 2.41 -27.34
C ARG C 18 -23.63 1.48 -28.48
N LYS C 19 -23.63 2.04 -29.67
CA LYS C 19 -23.08 1.40 -30.85
C LYS C 19 -21.79 2.15 -31.21
N LEU C 20 -21.07 1.62 -32.20
CA LEU C 20 -19.78 2.15 -32.65
C LEU C 20 -18.77 2.17 -31.50
N ASP C 21 -18.37 0.96 -31.07
CA ASP C 21 -17.48 0.78 -29.93
C ASP C 21 -16.03 0.87 -30.35
N PRO C 22 -15.26 1.86 -29.89
CA PRO C 22 -13.81 1.83 -30.12
C PRO C 22 -13.07 1.22 -28.95
N SER C 23 -11.83 0.80 -29.16
CA SER C 23 -10.96 0.40 -28.07
C SER C 23 -10.00 1.53 -27.76
N ASP C 24 -9.14 1.32 -26.77
CA ASP C 24 -8.10 2.29 -26.48
C ASP C 24 -7.02 2.23 -27.54
N ALA C 25 -6.57 3.40 -27.98
CA ALA C 25 -5.50 3.49 -28.96
C ALA C 25 -4.16 3.43 -28.26
N LEU C 26 -3.22 2.73 -28.87
CA LEU C 26 -1.88 2.60 -28.33
C LEU C 26 -0.89 3.22 -29.30
N MET C 27 0.09 3.92 -28.76
CA MET C 27 1.02 4.66 -29.58
C MET C 27 2.38 4.00 -29.65
N SER C 28 3.06 4.19 -30.78
CA SER C 28 4.36 3.60 -31.05
C SER C 28 5.01 4.41 -32.16
N ALA C 29 6.32 4.51 -32.11
CA ALA C 29 7.06 5.43 -32.97
C ALA C 29 7.97 4.68 -33.92
N GLY C 30 8.14 5.24 -35.11
CA GLY C 30 8.97 4.62 -36.11
C GLY C 30 9.26 5.59 -37.24
N ALA C 31 9.85 5.05 -38.31
CA ALA C 31 10.26 5.84 -39.46
C ALA C 31 9.25 5.72 -40.58
N TRP C 32 9.09 6.81 -41.32
CA TRP C 32 8.24 6.83 -42.51
C TRP C 32 8.84 5.94 -43.57
N ALA C 33 7.95 5.39 -44.43
CA ALA C 33 8.20 4.40 -45.48
C ALA C 33 8.64 3.04 -44.93
N GLN C 34 8.71 2.90 -43.62
CA GLN C 34 8.68 1.61 -42.95
C GLN C 34 7.33 1.36 -42.30
N ARG C 35 6.36 2.22 -42.58
CA ARG C 35 4.98 2.08 -42.13
C ARG C 35 4.27 0.84 -42.69
N ASP C 36 4.80 0.24 -43.75
CA ASP C 36 4.24 -0.98 -44.29
C ASP C 36 4.74 -2.23 -43.56
N ALA C 37 5.63 -2.07 -42.58
CA ALA C 37 6.07 -3.13 -41.69
C ALA C 37 6.08 -2.63 -40.26
N SER C 38 5.00 -1.97 -39.86
CA SER C 38 4.96 -1.19 -38.63
C SER C 38 4.28 -1.93 -37.49
N GLN C 39 4.34 -3.25 -37.53
CA GLN C 39 3.73 -4.06 -36.48
C GLN C 39 4.75 -4.59 -35.49
N GLU C 40 6.01 -4.14 -35.58
CA GLU C 40 7.02 -4.42 -34.57
C GLU C 40 7.68 -3.13 -34.06
N TRP C 41 7.00 -1.98 -34.21
CA TRP C 41 7.56 -0.74 -33.70
C TRP C 41 7.50 -0.71 -32.17
N PRO C 42 8.49 -0.12 -31.52
CA PRO C 42 8.45 -0.01 -30.05
C PRO C 42 7.47 1.06 -29.60
N ALA C 43 6.88 0.81 -28.44
CA ALA C 43 5.84 1.67 -27.91
C ALA C 43 6.44 2.96 -27.35
N VAL C 44 5.70 4.06 -27.51
CA VAL C 44 6.07 5.32 -26.90
C VAL C 44 5.80 5.23 -25.41
N THR C 45 6.83 5.41 -24.60
CA THR C 45 6.73 5.28 -23.16
C THR C 45 6.57 6.65 -22.51
N VAL C 46 5.88 6.67 -21.38
CA VAL C 46 5.68 7.90 -20.62
C VAL C 46 6.87 8.07 -19.68
N ARG C 47 7.68 9.08 -19.93
CA ARG C 47 8.81 9.40 -19.06
C ARG C 47 8.36 10.40 -18.01
N GLU C 48 9.33 10.99 -17.32
CA GLU C 48 9.04 12.01 -16.32
C GLU C 48 10.20 12.98 -16.25
N LYS C 49 9.89 14.27 -16.22
CA LYS C 49 10.89 15.31 -16.06
C LYS C 49 10.42 16.31 -15.02
N SER C 50 11.35 17.13 -14.55
CA SER C 50 11.02 18.22 -13.65
C SER C 50 10.97 19.52 -14.46
N VAL C 51 10.22 20.48 -13.94
CA VAL C 51 9.99 21.73 -14.65
C VAL C 51 9.87 22.84 -13.62
N ARG C 52 10.56 23.95 -13.87
CA ARG C 52 10.57 25.11 -13.00
C ARG C 52 9.88 26.25 -13.74
N GLY C 53 8.95 26.91 -13.07
CA GLY C 53 8.19 27.96 -13.67
C GLY C 53 8.29 29.27 -12.91
N THR C 54 7.33 30.15 -13.17
CA THR C 54 7.24 31.42 -12.47
C THR C 54 5.78 31.77 -12.34
N ILE C 55 5.49 32.82 -11.56
CA ILE C 55 4.12 33.26 -11.43
C ILE C 55 3.80 34.12 -12.64
N SER C 56 3.27 33.49 -13.68
CA SER C 56 2.97 34.20 -14.92
C SER C 56 1.48 34.10 -15.21
N ASN C 57 0.65 34.32 -14.21
CA ASN C 57 -0.79 34.24 -14.34
C ASN C 57 -1.40 35.55 -13.88
N ARG C 58 -2.69 35.71 -14.20
CA ARG C 58 -3.39 36.97 -13.97
C ARG C 58 -3.57 37.20 -12.47
N LEU C 59 -2.88 38.20 -11.95
CA LEU C 59 -2.92 38.50 -10.53
C LEU C 59 -4.27 39.08 -10.14
N LYS C 60 -4.65 38.85 -8.88
CA LYS C 60 -5.74 39.60 -8.30
C LYS C 60 -5.22 40.98 -7.94
N THR C 61 -5.93 42.02 -8.36
CA THR C 61 -5.49 43.40 -8.15
C THR C 61 -5.95 43.95 -6.80
N LYS C 62 -5.66 43.18 -5.74
CA LYS C 62 -5.80 43.65 -4.37
C LYS C 62 -4.46 43.90 -3.72
N ASP C 63 -3.39 43.30 -4.24
CA ASP C 63 -2.03 43.56 -3.78
C ASP C 63 -1.12 43.40 -4.99
N ARG C 64 -0.83 44.51 -5.67
CA ARG C 64 0.05 44.53 -6.83
C ARG C 64 1.22 45.47 -6.51
N ASP C 65 2.22 44.93 -5.83
CA ASP C 65 3.42 45.66 -5.45
C ASP C 65 4.64 44.88 -5.89
N PRO C 66 5.78 45.55 -6.13
CA PRO C 66 7.00 44.83 -6.52
C PRO C 66 7.55 43.91 -5.46
N ALA C 67 7.26 44.18 -4.18
CA ALA C 67 7.74 43.32 -3.10
C ALA C 67 7.11 41.94 -3.16
N LYS C 68 5.79 41.87 -3.40
CA LYS C 68 5.12 40.57 -3.46
C LYS C 68 5.48 39.81 -4.73
N LEU C 69 5.71 40.51 -5.85
CA LEU C 69 6.12 39.79 -7.05
C LEU C 69 7.56 39.29 -6.94
N ASP C 70 8.43 40.05 -6.28
CA ASP C 70 9.79 39.57 -6.05
C ASP C 70 9.80 38.41 -5.06
N ALA C 71 8.94 38.46 -4.04
CA ALA C 71 8.79 37.32 -3.14
C ALA C 71 8.17 36.12 -3.83
N SER C 72 7.39 36.33 -4.89
CA SER C 72 6.89 35.22 -5.69
C SER C 72 7.97 34.64 -6.59
N ILE C 73 8.89 35.48 -7.07
CA ILE C 73 10.00 34.99 -7.89
C ILE C 73 10.98 34.20 -7.04
N GLN C 74 11.21 34.62 -5.80
CA GLN C 74 12.22 33.97 -4.95
C GLN C 74 11.84 32.56 -4.53
N SER C 75 10.57 32.17 -4.63
CA SER C 75 10.14 30.79 -4.42
C SER C 75 9.41 30.34 -5.68
N PRO C 76 10.14 29.96 -6.72
CA PRO C 76 9.50 29.57 -7.98
C PRO C 76 8.89 28.18 -7.88
N ASN C 77 7.95 27.93 -8.77
CA ASN C 77 7.19 26.69 -8.74
C ASN C 77 8.04 25.55 -9.27
N LEU C 78 8.12 24.46 -8.50
CA LEU C 78 8.94 23.31 -8.85
C LEU C 78 8.00 22.11 -9.01
N GLN C 79 7.48 21.92 -10.22
CA GLN C 79 6.62 20.79 -10.47
C GLN C 79 7.43 19.59 -10.92
N THR C 80 6.75 18.45 -11.02
CA THR C 80 7.22 17.30 -11.77
C THR C 80 6.07 16.82 -12.65
N VAL C 81 6.33 16.65 -13.93
CA VAL C 81 5.27 16.37 -14.90
C VAL C 81 5.61 15.09 -15.65
N ASP C 82 4.61 14.47 -16.27
CA ASP C 82 4.82 13.37 -17.19
C ASP C 82 4.77 13.91 -18.60
N VAL C 83 5.71 13.45 -19.44
CA VAL C 83 5.75 13.82 -20.83
C VAL C 83 5.94 12.57 -21.68
N ALA C 84 5.57 12.69 -22.95
CA ALA C 84 5.75 11.63 -23.92
C ALA C 84 6.32 12.23 -25.19
N ASN C 85 7.41 11.65 -25.67
CA ASN C 85 8.11 12.13 -26.85
C ASN C 85 8.34 10.96 -27.78
N LEU C 86 8.69 11.26 -29.02
CA LEU C 86 9.29 10.24 -29.86
C LEU C 86 10.75 10.06 -29.48
N PRO C 87 11.35 8.94 -29.86
CA PRO C 87 12.80 8.86 -29.87
C PRO C 87 13.39 9.77 -30.93
N SER C 88 14.71 9.95 -30.87
CA SER C 88 15.39 10.75 -31.87
C SER C 88 15.57 10.02 -33.19
N ASP C 89 15.31 8.71 -33.23
CA ASP C 89 15.43 7.96 -34.46
C ASP C 89 14.16 8.05 -35.30
N ALA C 90 13.02 8.27 -34.65
CA ALA C 90 11.72 8.13 -35.27
C ALA C 90 11.08 9.48 -35.55
N ASP C 91 10.34 9.56 -36.66
CA ASP C 91 9.65 10.77 -37.04
C ASP C 91 8.16 10.56 -37.32
N THR C 92 7.60 9.43 -36.91
CA THR C 92 6.22 9.12 -37.23
C THR C 92 5.58 8.49 -36.00
N LEU C 93 4.34 8.89 -35.73
CA LEU C 93 3.54 8.30 -34.67
C LEU C 93 2.54 7.31 -35.27
N LYS C 94 2.46 6.12 -34.69
CA LYS C 94 1.47 5.12 -35.07
C LYS C 94 0.39 5.07 -34.00
N VAL C 95 -0.87 5.00 -34.42
CA VAL C 95 -2.02 4.97 -33.51
C VAL C 95 -2.99 3.92 -34.02
N ARG C 96 -3.26 2.91 -33.19
CA ARG C 96 -4.01 1.72 -33.60
C ARG C 96 -5.16 1.46 -32.64
N PHE C 97 -6.35 1.24 -33.17
CA PHE C 97 -7.51 0.87 -32.38
C PHE C 97 -8.48 0.10 -33.25
N THR C 98 -9.30 -0.73 -32.63
CA THR C 98 -10.32 -1.51 -33.34
C THR C 98 -11.70 -0.94 -33.07
N LEU C 99 -12.63 -1.19 -33.98
CA LEU C 99 -13.96 -0.62 -33.93
C LEU C 99 -15.00 -1.70 -34.23
N ARG C 100 -15.98 -1.85 -33.33
CA ARG C 100 -17.13 -2.71 -33.57
C ARG C 100 -18.35 -1.86 -33.86
N VAL C 101 -19.11 -2.24 -34.88
CA VAL C 101 -20.39 -1.62 -35.19
C VAL C 101 -21.46 -2.66 -34.94
N LEU C 102 -22.40 -2.37 -34.05
CA LEU C 102 -23.29 -3.40 -33.53
C LEU C 102 -24.57 -3.55 -34.34
N GLY C 103 -25.37 -2.49 -34.40
CA GLY C 103 -26.67 -2.61 -35.04
C GLY C 103 -27.79 -2.87 -34.05
N GLY C 104 -29.01 -2.69 -34.52
CA GLY C 104 -30.15 -2.73 -33.64
C GLY C 104 -30.23 -1.47 -32.80
N ALA C 105 -30.12 -0.32 -33.47
CA ALA C 105 -29.92 0.96 -32.82
C ALA C 105 -31.21 1.65 -32.41
N GLY C 106 -32.30 0.90 -32.25
CA GLY C 106 -33.54 1.51 -31.82
C GLY C 106 -34.14 0.83 -30.61
N THR C 107 -33.63 -0.35 -30.29
CA THR C 107 -34.18 -1.15 -29.20
C THR C 107 -33.61 -0.68 -27.86
N PRO C 108 -34.43 -0.20 -26.93
CA PRO C 108 -33.90 0.19 -25.62
C PRO C 108 -33.59 -1.03 -24.77
N SER C 109 -32.51 -0.95 -24.02
CA SER C 109 -32.11 -2.04 -23.14
C SER C 109 -32.84 -2.01 -21.80
N ALA C 110 -33.60 -0.97 -21.52
CA ALA C 110 -34.40 -0.89 -20.30
C ALA C 110 -35.56 0.05 -20.57
N CYS C 111 -36.79 -0.45 -20.47
CA CYS C 111 -37.95 0.39 -20.76
C CYS C 111 -39.16 -0.20 -20.04
N ASN C 112 -39.86 0.65 -19.26
CA ASN C 112 -40.99 0.17 -18.48
C ASN C 112 -42.22 -0.04 -19.35
N ASP C 113 -42.68 1.04 -19.99
CA ASP C 113 -43.92 0.97 -20.76
C ASP C 113 -43.69 0.24 -22.07
N ALA C 114 -44.55 -0.74 -22.36
CA ALA C 114 -44.46 -1.48 -23.60
C ALA C 114 -45.12 -0.76 -24.77
N ALA C 115 -46.00 0.20 -24.50
CA ALA C 115 -46.58 1.01 -25.57
C ALA C 115 -45.57 2.03 -26.09
N TYR C 116 -44.79 2.63 -25.19
CA TYR C 116 -43.71 3.50 -25.64
C TYR C 116 -42.66 2.71 -26.40
N ARG C 117 -42.44 1.45 -26.01
CA ARG C 117 -41.39 0.63 -26.60
C ARG C 117 -41.68 0.29 -28.05
N ASP C 118 -42.89 -0.20 -28.34
CA ASP C 118 -43.18 -0.53 -29.73
C ASP C 118 -43.61 0.69 -30.54
N LYS C 119 -44.08 1.76 -29.89
CA LYS C 119 -44.24 3.03 -30.61
C LYS C 119 -42.89 3.58 -31.08
N LEU C 120 -41.87 3.51 -30.22
CA LEU C 120 -40.53 3.94 -30.58
C LEU C 120 -39.92 3.05 -31.65
N LEU C 121 -40.14 1.74 -31.54
CA LEU C 121 -39.62 0.83 -32.57
C LEU C 121 -40.31 1.04 -33.91
N GLN C 122 -41.59 1.39 -33.91
CA GLN C 122 -42.26 1.69 -35.19
C GLN C 122 -41.78 3.01 -35.77
N THR C 123 -41.51 4.01 -34.92
CA THR C 123 -40.98 5.29 -35.40
C THR C 123 -39.59 5.13 -36.00
N VAL C 124 -38.70 4.41 -35.31
CA VAL C 124 -37.36 4.19 -35.85
C VAL C 124 -37.42 3.26 -37.07
N ALA C 125 -38.40 2.36 -37.12
CA ALA C 125 -38.60 1.53 -38.30
C ALA C 125 -39.04 2.35 -39.51
N THR C 126 -39.88 3.37 -39.27
CA THR C 126 -40.25 4.29 -40.34
C THR C 126 -39.05 5.10 -40.82
N TYR C 127 -38.20 5.54 -39.89
CA TYR C 127 -36.98 6.25 -40.25
C TYR C 127 -36.06 5.40 -41.12
N VAL C 128 -35.86 4.14 -40.73
CA VAL C 128 -35.00 3.26 -41.53
C VAL C 128 -35.68 2.87 -42.82
N ASN C 129 -37.01 2.89 -42.85
CA ASN C 129 -37.77 2.57 -44.06
C ASN C 129 -37.57 3.63 -45.14
N ASP C 130 -37.92 4.88 -44.84
CA ASP C 130 -37.96 5.87 -45.92
C ASP C 130 -36.57 6.34 -46.37
N GLN C 131 -35.53 6.05 -45.60
CA GLN C 131 -34.15 6.35 -45.96
C GLN C 131 -33.24 5.49 -45.09
N GLY C 132 -32.04 5.20 -45.59
CA GLY C 132 -31.18 4.32 -44.84
C GLY C 132 -30.49 5.01 -43.67
N PHE C 133 -29.42 4.40 -43.17
CA PHE C 133 -28.49 5.08 -42.29
C PHE C 133 -27.41 5.82 -43.06
N ALA C 134 -27.61 6.07 -44.35
CA ALA C 134 -26.53 6.42 -45.26
C ALA C 134 -25.95 7.80 -44.99
N GLU C 135 -26.76 8.74 -44.50
CA GLU C 135 -26.24 10.06 -44.17
C GLU C 135 -25.35 10.01 -42.93
N LEU C 136 -25.86 9.38 -41.87
CA LEU C 136 -25.08 9.23 -40.65
C LEU C 136 -23.87 8.34 -40.87
N ALA C 137 -24.02 7.25 -41.62
CA ALA C 137 -22.88 6.39 -41.90
C ALA C 137 -21.85 7.07 -42.77
N ARG C 138 -22.30 7.95 -43.67
CA ARG C 138 -21.36 8.74 -44.46
C ARG C 138 -20.59 9.72 -43.60
N ARG C 139 -21.26 10.33 -42.62
CA ARG C 139 -20.56 11.28 -41.75
C ARG C 139 -19.60 10.59 -40.79
N TYR C 140 -19.97 9.41 -40.27
CA TYR C 140 -19.04 8.64 -39.43
C TYR C 140 -17.86 8.13 -40.24
N ALA C 141 -18.10 7.71 -41.48
CA ALA C 141 -17.01 7.28 -42.34
C ALA C 141 -16.11 8.44 -42.72
N HIS C 142 -16.67 9.65 -42.82
CA HIS C 142 -15.87 10.83 -43.07
C HIS C 142 -15.00 11.17 -41.87
N ASN C 143 -15.51 10.95 -40.65
CA ASN C 143 -14.67 11.13 -39.46
C ASN C 143 -13.58 10.06 -39.35
N LEU C 144 -13.85 8.83 -39.79
CA LEU C 144 -12.79 7.83 -39.85
C LEU C 144 -11.76 8.15 -40.92
N ALA C 145 -12.20 8.74 -42.03
CA ALA C 145 -11.31 8.94 -43.18
C ALA C 145 -10.29 10.03 -42.91
N ASN C 146 -10.69 11.12 -42.27
CA ASN C 146 -9.70 12.03 -41.73
C ASN C 146 -9.30 11.55 -40.34
N ALA C 147 -8.50 12.34 -39.64
CA ALA C 147 -7.92 11.85 -38.40
C ALA C 147 -8.31 12.69 -37.20
N ARG C 148 -9.61 12.92 -37.00
CA ARG C 148 -10.12 13.60 -35.81
C ARG C 148 -9.63 12.96 -34.51
N PHE C 149 -9.46 11.64 -34.49
CA PHE C 149 -9.00 10.98 -33.29
C PHE C 149 -7.54 11.27 -32.95
N LEU C 150 -6.77 11.84 -33.88
CA LEU C 150 -5.49 12.45 -33.57
C LEU C 150 -5.78 13.90 -33.20
N TRP C 151 -5.88 14.19 -31.91
CA TRP C 151 -6.41 15.49 -31.50
C TRP C 151 -5.42 16.62 -31.67
N ARG C 152 -4.33 16.59 -30.91
CA ARG C 152 -3.26 17.55 -31.09
C ARG C 152 -2.08 16.92 -31.83
N ASN C 153 -2.14 15.60 -32.03
CA ASN C 153 -1.14 14.87 -32.80
C ASN C 153 -1.30 15.07 -34.29
N ARG C 154 -2.37 15.73 -34.73
CA ARG C 154 -2.58 16.05 -36.14
C ARG C 154 -2.16 17.47 -36.47
N VAL C 155 -2.23 18.37 -35.49
CA VAL C 155 -1.98 19.79 -35.69
C VAL C 155 -0.52 20.00 -36.08
N GLY C 156 -0.31 20.47 -37.30
CA GLY C 156 1.03 20.73 -37.79
C GLY C 156 1.82 19.47 -38.13
N ALA C 157 1.30 18.69 -39.06
CA ALA C 157 1.95 17.47 -39.49
C ALA C 157 2.17 17.53 -40.99
N GLU C 158 3.23 16.86 -41.46
CA GLU C 158 3.51 16.82 -42.90
C GLU C 158 2.48 15.96 -43.63
N ALA C 159 2.26 14.73 -43.15
CA ALA C 159 1.42 13.79 -43.86
C ALA C 159 0.73 12.92 -42.83
N VAL C 160 -0.59 12.93 -42.83
CA VAL C 160 -1.39 12.04 -42.00
C VAL C 160 -2.15 11.11 -42.93
N GLU C 161 -2.06 9.80 -42.68
CA GLU C 161 -2.77 8.88 -43.55
C GLU C 161 -3.27 7.69 -42.73
N VAL C 162 -4.49 7.29 -43.01
CA VAL C 162 -5.27 6.37 -42.18
C VAL C 162 -5.49 5.10 -42.97
N ARG C 163 -5.26 3.95 -42.33
CA ARG C 163 -5.50 2.65 -42.93
C ARG C 163 -6.60 1.94 -42.16
N ILE C 164 -7.63 1.49 -42.86
CA ILE C 164 -8.81 0.90 -42.25
C ILE C 164 -9.03 -0.48 -42.87
N ASN C 165 -8.82 -1.52 -42.08
CA ASN C 165 -9.06 -2.88 -42.53
C ASN C 165 -10.45 -3.35 -42.09
N HIS C 166 -10.95 -4.37 -42.79
CA HIS C 166 -12.18 -5.06 -42.42
C HIS C 166 -11.85 -6.53 -42.21
N ILE C 167 -12.25 -7.06 -41.06
CA ILE C 167 -11.75 -8.34 -40.57
C ILE C 167 -12.90 -9.32 -40.44
N ARG C 168 -12.84 -10.40 -41.22
CA ARG C 168 -13.86 -11.45 -41.17
C ARG C 168 -13.62 -12.44 -40.04
N GLN C 169 -12.52 -13.18 -40.11
CA GLN C 169 -12.20 -14.26 -39.17
C GLN C 169 -10.75 -14.14 -38.73
N GLY C 170 -10.36 -12.94 -38.30
CA GLY C 170 -8.95 -12.68 -38.12
C GLY C 170 -8.22 -12.58 -39.44
N GLU C 171 -8.85 -11.96 -40.43
CA GLU C 171 -8.43 -12.09 -41.82
C GLU C 171 -8.97 -10.90 -42.59
N VAL C 172 -8.10 -10.25 -43.36
CA VAL C 172 -8.46 -9.02 -44.05
C VAL C 172 -9.36 -9.33 -45.24
N ALA C 173 -10.54 -8.72 -45.26
CA ALA C 173 -11.45 -8.82 -46.39
C ALA C 173 -11.36 -7.66 -47.35
N ARG C 174 -11.43 -6.43 -46.86
CA ARG C 174 -11.42 -5.24 -47.71
C ARG C 174 -10.57 -4.20 -47.02
N ALA C 175 -9.49 -3.78 -47.68
CA ALA C 175 -8.54 -2.83 -47.12
C ALA C 175 -8.71 -1.48 -47.82
N TRP C 176 -8.86 -0.43 -47.03
CA TRP C 176 -8.83 0.93 -47.52
C TRP C 176 -7.52 1.60 -47.11
N ARG C 177 -7.21 2.71 -47.78
CA ARG C 177 -6.02 3.49 -47.46
C ARG C 177 -6.27 4.91 -47.92
N PHE C 178 -6.34 5.85 -46.98
CA PHE C 178 -6.72 7.22 -47.28
C PHE C 178 -5.56 8.18 -47.06
N ASP C 179 -5.86 9.46 -47.28
CA ASP C 179 -4.91 10.57 -47.09
C ASP C 179 -5.67 11.65 -46.34
N ALA C 180 -5.46 11.71 -45.02
CA ALA C 180 -6.34 12.45 -44.13
C ALA C 180 -6.19 13.96 -44.23
N LEU C 181 -5.17 14.47 -44.89
CA LEU C 181 -5.04 15.91 -45.05
C LEU C 181 -5.77 16.43 -46.28
N ALA C 182 -5.87 15.63 -47.33
CA ALA C 182 -6.64 16.02 -48.50
C ALA C 182 -8.13 16.01 -48.20
N ILE C 183 -8.58 15.00 -47.45
CA ILE C 183 -9.95 15.01 -46.94
C ILE C 183 -10.05 16.08 -45.87
N GLY C 184 -11.08 16.91 -45.96
CA GLY C 184 -11.17 18.11 -45.17
C GLY C 184 -11.48 17.88 -43.70
N LEU C 185 -11.74 18.98 -43.02
CA LEU C 185 -12.00 18.96 -41.59
C LEU C 185 -13.35 19.58 -41.25
N ARG C 186 -13.93 20.41 -42.13
CA ARG C 186 -15.14 21.15 -41.81
C ARG C 186 -16.35 20.81 -42.67
N ASP C 187 -16.20 20.13 -43.79
CA ASP C 187 -17.35 19.87 -44.65
C ASP C 187 -17.35 18.41 -45.08
N PHE C 188 -18.55 17.87 -45.26
CA PHE C 188 -18.74 16.44 -45.52
C PHE C 188 -19.01 16.22 -47.00
N LYS C 189 -17.95 15.91 -47.74
CA LYS C 189 -18.04 15.61 -49.16
C LYS C 189 -18.01 14.09 -49.36
N ALA C 190 -17.88 13.66 -50.62
CA ALA C 190 -17.98 12.26 -50.98
C ALA C 190 -16.72 11.82 -51.72
N ASP C 191 -16.63 10.51 -51.94
CA ASP C 191 -15.53 9.83 -52.62
C ASP C 191 -16.03 8.41 -52.88
N ALA C 192 -15.33 7.69 -53.76
CA ALA C 192 -15.75 6.33 -54.09
C ALA C 192 -15.51 5.37 -52.94
N GLU C 193 -14.26 5.30 -52.44
CA GLU C 193 -13.95 4.42 -51.32
C GLU C 193 -14.60 4.92 -50.03
N LEU C 194 -14.80 6.22 -49.90
CA LEU C 194 -15.51 6.74 -48.74
C LEU C 194 -16.98 6.34 -48.77
N ASP C 195 -17.60 6.32 -49.95
CA ASP C 195 -18.97 5.82 -50.03
C ASP C 195 -19.04 4.32 -49.83
N ALA C 196 -18.00 3.57 -50.21
CA ALA C 196 -17.97 2.15 -49.91
C ALA C 196 -17.86 1.89 -48.41
N LEU C 197 -17.05 2.69 -47.72
CA LEU C 197 -16.97 2.59 -46.26
C LEU C 197 -18.28 3.01 -45.61
N ALA C 198 -18.99 3.97 -46.21
CA ALA C 198 -20.30 4.33 -45.71
C ALA C 198 -21.32 3.22 -45.92
N GLU C 199 -21.22 2.48 -47.04
CA GLU C 199 -22.06 1.31 -47.26
C GLU C 199 -21.79 0.25 -46.20
N LEU C 200 -20.52 0.04 -45.85
CA LEU C 200 -20.17 -0.96 -44.84
C LEU C 200 -20.68 -0.56 -43.46
N ILE C 201 -20.49 0.69 -43.05
CA ILE C 201 -20.94 1.14 -41.74
C ILE C 201 -22.47 1.19 -41.69
N ALA C 202 -23.13 1.50 -42.82
CA ALA C 202 -24.59 1.48 -42.84
C ALA C 202 -25.15 0.07 -42.79
N SER C 203 -24.44 -0.90 -43.38
CA SER C 203 -24.88 -2.29 -43.24
C SER C 203 -24.65 -2.79 -41.83
N GLY C 204 -23.61 -2.30 -41.15
CA GLY C 204 -23.40 -2.67 -39.77
C GLY C 204 -24.43 -2.08 -38.83
N LEU C 205 -24.80 -0.82 -39.04
CA LEU C 205 -25.78 -0.18 -38.17
C LEU C 205 -27.18 -0.72 -38.39
N SER C 206 -27.51 -1.12 -39.61
CA SER C 206 -28.84 -1.64 -39.88
C SER C 206 -29.04 -3.04 -39.30
N GLY C 207 -27.98 -3.84 -39.23
CA GLY C 207 -28.07 -5.16 -38.67
C GLY C 207 -28.02 -6.23 -39.75
N SER C 208 -27.23 -5.98 -40.79
CA SER C 208 -27.17 -6.87 -41.95
C SER C 208 -25.79 -7.50 -42.11
N GLY C 209 -25.04 -7.66 -41.03
CA GLY C 209 -23.71 -8.23 -41.13
C GLY C 209 -22.93 -7.95 -39.87
N HIS C 210 -21.69 -8.41 -39.85
CA HIS C 210 -20.79 -8.17 -38.73
C HIS C 210 -19.62 -7.31 -39.22
N VAL C 211 -19.49 -6.12 -38.64
CA VAL C 211 -18.46 -5.16 -39.02
C VAL C 211 -17.49 -5.04 -37.86
N LEU C 212 -16.25 -5.44 -38.10
CA LEU C 212 -15.14 -5.22 -37.18
C LEU C 212 -14.04 -4.49 -37.95
N LEU C 213 -13.93 -3.20 -37.73
CA LEU C 213 -12.92 -2.40 -38.41
C LEU C 213 -11.66 -2.30 -37.56
N GLU C 214 -10.55 -2.06 -38.23
CA GLU C 214 -9.25 -1.99 -37.56
C GLU C 214 -8.50 -0.80 -38.14
N VAL C 215 -8.41 0.29 -37.38
CA VAL C 215 -7.94 1.57 -37.89
C VAL C 215 -6.52 1.83 -37.40
N VAL C 216 -5.63 2.21 -38.33
CA VAL C 216 -4.26 2.56 -38.03
C VAL C 216 -3.95 3.90 -38.70
N ALA C 217 -3.40 4.83 -37.93
CA ALA C 217 -3.07 6.17 -38.43
C ALA C 217 -1.58 6.43 -38.28
N PHE C 218 -0.98 7.05 -39.29
CA PHE C 218 0.43 7.42 -39.28
C PHE C 218 0.55 8.92 -39.45
N ALA C 219 0.89 9.62 -38.38
CA ALA C 219 1.04 11.07 -38.39
C ALA C 219 2.53 11.39 -38.38
N ARG C 220 3.03 11.94 -39.49
CA ARG C 220 4.44 12.28 -39.60
C ARG C 220 4.68 13.62 -38.93
N ILE C 221 5.52 13.63 -37.91
CA ILE C 221 5.71 14.84 -37.11
C ILE C 221 7.17 15.29 -37.19
N GLY C 222 8.08 14.46 -36.73
CA GLY C 222 9.48 14.81 -36.73
C GLY C 222 10.22 14.07 -35.64
N ASP C 223 11.54 14.25 -35.64
CA ASP C 223 12.41 13.50 -34.73
C ASP C 223 12.30 14.05 -33.31
N GLY C 224 11.88 13.21 -32.38
CA GLY C 224 11.92 13.54 -30.97
C GLY C 224 10.86 14.50 -30.50
N GLN C 225 9.87 14.82 -31.32
CA GLN C 225 8.85 15.78 -30.92
C GLN C 225 7.91 15.19 -29.89
N GLU C 226 7.12 16.06 -29.27
CA GLU C 226 6.23 15.66 -28.21
C GLU C 226 4.90 15.16 -28.76
N VAL C 227 4.48 13.99 -28.33
CA VAL C 227 3.15 13.48 -28.61
C VAL C 227 2.28 13.74 -27.40
N PHE C 228 0.98 13.58 -27.58
CA PHE C 228 0.00 13.95 -26.57
C PHE C 228 -0.92 12.77 -26.28
N PRO C 229 -0.55 11.89 -25.36
CA PRO C 229 -1.52 10.94 -24.83
C PRO C 229 -2.55 11.67 -23.97
N SER C 230 -3.62 10.95 -23.66
CA SER C 230 -4.68 11.53 -22.86
C SER C 230 -4.26 11.62 -21.41
N GLN C 231 -4.82 12.60 -20.72
CA GLN C 231 -4.39 12.98 -19.38
C GLN C 231 -5.36 12.42 -18.35
N GLU C 232 -4.85 12.09 -17.17
CA GLU C 232 -5.62 11.46 -16.12
C GLU C 232 -6.02 12.43 -15.01
N LEU C 233 -7.08 12.07 -14.31
CA LEU C 233 -7.55 12.81 -13.14
C LEU C 233 -6.80 12.33 -11.91
N ILE C 234 -5.84 13.12 -11.45
CA ILE C 234 -5.31 13.01 -10.10
C ILE C 234 -5.65 14.30 -9.38
N LEU C 235 -5.96 14.20 -8.09
CA LEU C 235 -6.44 15.35 -7.35
C LEU C 235 -5.60 15.50 -6.09
N ASP C 236 -4.89 16.62 -5.99
CA ASP C 236 -4.03 16.90 -4.85
C ASP C 236 -4.91 17.42 -3.73
N LYS C 237 -5.07 16.64 -2.68
CA LYS C 237 -5.93 16.98 -1.56
C LYS C 237 -5.28 17.94 -0.58
N GLY C 238 -4.04 18.37 -0.84
CA GLY C 238 -3.27 19.09 0.15
C GLY C 238 -2.43 18.21 1.04
N ASP C 239 -2.30 16.93 0.72
CA ASP C 239 -1.48 16.02 1.49
C ASP C 239 -0.01 16.19 1.12
N LYS C 240 0.86 15.38 1.71
CA LYS C 240 2.29 15.62 1.68
C LYS C 240 2.90 15.18 0.35
N LYS C 241 4.24 15.20 0.32
CA LYS C 241 5.18 14.80 -0.73
C LYS C 241 5.22 15.79 -1.90
N GLY C 242 4.26 16.72 -1.97
CA GLY C 242 4.19 17.61 -3.13
C GLY C 242 3.97 16.82 -4.40
N GLN C 243 2.76 16.31 -4.59
CA GLN C 243 2.45 15.27 -5.57
C GLN C 243 2.73 15.72 -7.00
N LYS C 244 2.78 14.75 -7.90
CA LYS C 244 2.94 15.00 -9.33
C LYS C 244 1.77 15.82 -9.85
N SER C 245 2.06 16.71 -10.80
CA SER C 245 1.05 17.66 -11.26
C SER C 245 0.36 17.25 -12.56
N LYS C 246 0.91 16.28 -13.28
CA LYS C 246 0.37 15.91 -14.59
C LYS C 246 0.71 14.44 -14.86
N THR C 247 -0.32 13.61 -15.01
CA THR C 247 -0.14 12.18 -15.26
C THR C 247 -0.80 11.84 -16.58
N LEU C 248 -0.08 11.12 -17.44
CA LEU C 248 -0.56 10.71 -18.74
C LEU C 248 -1.03 9.26 -18.69
N TYR C 249 -2.08 8.96 -19.44
CA TYR C 249 -2.69 7.64 -19.41
C TYR C 249 -1.84 6.64 -20.16
N SER C 250 -1.68 5.46 -19.57
CA SER C 250 -0.88 4.43 -20.19
C SER C 250 -1.49 3.06 -19.92
N VAL C 251 -0.89 2.06 -20.54
CA VAL C 251 -1.16 0.65 -20.34
C VAL C 251 0.19 0.07 -19.98
N ARG C 252 0.35 -1.26 -20.06
CA ARG C 252 1.58 -1.88 -19.61
C ARG C 252 2.75 -1.46 -20.51
N ASP C 253 3.36 -0.32 -20.14
CA ASP C 253 4.49 0.30 -20.83
C ASP C 253 4.17 0.70 -22.27
N ALA C 254 3.12 1.50 -22.43
CA ALA C 254 2.78 2.12 -23.70
C ALA C 254 1.85 3.30 -23.43
N ALA C 255 2.16 4.45 -24.04
CA ALA C 255 1.28 5.61 -23.93
C ALA C 255 0.01 5.38 -24.75
N ALA C 256 -1.09 5.97 -24.30
CA ALA C 256 -2.38 5.60 -24.87
C ALA C 256 -3.34 6.76 -24.86
N ILE C 257 -4.39 6.63 -25.66
CA ILE C 257 -5.52 7.55 -25.68
C ILE C 257 -6.73 6.76 -25.19
N HIS C 258 -7.67 7.42 -24.51
CA HIS C 258 -8.84 6.72 -24.01
C HIS C 258 -9.74 6.26 -25.15
N SER C 259 -10.73 5.44 -24.81
CA SER C 259 -11.71 5.01 -25.80
C SER C 259 -12.81 6.04 -25.99
N GLN C 260 -13.21 6.73 -24.92
CA GLN C 260 -14.28 7.70 -25.07
C GLN C 260 -13.84 8.94 -25.83
N LYS C 261 -12.54 9.23 -25.88
CA LYS C 261 -12.08 10.38 -26.64
C LYS C 261 -12.12 10.10 -28.14
N ILE C 262 -11.74 8.89 -28.53
CA ILE C 262 -11.86 8.46 -29.92
C ILE C 262 -13.33 8.36 -30.31
N GLY C 263 -14.17 7.84 -29.42
CA GLY C 263 -15.59 7.78 -29.70
C GLY C 263 -16.22 9.15 -29.83
N ASN C 264 -15.71 10.13 -29.09
CA ASN C 264 -16.14 11.51 -29.28
C ASN C 264 -15.69 12.03 -30.64
N ALA C 265 -14.46 11.74 -31.03
CA ALA C 265 -13.95 12.23 -32.30
C ALA C 265 -14.64 11.59 -33.49
N LEU C 266 -15.22 10.41 -33.31
CA LEU C 266 -15.95 9.79 -34.42
C LEU C 266 -17.32 10.41 -34.63
N ARG C 267 -18.00 10.81 -33.56
CA ARG C 267 -19.37 11.33 -33.67
C ARG C 267 -19.41 12.85 -33.72
N THR C 268 -18.37 13.49 -34.24
CA THR C 268 -18.39 14.94 -34.41
C THR C 268 -19.01 15.24 -35.76
N ILE C 269 -20.34 15.30 -35.74
CA ILE C 269 -21.18 15.24 -36.92
C ILE C 269 -22.10 16.46 -37.02
N ASP C 270 -22.66 16.89 -35.88
CA ASP C 270 -23.79 17.79 -35.80
C ASP C 270 -23.49 19.16 -36.40
N THR C 271 -24.06 19.41 -37.57
CA THR C 271 -23.95 20.70 -38.24
C THR C 271 -25.27 21.44 -38.31
N TRP C 272 -26.28 20.99 -37.58
CA TRP C 272 -27.59 21.59 -37.66
C TRP C 272 -28.01 22.31 -36.40
N TYR C 273 -27.06 22.59 -35.51
CA TYR C 273 -27.33 23.50 -34.42
C TYR C 273 -27.55 24.90 -34.97
N PRO C 274 -28.51 25.65 -34.43
CA PRO C 274 -29.06 26.82 -35.15
C PRO C 274 -28.18 28.05 -35.16
N ASP C 275 -26.94 28.00 -34.70
CA ASP C 275 -26.14 29.21 -34.57
C ASP C 275 -25.67 29.74 -35.92
N GLU C 276 -24.79 29.00 -36.61
CA GLU C 276 -24.18 29.48 -37.83
C GLU C 276 -23.59 28.29 -38.58
N ASP C 277 -22.96 28.59 -39.73
CA ASP C 277 -22.41 27.58 -40.62
C ASP C 277 -20.89 27.52 -40.61
N GLY C 278 -20.21 28.65 -40.43
CA GLY C 278 -18.77 28.69 -40.47
C GLY C 278 -18.06 28.33 -39.18
N LEU C 279 -18.60 27.39 -38.40
CA LEU C 279 -17.97 26.98 -37.15
C LEU C 279 -17.69 25.49 -37.09
N GLY C 280 -18.15 24.72 -38.07
CA GLY C 280 -17.84 23.32 -38.16
C GLY C 280 -18.77 22.46 -37.34
N PRO C 281 -18.62 21.14 -37.45
CA PRO C 281 -19.48 20.23 -36.70
C PRO C 281 -19.07 20.12 -35.25
N ILE C 282 -20.06 19.88 -34.40
CA ILE C 282 -19.83 19.56 -33.01
C ILE C 282 -20.28 18.13 -32.77
N ALA C 283 -20.01 17.64 -31.56
CA ALA C 283 -20.31 16.26 -31.24
C ALA C 283 -21.80 16.09 -30.96
N VAL C 284 -22.34 14.98 -31.43
CA VAL C 284 -23.76 14.71 -31.26
C VAL C 284 -24.01 14.26 -29.83
N GLU C 285 -24.70 15.08 -29.06
CA GLU C 285 -25.06 14.73 -27.70
C GLU C 285 -26.30 15.51 -27.32
N PRO C 286 -27.05 15.08 -26.30
CA PRO C 286 -28.16 15.90 -25.81
C PRO C 286 -27.65 17.21 -25.23
N TYR C 287 -28.45 18.27 -25.42
CA TYR C 287 -28.17 19.66 -25.05
C TYR C 287 -26.93 20.24 -25.73
N GLY C 288 -26.45 19.60 -26.80
CA GLY C 288 -25.42 20.08 -27.71
C GLY C 288 -24.19 20.76 -27.15
N SER C 289 -23.77 20.38 -25.96
CA SER C 289 -22.85 21.18 -25.16
C SER C 289 -21.39 20.90 -25.56
N VAL C 290 -20.63 21.96 -25.74
CA VAL C 290 -19.19 21.90 -25.92
C VAL C 290 -18.60 22.51 -24.66
N THR C 291 -18.20 21.67 -23.72
CA THR C 291 -17.79 22.16 -22.41
C THR C 291 -16.37 22.69 -22.39
N SER C 292 -15.57 22.41 -23.43
CA SER C 292 -14.23 22.99 -23.47
C SER C 292 -14.29 24.47 -23.79
N GLN C 293 -15.19 24.88 -24.68
CA GLN C 293 -15.44 26.29 -24.97
C GLN C 293 -16.54 26.88 -24.11
N GLY C 294 -17.08 26.12 -23.16
CA GLY C 294 -18.03 26.66 -22.21
C GLY C 294 -19.41 26.98 -22.75
N LYS C 295 -19.68 26.69 -24.02
CA LYS C 295 -20.92 27.06 -24.68
C LYS C 295 -21.72 25.80 -24.98
N ALA C 296 -22.99 25.81 -24.62
CA ALA C 296 -23.93 24.76 -24.99
C ALA C 296 -24.83 25.30 -26.08
N TYR C 297 -24.59 24.87 -27.31
CA TYR C 297 -25.59 25.03 -28.36
C TYR C 297 -26.75 24.12 -28.05
N ARG C 298 -27.90 24.39 -28.68
CA ARG C 298 -29.07 23.52 -28.68
C ARG C 298 -29.62 23.34 -27.26
N GLN C 299 -30.03 24.45 -26.67
CA GLN C 299 -30.57 24.49 -25.31
C GLN C 299 -32.10 24.35 -25.34
N PRO C 300 -32.74 24.14 -24.19
CA PRO C 300 -34.20 24.22 -24.14
C PRO C 300 -34.79 25.62 -24.24
N LYS C 301 -33.99 26.67 -24.45
CA LYS C 301 -34.55 27.98 -24.78
C LYS C 301 -35.24 27.93 -26.14
N GLN C 302 -34.51 27.49 -27.17
CA GLN C 302 -35.14 27.09 -28.41
C GLN C 302 -35.63 25.65 -28.27
N LYS C 303 -36.15 25.07 -29.34
CA LYS C 303 -36.84 23.79 -29.27
C LYS C 303 -36.16 22.72 -30.11
N LEU C 304 -34.87 22.87 -30.37
CA LEU C 304 -34.12 21.88 -31.14
C LEU C 304 -33.45 20.84 -30.26
N ASP C 305 -33.77 20.81 -28.96
CA ASP C 305 -33.23 19.86 -28.01
C ASP C 305 -33.63 18.43 -28.38
N PHE C 306 -32.82 17.46 -27.93
CA PHE C 306 -33.09 16.06 -28.25
C PHE C 306 -34.34 15.54 -27.56
N TYR C 307 -34.56 15.92 -26.30
CA TYR C 307 -35.72 15.43 -25.56
C TYR C 307 -37.01 15.98 -26.15
N THR C 308 -37.00 17.26 -26.53
CA THR C 308 -38.15 17.90 -27.16
C THR C 308 -38.46 17.27 -28.52
N LEU C 309 -37.43 17.10 -29.35
CA LEU C 309 -37.64 16.52 -30.67
C LEU C 309 -38.09 15.07 -30.59
N LEU C 310 -37.56 14.31 -29.61
CA LEU C 310 -37.95 12.91 -29.45
C LEU C 310 -39.39 12.79 -28.97
N ASP C 311 -39.79 13.64 -28.01
CA ASP C 311 -41.16 13.57 -27.52
C ASP C 311 -42.16 14.03 -28.58
N ASN C 312 -41.80 15.02 -29.38
CA ASN C 312 -42.69 15.41 -30.45
C ASN C 312 -42.71 14.39 -31.59
N TRP C 313 -41.64 13.63 -31.76
CA TRP C 313 -41.56 12.69 -32.87
C TRP C 313 -42.09 11.31 -32.51
N VAL C 314 -42.30 11.02 -31.24
CA VAL C 314 -42.84 9.74 -30.79
C VAL C 314 -44.26 9.89 -30.23
N LEU C 315 -44.44 10.77 -29.26
CA LEU C 315 -45.73 10.83 -28.56
C LEU C 315 -46.81 11.49 -29.38
N ARG C 316 -46.45 12.47 -30.21
CA ARG C 316 -47.43 13.30 -30.89
C ARG C 316 -47.42 13.15 -32.41
N ASP C 317 -46.48 12.35 -32.94
CA ASP C 317 -46.31 12.10 -34.38
C ASP C 317 -46.08 13.42 -35.14
N GLU C 318 -45.36 14.33 -34.51
CA GLU C 318 -44.99 15.61 -35.12
C GLU C 318 -43.54 15.46 -35.59
N ALA C 319 -43.38 14.93 -36.78
CA ALA C 319 -42.04 14.63 -37.28
C ALA C 319 -41.32 15.91 -37.63
N PRO C 320 -40.10 16.13 -37.12
CA PRO C 320 -39.33 17.33 -37.47
C PRO C 320 -38.75 17.25 -38.87
N ALA C 321 -37.90 18.21 -39.22
CA ALA C 321 -37.19 18.16 -40.48
C ALA C 321 -36.25 16.97 -40.54
N VAL C 322 -35.79 16.67 -41.75
CA VAL C 322 -35.02 15.46 -42.00
C VAL C 322 -33.69 15.52 -41.26
N GLU C 323 -33.09 16.72 -41.20
CA GLU C 323 -31.83 16.92 -40.51
C GLU C 323 -31.96 16.67 -39.00
N GLN C 324 -33.10 17.04 -38.41
CA GLN C 324 -33.30 16.77 -37.01
C GLN C 324 -33.65 15.32 -36.75
N GLN C 325 -34.24 14.63 -37.73
CA GLN C 325 -34.38 13.19 -37.65
C GLN C 325 -33.02 12.50 -37.64
N HIS C 326 -32.08 13.01 -38.44
CA HIS C 326 -30.72 12.48 -38.42
C HIS C 326 -30.07 12.71 -37.06
N TYR C 327 -30.31 13.87 -36.46
CA TYR C 327 -29.78 14.17 -35.14
C TYR C 327 -30.33 13.23 -34.06
N VAL C 328 -31.64 12.98 -34.08
CA VAL C 328 -32.25 12.13 -33.06
C VAL C 328 -31.80 10.68 -33.20
N ILE C 329 -31.66 10.21 -34.44
CA ILE C 329 -31.16 8.85 -34.62
C ILE C 329 -29.68 8.76 -34.28
N ALA C 330 -28.93 9.85 -34.44
CA ALA C 330 -27.53 9.83 -34.02
C ALA C 330 -27.39 9.80 -32.50
N ASN C 331 -28.30 10.47 -31.79
CA ASN C 331 -28.31 10.33 -30.34
C ASN C 331 -28.74 8.94 -29.89
N LEU C 332 -29.60 8.28 -30.66
CA LEU C 332 -29.92 6.89 -30.30
C LEU C 332 -28.77 5.94 -30.58
N ILE C 333 -27.94 6.24 -31.59
CA ILE C 333 -26.72 5.47 -31.79
C ILE C 333 -25.71 5.74 -30.68
N ARG C 334 -25.68 6.96 -30.15
CA ARG C 334 -24.80 7.29 -29.04
C ARG C 334 -25.14 6.52 -27.77
N GLY C 335 -26.43 6.41 -27.46
CA GLY C 335 -26.85 5.77 -26.23
C GLY C 335 -26.78 6.71 -25.05
N GLY C 336 -27.35 6.26 -23.94
CA GLY C 336 -27.33 7.06 -22.72
C GLY C 336 -28.50 6.72 -21.83
N VAL C 337 -28.57 7.47 -20.73
CA VAL C 337 -29.58 7.27 -19.70
C VAL C 337 -30.64 8.34 -19.90
N PHE C 338 -31.79 7.93 -20.42
CA PHE C 338 -32.88 8.83 -20.78
C PHE C 338 -34.05 8.54 -19.85
N GLY C 339 -34.94 9.50 -19.71
CA GLY C 339 -35.99 9.37 -18.73
C GLY C 339 -35.58 9.90 -17.37
N GLU C 340 -36.58 10.18 -16.54
CA GLU C 340 -36.34 10.82 -15.24
C GLU C 340 -35.87 9.83 -14.19
N ILE D 7 -59.17 -27.84 6.90
CA ILE D 7 -57.92 -28.16 7.58
C ILE D 7 -56.76 -28.06 6.60
N LEU D 8 -55.57 -28.47 7.09
CA LEU D 8 -54.32 -28.51 6.33
C LEU D 8 -53.96 -27.12 5.79
N SER D 9 -53.62 -26.23 6.71
CA SER D 9 -53.17 -24.90 6.35
C SER D 9 -51.72 -24.95 5.85
N THR D 10 -51.23 -23.83 5.35
CA THR D 10 -49.88 -23.77 4.82
C THR D 10 -48.86 -23.74 5.94
N ALA D 11 -47.64 -24.20 5.62
CA ALA D 11 -46.55 -24.17 6.57
C ALA D 11 -45.98 -22.76 6.68
N SER D 12 -45.85 -22.27 7.91
CA SER D 12 -45.43 -20.89 8.11
C SER D 12 -43.95 -20.67 7.82
N VAL D 13 -43.14 -21.74 7.84
CA VAL D 13 -41.73 -21.68 7.46
C VAL D 13 -41.51 -22.73 6.39
N LEU D 14 -41.21 -22.29 5.17
CA LEU D 14 -40.70 -23.16 4.14
C LEU D 14 -39.37 -22.61 3.65
N ALA D 15 -38.46 -23.52 3.32
CA ALA D 15 -37.18 -23.13 2.77
C ALA D 15 -36.67 -24.29 1.94
N PHE D 16 -36.14 -23.97 0.78
CA PHE D 16 -35.55 -24.95 -0.12
C PHE D 16 -34.15 -24.46 -0.45
N GLU D 17 -33.15 -25.29 -0.17
CA GLU D 17 -31.83 -24.91 -0.64
C GLU D 17 -31.75 -25.16 -2.12
N ARG D 18 -30.92 -24.38 -2.79
CA ARG D 18 -30.90 -24.41 -4.24
C ARG D 18 -30.20 -25.66 -4.75
N LYS D 19 -30.63 -26.10 -5.91
CA LYS D 19 -29.89 -27.02 -6.74
C LYS D 19 -29.28 -26.21 -7.87
N LEU D 20 -28.43 -26.87 -8.66
CA LEU D 20 -27.65 -26.23 -9.74
C LEU D 20 -26.79 -25.10 -9.19
N ASP D 21 -25.79 -25.47 -8.38
CA ASP D 21 -24.83 -24.56 -7.77
C ASP D 21 -23.72 -24.14 -8.73
N PRO D 22 -23.67 -22.87 -9.16
CA PRO D 22 -22.52 -22.45 -9.97
C PRO D 22 -21.43 -21.86 -9.11
N SER D 23 -20.29 -21.55 -9.72
CA SER D 23 -19.24 -20.79 -9.08
C SER D 23 -19.04 -19.51 -9.86
N ASP D 24 -18.24 -18.60 -9.29
CA ASP D 24 -17.89 -17.39 -10.00
C ASP D 24 -17.03 -17.72 -11.20
N ALA D 25 -17.26 -17.02 -12.30
CA ALA D 25 -16.60 -17.31 -13.57
C ALA D 25 -15.47 -16.33 -13.79
N LEU D 26 -14.25 -16.84 -13.83
CA LEU D 26 -13.07 -16.00 -13.97
C LEU D 26 -12.80 -15.76 -15.45
N MET D 27 -12.56 -14.50 -15.80
CA MET D 27 -12.31 -14.14 -17.18
C MET D 27 -10.81 -14.08 -17.47
N SER D 28 -10.46 -14.53 -18.68
CA SER D 28 -9.09 -14.49 -19.18
C SER D 28 -9.17 -14.32 -20.68
N ALA D 29 -8.11 -13.75 -21.25
CA ALA D 29 -8.13 -13.36 -22.65
C ALA D 29 -7.03 -14.05 -23.42
N GLY D 30 -7.29 -14.33 -24.69
CA GLY D 30 -6.33 -14.98 -25.54
C GLY D 30 -6.77 -14.90 -26.98
N ALA D 31 -6.07 -15.65 -27.83
CA ALA D 31 -6.30 -15.65 -29.26
C ALA D 31 -7.07 -16.89 -29.68
N TRP D 32 -7.87 -16.73 -30.74
CA TRP D 32 -8.64 -17.82 -31.30
C TRP D 32 -7.71 -18.79 -32.02
N ALA D 33 -8.19 -20.01 -32.23
CA ALA D 33 -7.45 -21.16 -32.76
C ALA D 33 -6.20 -21.50 -31.95
N GLN D 34 -6.15 -21.08 -30.69
CA GLN D 34 -5.19 -21.56 -29.71
C GLN D 34 -5.90 -21.89 -28.41
N ARG D 35 -7.23 -21.96 -28.47
CA ARG D 35 -8.09 -22.34 -27.36
C ARG D 35 -8.05 -23.83 -27.04
N ASP D 36 -7.43 -24.65 -27.90
CA ASP D 36 -7.18 -26.03 -27.55
C ASP D 36 -6.03 -26.18 -26.57
N ALA D 37 -5.28 -25.12 -26.33
CA ALA D 37 -4.25 -25.05 -25.29
C ALA D 37 -4.46 -23.79 -24.45
N SER D 38 -5.69 -23.60 -24.00
CA SER D 38 -6.10 -22.38 -23.30
C SER D 38 -5.99 -22.53 -21.79
N GLN D 39 -5.08 -23.38 -21.34
CA GLN D 39 -4.91 -23.65 -19.93
C GLN D 39 -4.17 -22.55 -19.19
N GLU D 40 -3.27 -21.84 -19.86
CA GLU D 40 -2.32 -20.94 -19.22
C GLU D 40 -2.55 -19.48 -19.62
N TRP D 41 -3.74 -19.15 -20.13
CA TRP D 41 -4.00 -17.80 -20.59
C TRP D 41 -4.05 -16.83 -19.41
N PRO D 42 -3.47 -15.64 -19.56
CA PRO D 42 -3.43 -14.69 -18.45
C PRO D 42 -4.79 -14.05 -18.22
N ALA D 43 -5.00 -13.64 -16.98
CA ALA D 43 -6.29 -13.14 -16.56
C ALA D 43 -6.53 -11.72 -17.05
N VAL D 44 -7.80 -11.38 -17.23
CA VAL D 44 -8.21 -10.02 -17.53
C VAL D 44 -8.16 -9.21 -16.24
N THR D 45 -7.39 -8.14 -16.23
CA THR D 45 -7.22 -7.31 -15.04
C THR D 45 -8.14 -6.11 -15.09
N VAL D 46 -8.60 -5.69 -13.91
CA VAL D 46 -9.44 -4.51 -13.79
C VAL D 46 -8.55 -3.29 -13.61
N ARG D 47 -8.54 -2.42 -14.60
CA ARG D 47 -7.80 -1.17 -14.54
C ARG D 47 -8.68 -0.07 -13.96
N GLU D 48 -8.25 1.18 -14.10
CA GLU D 48 -9.00 2.30 -13.55
C GLU D 48 -8.59 3.55 -14.30
N LYS D 49 -9.47 4.06 -15.15
CA LYS D 49 -9.20 5.25 -15.94
C LYS D 49 -10.09 6.40 -15.50
N SER D 50 -9.82 7.58 -16.05
CA SER D 50 -10.56 8.79 -15.75
C SER D 50 -11.42 9.18 -16.94
N VAL D 51 -12.66 9.59 -16.68
CA VAL D 51 -13.53 10.06 -17.75
C VAL D 51 -13.98 11.48 -17.44
N ARG D 52 -14.17 12.24 -18.50
CA ARG D 52 -14.74 13.58 -18.45
C ARG D 52 -15.90 13.63 -19.42
N GLY D 53 -17.07 13.96 -18.92
CA GLY D 53 -18.23 13.98 -19.78
C GLY D 53 -19.05 15.24 -19.63
N THR D 54 -20.33 15.15 -19.93
CA THR D 54 -21.26 16.26 -19.84
C THR D 54 -22.45 15.86 -18.98
N ILE D 55 -23.22 16.87 -18.57
CA ILE D 55 -24.48 16.60 -17.88
C ILE D 55 -25.55 16.48 -18.96
N SER D 56 -25.79 15.25 -19.43
CA SER D 56 -26.68 15.00 -20.55
C SER D 56 -27.86 14.13 -20.13
N ASN D 57 -28.39 14.38 -18.94
CA ASN D 57 -29.57 13.68 -18.45
C ASN D 57 -30.79 14.57 -18.58
N ARG D 58 -31.96 13.97 -18.43
CA ARG D 58 -33.23 14.68 -18.56
C ARG D 58 -33.35 15.68 -17.43
N LEU D 59 -33.22 16.95 -17.77
CA LEU D 59 -33.10 18.01 -16.78
C LEU D 59 -34.48 18.50 -16.38
N LYS D 60 -34.67 18.68 -15.09
CA LYS D 60 -35.98 19.08 -14.55
C LYS D 60 -36.18 20.55 -14.86
N THR D 61 -36.73 20.83 -16.04
CA THR D 61 -37.04 22.20 -16.44
C THR D 61 -38.49 22.55 -16.14
N LYS D 62 -38.93 22.29 -14.91
CA LYS D 62 -40.28 22.63 -14.48
C LYS D 62 -40.30 23.78 -13.48
N ASP D 63 -39.37 23.80 -12.52
CA ASP D 63 -39.22 24.94 -11.62
C ASP D 63 -37.73 25.03 -11.26
N ARG D 64 -37.02 25.87 -12.00
CA ARG D 64 -35.59 26.03 -11.81
C ARG D 64 -35.17 27.38 -12.37
N ASP D 65 -34.08 27.92 -11.81
CA ASP D 65 -33.53 29.14 -12.35
C ASP D 65 -32.79 28.82 -13.66
N PRO D 66 -32.99 29.62 -14.71
CA PRO D 66 -32.35 29.31 -15.99
C PRO D 66 -30.84 29.49 -15.98
N ALA D 67 -30.32 30.37 -15.12
CA ALA D 67 -28.88 30.54 -15.01
C ALA D 67 -28.23 29.32 -14.39
N LYS D 68 -28.90 28.69 -13.41
CA LYS D 68 -28.38 27.47 -12.81
C LYS D 68 -28.41 26.31 -13.80
N LEU D 69 -29.46 26.22 -14.61
CA LEU D 69 -29.55 25.18 -15.63
C LEU D 69 -28.49 25.38 -16.72
N ASP D 70 -28.22 26.64 -17.09
CA ASP D 70 -27.17 26.89 -18.06
C ASP D 70 -25.78 26.67 -17.49
N ALA D 71 -25.56 26.94 -16.21
CA ALA D 71 -24.26 26.70 -15.63
C ALA D 71 -24.00 25.22 -15.40
N SER D 72 -25.07 24.45 -15.14
CA SER D 72 -24.89 23.03 -14.86
C SER D 72 -24.59 22.21 -16.10
N ILE D 73 -25.04 22.65 -17.28
CA ILE D 73 -24.82 21.87 -18.50
C ILE D 73 -23.65 22.39 -19.33
N GLN D 74 -23.10 23.55 -19.00
CA GLN D 74 -21.92 24.06 -19.68
C GLN D 74 -20.64 23.75 -18.92
N SER D 75 -20.72 22.92 -17.90
CA SER D 75 -19.60 22.51 -17.09
C SER D 75 -19.38 21.01 -17.21
N PRO D 76 -18.14 20.55 -17.18
CA PRO D 76 -17.87 19.11 -17.33
C PRO D 76 -18.02 18.37 -16.00
N ASN D 77 -17.94 17.05 -16.11
CA ASN D 77 -18.08 16.15 -14.97
C ASN D 77 -16.89 15.20 -14.97
N LEU D 78 -16.16 15.15 -13.87
CA LEU D 78 -14.84 14.49 -13.84
C LEU D 78 -14.86 13.25 -12.94
N GLN D 79 -15.27 12.12 -13.50
CA GLN D 79 -15.43 10.90 -12.74
C GLN D 79 -14.15 10.09 -12.73
N THR D 80 -14.24 8.85 -12.25
CA THR D 80 -13.21 7.83 -12.37
C THR D 80 -13.91 6.50 -12.39
N VAL D 81 -13.59 5.64 -13.35
CA VAL D 81 -14.29 4.38 -13.53
C VAL D 81 -13.28 3.24 -13.51
N ASP D 82 -13.78 2.03 -13.30
CA ASP D 82 -13.04 0.80 -13.49
C ASP D 82 -13.41 0.22 -14.84
N VAL D 83 -12.40 -0.15 -15.62
CA VAL D 83 -12.60 -0.66 -16.96
C VAL D 83 -11.88 -2.00 -17.07
N ALA D 84 -12.45 -2.90 -17.87
CA ALA D 84 -11.85 -4.19 -18.15
C ALA D 84 -11.80 -4.37 -19.65
N ASN D 85 -10.61 -4.36 -20.22
CA ASN D 85 -10.41 -4.55 -21.65
C ASN D 85 -9.65 -5.85 -21.88
N LEU D 86 -9.63 -6.29 -23.12
CA LEU D 86 -8.68 -7.32 -23.48
C LEU D 86 -7.31 -6.69 -23.68
N PRO D 87 -6.24 -7.49 -23.61
CA PRO D 87 -4.97 -7.04 -24.17
C PRO D 87 -5.09 -6.87 -25.67
N SER D 88 -4.26 -5.97 -26.20
CA SER D 88 -4.38 -5.55 -27.59
C SER D 88 -3.95 -6.61 -28.59
N ASP D 89 -3.33 -7.71 -28.14
CA ASP D 89 -2.93 -8.79 -29.02
C ASP D 89 -3.76 -10.06 -28.79
N ALA D 90 -5.04 -9.88 -28.49
CA ALA D 90 -5.93 -11.00 -28.20
C ALA D 90 -7.35 -10.58 -28.51
N ASP D 91 -8.12 -11.47 -29.12
CA ASP D 91 -9.50 -11.15 -29.47
C ASP D 91 -10.54 -12.02 -28.79
N THR D 92 -10.15 -13.14 -28.19
CA THR D 92 -11.10 -14.11 -27.65
C THR D 92 -11.12 -14.02 -26.13
N LEU D 93 -12.31 -13.90 -25.56
CA LEU D 93 -12.52 -13.93 -24.12
C LEU D 93 -12.83 -15.34 -23.66
N LYS D 94 -12.18 -15.77 -22.58
CA LYS D 94 -12.43 -17.07 -21.97
C LYS D 94 -13.17 -16.87 -20.66
N VAL D 95 -14.20 -17.67 -20.42
CA VAL D 95 -15.00 -17.63 -19.20
C VAL D 95 -15.19 -19.05 -18.70
N ARG D 96 -14.80 -19.29 -17.45
CA ARG D 96 -14.72 -20.64 -16.91
C ARG D 96 -15.39 -20.71 -15.55
N PHE D 97 -16.36 -21.62 -15.40
CA PHE D 97 -17.02 -21.83 -14.12
C PHE D 97 -17.40 -23.29 -13.98
N THR D 98 -17.61 -23.72 -12.74
CA THR D 98 -18.01 -25.08 -12.43
C THR D 98 -19.44 -25.11 -11.91
N LEU D 99 -20.13 -26.23 -12.13
CA LEU D 99 -21.53 -26.35 -11.78
C LEU D 99 -21.78 -27.72 -11.15
N ARG D 100 -22.45 -27.74 -10.00
CA ARG D 100 -22.85 -28.96 -9.32
C ARG D 100 -24.36 -29.07 -9.36
N VAL D 101 -24.86 -30.21 -9.80
CA VAL D 101 -26.29 -30.49 -9.86
C VAL D 101 -26.61 -31.44 -8.71
N LEU D 102 -27.30 -30.95 -7.69
CA LEU D 102 -27.36 -31.70 -6.44
C LEU D 102 -28.39 -32.83 -6.49
N GLY D 103 -29.66 -32.51 -6.64
CA GLY D 103 -30.64 -33.56 -6.62
C GLY D 103 -31.34 -33.68 -5.28
N GLY D 104 -32.55 -34.23 -5.31
CA GLY D 104 -33.41 -34.26 -4.13
C GLY D 104 -34.19 -32.98 -4.00
N ALA D 105 -34.90 -32.61 -5.07
CA ALA D 105 -35.43 -31.26 -5.19
C ALA D 105 -36.66 -31.01 -4.33
N GLY D 106 -37.48 -32.03 -4.09
CA GLY D 106 -38.74 -31.80 -3.42
C GLY D 106 -38.62 -31.57 -1.92
N THR D 107 -37.56 -32.09 -1.31
CA THR D 107 -37.46 -32.09 0.14
C THR D 107 -37.03 -30.72 0.65
N PRO D 108 -37.83 -30.07 1.49
CA PRO D 108 -37.41 -28.77 2.04
C PRO D 108 -36.34 -28.94 3.09
N SER D 109 -35.65 -27.83 3.37
CA SER D 109 -34.63 -27.79 4.40
C SER D 109 -35.13 -27.12 5.67
N ALA D 110 -36.37 -26.63 5.68
CA ALA D 110 -37.00 -26.08 6.87
C ALA D 110 -38.50 -26.16 6.68
N CYS D 111 -39.20 -26.73 7.65
CA CYS D 111 -40.64 -26.90 7.53
C CYS D 111 -41.25 -27.06 8.91
N ASN D 112 -42.26 -26.24 9.24
CA ASN D 112 -42.96 -26.41 10.50
C ASN D 112 -43.79 -27.69 10.52
N ASP D 113 -44.73 -27.80 9.59
CA ASP D 113 -45.73 -28.85 9.62
C ASP D 113 -45.13 -30.17 9.16
N ALA D 114 -45.66 -31.26 9.71
CA ALA D 114 -45.29 -32.60 9.29
C ALA D 114 -46.28 -33.20 8.31
N ALA D 115 -47.51 -32.69 8.25
CA ALA D 115 -48.49 -33.14 7.27
C ALA D 115 -48.32 -32.41 5.94
N TYR D 116 -48.04 -31.11 5.99
CA TYR D 116 -47.73 -30.37 4.77
C TYR D 116 -46.45 -30.86 4.13
N ARG D 117 -45.48 -31.26 4.96
CA ARG D 117 -44.19 -31.71 4.44
C ARG D 117 -44.32 -33.01 3.67
N ASP D 118 -44.93 -34.03 4.27
CA ASP D 118 -45.02 -35.29 3.53
C ASP D 118 -46.12 -35.27 2.48
N LYS D 119 -47.10 -34.38 2.59
CA LYS D 119 -48.02 -34.15 1.47
C LYS D 119 -47.28 -33.55 0.28
N LEU D 120 -46.39 -32.60 0.54
CA LEU D 120 -45.55 -32.03 -0.53
C LEU D 120 -44.62 -33.07 -1.11
N LEU D 121 -44.07 -33.94 -0.28
CA LEU D 121 -43.18 -34.99 -0.77
C LEU D 121 -43.93 -36.00 -1.63
N GLN D 122 -45.18 -36.32 -1.28
CA GLN D 122 -45.98 -37.20 -2.14
C GLN D 122 -46.37 -36.51 -3.43
N THR D 123 -46.60 -35.20 -3.41
CA THR D 123 -46.91 -34.46 -4.64
C THR D 123 -45.72 -34.45 -5.59
N VAL D 124 -44.53 -34.15 -5.08
CA VAL D 124 -43.34 -34.15 -5.92
C VAL D 124 -42.97 -35.57 -6.35
N ALA D 125 -43.28 -36.57 -5.53
CA ALA D 125 -43.08 -37.95 -5.96
C ALA D 125 -44.02 -38.36 -7.07
N THR D 126 -45.25 -37.83 -7.06
CA THR D 126 -46.17 -38.05 -8.17
C THR D 126 -45.65 -37.38 -9.45
N TYR D 127 -45.11 -36.16 -9.31
CA TYR D 127 -44.56 -35.46 -10.47
C TYR D 127 -43.34 -36.18 -11.04
N VAL D 128 -42.50 -36.76 -10.19
CA VAL D 128 -41.35 -37.51 -10.70
C VAL D 128 -41.80 -38.87 -11.21
N ASN D 129 -42.95 -39.36 -10.73
CA ASN D 129 -43.43 -40.66 -11.19
C ASN D 129 -43.98 -40.59 -12.61
N ASP D 130 -44.90 -39.64 -12.87
CA ASP D 130 -45.58 -39.67 -14.17
C ASP D 130 -44.71 -39.17 -15.32
N GLN D 131 -43.56 -38.56 -15.04
CA GLN D 131 -42.60 -38.04 -15.99
C GLN D 131 -41.35 -37.65 -15.24
N GLY D 132 -40.23 -37.59 -15.93
CA GLY D 132 -38.98 -37.29 -15.27
C GLY D 132 -38.82 -35.82 -14.99
N PHE D 133 -37.56 -35.39 -14.92
CA PHE D 133 -37.23 -33.98 -15.02
C PHE D 133 -36.86 -33.58 -16.44
N ALA D 134 -37.46 -34.24 -17.44
CA ALA D 134 -36.92 -34.23 -18.79
C ALA D 134 -37.10 -32.88 -19.47
N GLU D 135 -38.25 -32.23 -19.30
CA GLU D 135 -38.47 -30.93 -19.92
C GLU D 135 -37.63 -29.86 -19.24
N LEU D 136 -37.61 -29.87 -17.90
CA LEU D 136 -36.82 -28.91 -17.15
C LEU D 136 -35.34 -29.06 -17.43
N ALA D 137 -34.82 -30.30 -17.43
CA ALA D 137 -33.41 -30.51 -17.72
C ALA D 137 -33.08 -30.22 -19.17
N ARG D 138 -34.06 -30.41 -20.07
CA ARG D 138 -33.86 -30.07 -21.47
C ARG D 138 -33.68 -28.57 -21.64
N ARG D 139 -34.47 -27.79 -20.91
CA ARG D 139 -34.36 -26.35 -21.01
C ARG D 139 -33.14 -25.79 -20.26
N TYR D 140 -32.74 -26.41 -19.14
CA TYR D 140 -31.47 -26.02 -18.51
C TYR D 140 -30.27 -26.38 -19.39
N ALA D 141 -30.32 -27.50 -20.10
CA ALA D 141 -29.23 -27.84 -21.00
C ALA D 141 -29.22 -26.94 -22.23
N HIS D 142 -30.37 -26.42 -22.63
CA HIS D 142 -30.39 -25.37 -23.65
C HIS D 142 -29.74 -24.09 -23.14
N ASN D 143 -29.99 -23.71 -21.89
CA ASN D 143 -29.35 -22.52 -21.36
C ASN D 143 -27.86 -22.69 -21.12
N LEU D 144 -27.39 -23.92 -20.91
CA LEU D 144 -25.95 -24.16 -20.93
C LEU D 144 -25.39 -24.19 -22.35
N ALA D 145 -26.18 -24.67 -23.31
CA ALA D 145 -25.66 -24.87 -24.66
C ALA D 145 -25.44 -23.56 -25.40
N ASN D 146 -26.34 -22.60 -25.24
CA ASN D 146 -26.06 -21.25 -25.71
C ASN D 146 -25.28 -20.52 -24.61
N ALA D 147 -25.14 -19.21 -24.73
CA ALA D 147 -24.23 -18.49 -23.85
C ALA D 147 -24.96 -17.38 -23.12
N ARG D 148 -26.08 -17.73 -22.46
CA ARG D 148 -26.83 -16.78 -21.67
C ARG D 148 -25.98 -16.15 -20.56
N PHE D 149 -25.05 -16.92 -20.01
CA PHE D 149 -24.20 -16.40 -18.94
C PHE D 149 -23.18 -15.39 -19.46
N LEU D 150 -22.92 -15.36 -20.76
CA LEU D 150 -22.22 -14.24 -21.37
C LEU D 150 -23.28 -13.20 -21.70
N TRP D 151 -23.48 -12.23 -20.80
CA TRP D 151 -24.64 -11.37 -20.92
C TRP D 151 -24.48 -10.34 -22.03
N ARG D 152 -23.56 -9.40 -21.87
CA ARG D 152 -23.29 -8.42 -22.91
C ARG D 152 -22.08 -8.83 -23.73
N ASN D 153 -21.33 -9.81 -23.25
CA ASN D 153 -20.19 -10.33 -23.98
C ASN D 153 -20.60 -11.16 -25.18
N ARG D 154 -21.86 -11.61 -25.21
CA ARG D 154 -22.38 -12.32 -26.38
C ARG D 154 -22.86 -11.35 -27.46
N VAL D 155 -23.30 -10.15 -27.05
CA VAL D 155 -23.84 -9.17 -27.98
C VAL D 155 -22.73 -8.66 -28.90
N GLY D 156 -22.88 -8.94 -30.20
CA GLY D 156 -21.90 -8.51 -31.18
C GLY D 156 -20.61 -9.29 -31.14
N ALA D 157 -20.70 -10.60 -31.32
CA ALA D 157 -19.55 -11.48 -31.38
C ALA D 157 -19.58 -12.27 -32.68
N GLU D 158 -18.40 -12.62 -33.19
CA GLU D 158 -18.35 -13.37 -34.44
C GLU D 158 -18.78 -14.80 -34.23
N ALA D 159 -18.24 -15.46 -33.21
CA ALA D 159 -18.54 -16.84 -32.92
C ALA D 159 -18.39 -17.07 -31.44
N VAL D 160 -19.30 -17.85 -30.87
CA VAL D 160 -19.23 -18.25 -29.47
C VAL D 160 -19.15 -19.77 -29.44
N GLU D 161 -18.22 -20.31 -28.67
CA GLU D 161 -18.06 -21.75 -28.53
C GLU D 161 -18.06 -22.12 -27.04
N VAL D 162 -18.90 -23.09 -26.69
CA VAL D 162 -19.06 -23.52 -25.30
C VAL D 162 -18.57 -24.95 -25.18
N ARG D 163 -17.60 -25.18 -24.29
CA ARG D 163 -17.11 -26.52 -24.00
C ARG D 163 -17.63 -26.95 -22.63
N ILE D 164 -18.20 -28.15 -22.56
CA ILE D 164 -18.76 -28.69 -21.34
C ILE D 164 -18.14 -30.05 -21.06
N ASN D 165 -17.56 -30.21 -19.88
CA ASN D 165 -16.92 -31.45 -19.48
C ASN D 165 -17.61 -32.03 -18.27
N HIS D 166 -17.83 -33.35 -18.28
CA HIS D 166 -18.29 -34.06 -17.11
C HIS D 166 -17.10 -34.61 -16.35
N ILE D 167 -16.95 -34.20 -15.09
CA ILE D 167 -15.74 -34.45 -14.32
C ILE D 167 -16.12 -35.35 -13.15
N ARG D 168 -15.64 -36.59 -13.20
CA ARG D 168 -15.99 -37.62 -12.22
C ARG D 168 -14.89 -37.81 -11.19
N GLN D 169 -13.66 -37.88 -11.66
CA GLN D 169 -12.45 -37.94 -10.86
C GLN D 169 -11.58 -36.81 -11.35
N GLY D 170 -10.27 -36.86 -11.13
CA GLY D 170 -9.37 -35.97 -11.85
C GLY D 170 -9.52 -36.04 -13.36
N GLU D 171 -9.87 -37.21 -13.89
CA GLU D 171 -10.06 -37.40 -15.32
C GLU D 171 -11.44 -36.92 -15.77
N VAL D 172 -11.49 -36.31 -16.96
CA VAL D 172 -12.75 -35.95 -17.60
C VAL D 172 -13.47 -37.21 -18.06
N ALA D 173 -14.76 -37.31 -17.77
CA ALA D 173 -15.55 -38.48 -18.12
C ALA D 173 -16.29 -38.34 -19.44
N ARG D 174 -16.78 -37.16 -19.78
CA ARG D 174 -17.60 -36.98 -20.98
C ARG D 174 -17.51 -35.53 -21.41
N ALA D 175 -17.19 -35.30 -22.68
CA ALA D 175 -16.93 -33.95 -23.19
C ALA D 175 -17.90 -33.60 -24.30
N TRP D 176 -18.48 -32.42 -24.23
CA TRP D 176 -19.30 -31.86 -25.30
C TRP D 176 -18.65 -30.61 -25.86
N ARG D 177 -19.17 -30.15 -26.99
CA ARG D 177 -18.63 -29.00 -27.69
C ARG D 177 -19.72 -28.46 -28.61
N PHE D 178 -19.96 -27.15 -28.53
CA PHE D 178 -21.18 -26.56 -29.06
C PHE D 178 -20.97 -25.34 -29.94
N ASP D 179 -22.07 -24.72 -30.32
CA ASP D 179 -22.10 -23.44 -31.02
C ASP D 179 -23.26 -22.65 -30.47
N ALA D 180 -22.96 -21.56 -29.77
CA ALA D 180 -23.99 -20.80 -29.07
C ALA D 180 -24.75 -19.85 -29.97
N LEU D 181 -24.29 -19.62 -31.20
CA LEU D 181 -25.02 -18.79 -32.15
C LEU D 181 -25.93 -19.58 -33.06
N ALA D 182 -25.52 -20.81 -33.41
CA ALA D 182 -26.41 -21.70 -34.15
C ALA D 182 -27.56 -22.15 -33.27
N ILE D 183 -27.26 -22.59 -32.05
CA ILE D 183 -28.29 -22.85 -31.05
C ILE D 183 -28.92 -21.53 -30.65
N GLY D 184 -30.25 -21.47 -30.74
CA GLY D 184 -30.95 -20.20 -30.65
C GLY D 184 -31.00 -19.62 -29.26
N LEU D 185 -31.54 -18.41 -29.20
CA LEU D 185 -31.78 -17.70 -27.96
C LEU D 185 -33.22 -17.80 -27.50
N ARG D 186 -34.15 -18.23 -28.37
CA ARG D 186 -35.56 -18.19 -28.05
C ARG D 186 -36.30 -19.51 -28.24
N ASP D 187 -35.86 -20.34 -29.18
CA ASP D 187 -36.56 -21.57 -29.50
C ASP D 187 -35.86 -22.76 -28.87
N PHE D 188 -36.63 -23.65 -28.24
CA PHE D 188 -36.09 -24.84 -27.59
C PHE D 188 -36.21 -26.04 -28.54
N LYS D 189 -35.25 -26.14 -29.44
CA LYS D 189 -35.20 -27.18 -30.44
C LYS D 189 -34.63 -28.47 -29.87
N ALA D 190 -34.30 -29.40 -30.76
CA ALA D 190 -33.84 -30.72 -30.34
C ALA D 190 -32.50 -31.06 -30.96
N ASP D 191 -31.72 -31.86 -30.24
CA ASP D 191 -30.44 -32.35 -30.70
C ASP D 191 -30.13 -33.62 -29.92
N ALA D 192 -29.26 -34.45 -30.49
CA ALA D 192 -28.87 -35.69 -29.83
C ALA D 192 -28.01 -35.42 -28.60
N GLU D 193 -26.98 -34.59 -28.74
CA GLU D 193 -26.11 -34.29 -27.61
C GLU D 193 -26.77 -33.34 -26.61
N LEU D 194 -27.72 -32.51 -27.06
CA LEU D 194 -28.56 -31.80 -26.10
C LEU D 194 -29.40 -32.76 -25.28
N ASP D 195 -29.90 -33.84 -25.91
CA ASP D 195 -30.63 -34.84 -25.14
C ASP D 195 -29.71 -35.61 -24.20
N ALA D 196 -28.46 -35.84 -24.60
CA ALA D 196 -27.52 -36.51 -23.71
C ALA D 196 -27.16 -35.66 -22.50
N LEU D 197 -26.89 -34.38 -22.73
CA LEU D 197 -26.61 -33.46 -21.63
C LEU D 197 -27.82 -33.26 -20.74
N ALA D 198 -29.02 -33.25 -21.33
CA ALA D 198 -30.24 -33.11 -20.56
C ALA D 198 -30.50 -34.35 -19.72
N GLU D 199 -30.18 -35.53 -20.24
CA GLU D 199 -30.33 -36.74 -19.46
C GLU D 199 -29.30 -36.82 -18.33
N LEU D 200 -28.10 -36.29 -18.55
CA LEU D 200 -27.13 -36.22 -17.46
C LEU D 200 -27.59 -35.28 -16.35
N ILE D 201 -28.11 -34.11 -16.73
CA ILE D 201 -28.62 -33.14 -15.74
C ILE D 201 -29.87 -33.69 -15.05
N ALA D 202 -30.69 -34.47 -15.76
CA ALA D 202 -31.89 -35.04 -15.16
C ALA D 202 -31.55 -36.17 -14.20
N SER D 203 -30.53 -36.97 -14.52
CA SER D 203 -30.07 -37.99 -13.59
C SER D 203 -29.36 -37.37 -12.40
N GLY D 204 -28.78 -36.18 -12.56
CA GLY D 204 -28.30 -35.45 -11.40
C GLY D 204 -29.43 -34.95 -10.53
N LEU D 205 -30.51 -34.45 -11.15
CA LEU D 205 -31.63 -33.92 -10.37
C LEU D 205 -32.43 -35.03 -9.69
N SER D 206 -32.48 -36.22 -10.29
CA SER D 206 -33.22 -37.30 -9.66
C SER D 206 -32.43 -37.92 -8.51
N GLY D 207 -31.13 -38.08 -8.66
CA GLY D 207 -30.29 -38.58 -7.59
C GLY D 207 -29.54 -39.84 -7.92
N SER D 208 -29.31 -40.09 -9.22
CA SER D 208 -28.66 -41.33 -9.64
C SER D 208 -27.16 -41.28 -9.40
N GLY D 209 -26.46 -40.33 -10.01
CA GLY D 209 -25.04 -40.18 -9.85
C GLY D 209 -24.69 -38.79 -9.36
N HIS D 210 -23.38 -38.53 -9.32
CA HIS D 210 -22.85 -37.24 -8.90
C HIS D 210 -22.40 -36.47 -10.13
N VAL D 211 -23.09 -35.38 -10.43
CA VAL D 211 -22.84 -34.59 -11.63
C VAL D 211 -22.01 -33.38 -11.27
N LEU D 212 -20.82 -33.29 -11.84
CA LEU D 212 -19.97 -32.12 -11.80
C LEU D 212 -19.68 -31.70 -13.22
N LEU D 213 -19.85 -30.41 -13.50
CA LEU D 213 -19.71 -29.90 -14.86
C LEU D 213 -18.73 -28.74 -14.88
N GLU D 214 -17.85 -28.73 -15.88
CA GLU D 214 -16.99 -27.58 -16.16
C GLU D 214 -17.44 -26.95 -17.46
N VAL D 215 -17.68 -25.65 -17.45
CA VAL D 215 -18.20 -24.94 -18.62
C VAL D 215 -17.21 -23.85 -18.99
N VAL D 216 -16.69 -23.92 -20.22
CA VAL D 216 -15.74 -22.95 -20.74
C VAL D 216 -16.32 -22.35 -22.00
N ALA D 217 -16.39 -21.01 -22.05
CA ALA D 217 -16.99 -20.30 -23.17
C ALA D 217 -15.98 -19.38 -23.81
N PHE D 218 -15.78 -19.53 -25.12
CA PHE D 218 -14.89 -18.67 -25.89
C PHE D 218 -15.76 -17.75 -26.75
N ALA D 219 -15.69 -16.45 -26.47
CA ALA D 219 -16.45 -15.44 -27.21
C ALA D 219 -15.46 -14.52 -27.91
N ARG D 220 -15.27 -14.72 -29.21
CA ARG D 220 -14.42 -13.84 -29.99
C ARG D 220 -15.09 -12.47 -30.17
N ILE D 221 -14.43 -11.42 -29.69
CA ILE D 221 -14.96 -10.06 -29.75
C ILE D 221 -14.12 -9.17 -30.66
N GLY D 222 -12.84 -9.06 -30.38
CA GLY D 222 -11.95 -8.16 -31.09
C GLY D 222 -10.80 -7.78 -30.19
N ASP D 223 -9.78 -7.17 -30.79
CA ASP D 223 -8.59 -6.79 -30.03
C ASP D 223 -8.87 -5.58 -29.16
N GLY D 224 -8.58 -5.70 -27.87
CA GLY D 224 -8.64 -4.57 -26.97
C GLY D 224 -10.03 -4.11 -26.60
N GLN D 225 -11.06 -4.84 -26.98
CA GLN D 225 -12.42 -4.39 -26.72
C GLN D 225 -12.77 -4.51 -25.25
N GLU D 226 -13.86 -3.86 -24.87
CA GLU D 226 -14.27 -3.88 -23.47
C GLU D 226 -15.09 -5.11 -23.17
N VAL D 227 -14.74 -5.78 -22.08
CA VAL D 227 -15.55 -6.86 -21.54
C VAL D 227 -16.32 -6.32 -20.35
N PHE D 228 -17.29 -7.09 -19.89
CA PHE D 228 -18.26 -6.61 -18.92
C PHE D 228 -18.35 -7.55 -17.74
N PRO D 229 -17.48 -7.40 -16.74
CA PRO D 229 -17.73 -8.08 -15.47
C PRO D 229 -18.89 -7.44 -14.73
N SER D 230 -19.34 -8.14 -13.71
CA SER D 230 -20.47 -7.64 -12.95
C SER D 230 -20.02 -6.54 -11.99
N GLN D 231 -20.93 -5.65 -11.68
CA GLN D 231 -20.62 -4.37 -11.07
C GLN D 231 -20.98 -4.40 -9.59
N GLU D 232 -20.22 -3.68 -8.78
CA GLU D 232 -20.32 -3.77 -7.32
C GLU D 232 -21.06 -2.58 -6.73
N LEU D 233 -21.13 -2.56 -5.40
CA LEU D 233 -21.92 -1.61 -4.63
C LEU D 233 -21.01 -0.90 -3.63
N ILE D 234 -21.01 0.43 -3.68
CA ILE D 234 -20.00 1.29 -3.05
C ILE D 234 -20.70 2.15 -2.00
N LEU D 235 -21.61 1.54 -1.24
CA LEU D 235 -22.17 2.21 -0.08
C LEU D 235 -21.09 2.58 0.93
N ASP D 236 -21.25 3.77 1.53
CA ASP D 236 -20.42 4.27 2.63
C ASP D 236 -18.96 4.44 2.23
N LYS D 237 -18.72 4.94 1.02
CA LYS D 237 -17.38 5.31 0.57
C LYS D 237 -17.36 6.65 -0.15
N GLY D 238 -18.46 7.40 -0.13
CA GLY D 238 -18.49 8.71 -0.77
C GLY D 238 -17.70 9.77 -0.01
N ASP D 239 -17.44 9.54 1.28
CA ASP D 239 -16.61 10.43 2.08
C ASP D 239 -15.14 10.02 2.10
N LYS D 240 -14.81 8.84 1.58
CA LYS D 240 -13.42 8.41 1.46
C LYS D 240 -12.90 8.63 0.04
N LYS D 241 -13.54 7.97 -0.94
CA LYS D 241 -13.08 8.04 -2.32
C LYS D 241 -13.78 9.15 -3.10
N GLY D 242 -15.10 9.07 -3.21
CA GLY D 242 -15.87 10.14 -3.83
C GLY D 242 -15.83 10.26 -5.34
N GLN D 243 -14.62 10.20 -5.93
CA GLN D 243 -14.50 10.38 -7.37
C GLN D 243 -14.88 9.13 -8.15
N LYS D 244 -14.70 7.94 -7.56
CA LYS D 244 -14.92 6.72 -8.31
C LYS D 244 -16.38 6.31 -8.25
N SER D 245 -16.98 6.10 -9.42
CA SER D 245 -18.40 5.82 -9.54
C SER D 245 -18.72 4.39 -9.93
N LYS D 246 -17.90 3.76 -10.75
CA LYS D 246 -18.14 2.41 -11.23
C LYS D 246 -17.07 1.49 -10.66
N THR D 247 -17.48 0.30 -10.23
CA THR D 247 -16.56 -0.65 -9.62
C THR D 247 -16.90 -2.04 -10.11
N LEU D 248 -15.90 -2.77 -10.57
CA LEU D 248 -16.11 -4.09 -11.15
C LEU D 248 -15.72 -5.17 -10.14
N TYR D 249 -16.45 -6.28 -10.19
CA TYR D 249 -16.18 -7.39 -9.29
C TYR D 249 -14.96 -8.15 -9.76
N SER D 250 -14.09 -8.48 -8.81
CA SER D 250 -12.88 -9.21 -9.13
C SER D 250 -12.62 -10.23 -8.04
N VAL D 251 -11.58 -11.01 -8.27
CA VAL D 251 -11.03 -11.99 -7.34
C VAL D 251 -9.57 -11.59 -7.25
N ARG D 252 -8.70 -12.46 -6.73
CA ARG D 252 -7.30 -12.12 -6.56
C ARG D 252 -6.68 -11.97 -7.95
N ASP D 253 -6.82 -10.73 -8.47
CA ASP D 253 -6.27 -10.23 -9.74
C ASP D 253 -6.86 -10.92 -10.97
N ALA D 254 -8.20 -10.95 -11.05
CA ALA D 254 -8.91 -11.39 -12.25
C ALA D 254 -10.32 -10.86 -12.20
N ALA D 255 -10.80 -10.32 -13.32
CA ALA D 255 -12.19 -9.90 -13.42
C ALA D 255 -13.11 -11.12 -13.48
N ALA D 256 -14.30 -10.97 -12.90
CA ALA D 256 -15.19 -12.12 -12.80
C ALA D 256 -16.64 -11.66 -12.75
N ILE D 257 -17.53 -12.57 -13.13
CA ILE D 257 -18.97 -12.37 -13.02
C ILE D 257 -19.42 -13.05 -11.74
N HIS D 258 -20.50 -12.54 -11.12
CA HIS D 258 -21.02 -13.19 -9.92
C HIS D 258 -21.61 -14.56 -10.25
N SER D 259 -21.78 -15.36 -9.19
CA SER D 259 -22.35 -16.68 -9.37
C SER D 259 -23.86 -16.63 -9.51
N GLN D 260 -24.53 -15.74 -8.78
CA GLN D 260 -25.98 -15.66 -8.87
C GLN D 260 -26.44 -15.11 -10.20
N LYS D 261 -25.60 -14.38 -10.93
CA LYS D 261 -26.01 -13.88 -12.23
C LYS D 261 -25.96 -14.99 -13.27
N ILE D 262 -24.97 -15.88 -13.16
CA ILE D 262 -24.94 -17.08 -14.01
C ILE D 262 -26.08 -18.01 -13.64
N GLY D 263 -26.42 -18.07 -12.35
CA GLY D 263 -27.58 -18.85 -11.94
C GLY D 263 -28.89 -18.29 -12.45
N ASN D 264 -28.98 -16.97 -12.59
CA ASN D 264 -30.14 -16.37 -13.24
C ASN D 264 -30.15 -16.68 -14.73
N ALA D 265 -28.98 -16.68 -15.36
CA ALA D 265 -28.88 -17.02 -16.77
C ALA D 265 -29.25 -18.47 -17.06
N LEU D 266 -29.01 -19.37 -16.12
CA LEU D 266 -29.28 -20.79 -16.39
C LEU D 266 -30.77 -21.12 -16.35
N ARG D 267 -31.58 -20.38 -15.60
CA ARG D 267 -32.97 -20.72 -15.40
C ARG D 267 -33.92 -19.79 -16.16
N THR D 268 -33.50 -19.27 -17.31
CA THR D 268 -34.39 -18.46 -18.14
C THR D 268 -35.14 -19.42 -19.07
N ILE D 269 -36.24 -19.95 -18.54
CA ILE D 269 -36.91 -21.13 -19.09
C ILE D 269 -38.38 -20.87 -19.31
N ASP D 270 -38.95 -19.97 -18.52
CA ASP D 270 -40.40 -19.81 -18.39
C ASP D 270 -40.99 -19.23 -19.67
N THR D 271 -41.53 -20.12 -20.51
CA THR D 271 -42.21 -19.72 -21.73
C THR D 271 -43.72 -19.83 -21.62
N TRP D 272 -44.24 -20.04 -20.41
CA TRP D 272 -45.67 -20.29 -20.25
C TRP D 272 -46.36 -19.20 -19.46
N TYR D 273 -45.76 -18.03 -19.35
CA TYR D 273 -46.43 -16.94 -18.68
C TYR D 273 -47.53 -16.38 -19.57
N PRO D 274 -48.69 -16.03 -18.99
CA PRO D 274 -49.91 -15.91 -19.80
C PRO D 274 -49.97 -14.66 -20.65
N ASP D 275 -49.08 -13.69 -20.44
CA ASP D 275 -49.25 -12.36 -21.05
C ASP D 275 -49.08 -12.42 -22.56
N GLU D 276 -47.90 -12.84 -23.02
CA GLU D 276 -47.62 -12.85 -24.44
C GLU D 276 -46.56 -13.90 -24.72
N ASP D 277 -46.02 -13.87 -25.93
CA ASP D 277 -44.91 -14.72 -26.31
C ASP D 277 -43.81 -13.96 -27.04
N GLY D 278 -43.95 -12.65 -27.22
CA GLY D 278 -42.99 -11.87 -27.98
C GLY D 278 -41.68 -11.59 -27.28
N LEU D 279 -41.60 -11.85 -25.97
CA LEU D 279 -40.36 -11.64 -25.23
C LEU D 279 -39.54 -12.90 -25.09
N GLY D 280 -40.05 -14.05 -25.49
CA GLY D 280 -39.37 -15.31 -25.32
C GLY D 280 -39.40 -15.75 -23.88
N PRO D 281 -38.46 -16.60 -23.48
CA PRO D 281 -38.44 -17.11 -22.11
C PRO D 281 -37.98 -16.04 -21.13
N ILE D 282 -38.57 -16.09 -19.93
CA ILE D 282 -38.12 -15.27 -18.83
C ILE D 282 -37.63 -16.18 -17.72
N ALA D 283 -37.03 -15.58 -16.69
CA ALA D 283 -36.46 -16.37 -15.62
C ALA D 283 -37.55 -16.87 -14.67
N VAL D 284 -37.33 -18.05 -14.11
CA VAL D 284 -38.25 -18.68 -13.18
C VAL D 284 -38.19 -17.93 -11.86
N GLU D 285 -39.24 -17.20 -11.54
CA GLU D 285 -39.35 -16.43 -10.31
C GLU D 285 -40.75 -16.61 -9.75
N PRO D 286 -40.90 -16.50 -8.43
CA PRO D 286 -42.24 -16.27 -7.89
C PRO D 286 -42.69 -14.88 -8.29
N TYR D 287 -43.95 -14.78 -8.75
CA TYR D 287 -44.50 -13.59 -9.43
C TYR D 287 -43.60 -13.22 -10.61
N GLY D 288 -43.47 -14.13 -11.58
CA GLY D 288 -42.34 -14.19 -12.48
C GLY D 288 -42.05 -12.95 -13.30
N SER D 289 -41.03 -12.22 -12.88
CA SER D 289 -40.87 -10.82 -13.22
C SER D 289 -39.53 -10.55 -13.88
N VAL D 290 -39.47 -9.48 -14.65
CA VAL D 290 -38.25 -8.98 -15.25
C VAL D 290 -38.05 -7.56 -14.75
N THR D 291 -36.85 -7.27 -14.25
CA THR D 291 -36.56 -5.94 -13.72
C THR D 291 -36.20 -4.93 -14.80
N SER D 292 -35.64 -5.39 -15.92
CA SER D 292 -35.39 -4.47 -17.03
C SER D 292 -36.69 -4.03 -17.69
N GLN D 293 -37.65 -4.95 -17.84
CA GLN D 293 -38.97 -4.60 -18.32
C GLN D 293 -39.79 -3.81 -17.31
N GLY D 294 -39.43 -3.89 -16.02
CA GLY D 294 -40.18 -3.22 -14.98
C GLY D 294 -41.58 -3.76 -14.78
N LYS D 295 -41.82 -4.98 -15.21
CA LYS D 295 -43.17 -5.52 -15.37
C LYS D 295 -43.29 -6.84 -14.63
N ALA D 296 -44.28 -6.94 -13.75
CA ALA D 296 -44.61 -8.20 -13.11
C ALA D 296 -45.44 -9.03 -14.07
N TYR D 297 -44.78 -9.83 -14.89
CA TYR D 297 -45.49 -10.89 -15.57
C TYR D 297 -45.90 -11.94 -14.56
N ARG D 298 -46.90 -12.74 -14.93
CA ARG D 298 -47.46 -13.82 -14.10
C ARG D 298 -47.97 -13.25 -12.77
N GLN D 299 -48.99 -12.43 -12.91
CA GLN D 299 -49.64 -11.56 -11.94
C GLN D 299 -50.51 -12.40 -11.01
N PRO D 300 -50.60 -12.04 -9.72
CA PRO D 300 -51.39 -12.85 -8.78
C PRO D 300 -52.89 -12.66 -8.88
N LYS D 301 -53.40 -11.67 -9.61
CA LYS D 301 -54.84 -11.61 -9.79
C LYS D 301 -55.33 -12.60 -10.83
N GLN D 302 -54.48 -13.00 -11.76
CA GLN D 302 -54.71 -14.24 -12.48
C GLN D 302 -54.22 -15.39 -11.61
N LYS D 303 -54.49 -16.61 -12.02
CA LYS D 303 -54.23 -17.77 -11.17
C LYS D 303 -53.06 -18.60 -11.69
N LEU D 304 -52.02 -17.95 -12.19
CA LEU D 304 -50.81 -18.65 -12.59
C LEU D 304 -49.60 -18.29 -11.73
N ASP D 305 -49.82 -17.50 -10.67
CA ASP D 305 -48.83 -17.26 -9.63
C ASP D 305 -48.34 -18.57 -9.02
N PHE D 306 -47.07 -18.59 -8.62
CA PHE D 306 -46.47 -19.79 -8.03
C PHE D 306 -47.11 -20.15 -6.69
N TYR D 307 -47.41 -19.16 -5.87
CA TYR D 307 -47.98 -19.43 -4.55
C TYR D 307 -49.40 -19.97 -4.67
N THR D 308 -50.16 -19.47 -5.63
CA THR D 308 -51.52 -19.96 -5.87
C THR D 308 -51.50 -21.39 -6.41
N LEU D 309 -50.61 -21.66 -7.37
CA LEU D 309 -50.51 -22.99 -7.94
C LEU D 309 -50.01 -24.01 -6.90
N LEU D 310 -49.10 -23.58 -6.02
CA LEU D 310 -48.66 -24.45 -4.95
C LEU D 310 -49.78 -24.72 -3.95
N ASP D 311 -50.51 -23.67 -3.56
CA ASP D 311 -51.55 -23.80 -2.57
C ASP D 311 -52.80 -24.51 -3.08
N ASN D 312 -52.98 -24.68 -4.39
CA ASN D 312 -54.06 -25.56 -4.80
C ASN D 312 -53.59 -26.89 -5.38
N TRP D 313 -52.31 -27.07 -5.66
CA TRP D 313 -51.84 -28.37 -6.10
C TRP D 313 -51.35 -29.23 -4.94
N VAL D 314 -51.01 -28.62 -3.82
CA VAL D 314 -50.67 -29.40 -2.63
C VAL D 314 -51.87 -29.53 -1.70
N LEU D 315 -52.49 -28.40 -1.33
CA LEU D 315 -53.56 -28.44 -0.34
C LEU D 315 -54.86 -28.98 -0.91
N ARG D 316 -55.40 -28.32 -1.92
CA ARG D 316 -56.74 -28.60 -2.44
C ARG D 316 -56.76 -29.75 -3.42
N ASP D 317 -55.61 -30.38 -3.67
CA ASP D 317 -55.45 -31.58 -4.48
C ASP D 317 -55.84 -31.42 -5.94
N GLU D 318 -56.04 -30.18 -6.41
CA GLU D 318 -56.41 -29.94 -7.80
C GLU D 318 -55.14 -29.60 -8.58
N ALA D 319 -54.85 -30.41 -9.59
CA ALA D 319 -53.64 -30.18 -10.36
C ALA D 319 -53.85 -29.04 -11.34
N PRO D 320 -52.84 -28.23 -11.59
CA PRO D 320 -52.89 -27.32 -12.73
C PRO D 320 -52.50 -28.02 -14.01
N ALA D 321 -52.36 -27.28 -15.11
CA ALA D 321 -51.92 -27.89 -16.35
C ALA D 321 -50.45 -28.33 -16.25
N VAL D 322 -50.01 -29.07 -17.27
CA VAL D 322 -48.71 -29.74 -17.21
C VAL D 322 -47.59 -28.72 -17.22
N GLU D 323 -47.72 -27.66 -18.01
CA GLU D 323 -46.70 -26.63 -18.07
C GLU D 323 -46.62 -25.83 -16.77
N GLN D 324 -47.74 -25.66 -16.07
CA GLN D 324 -47.68 -24.99 -14.79
C GLN D 324 -47.06 -25.89 -13.73
N GLN D 325 -47.22 -27.21 -13.89
CA GLN D 325 -46.50 -28.14 -13.03
C GLN D 325 -44.99 -28.05 -13.26
N HIS D 326 -44.58 -27.95 -14.53
CA HIS D 326 -43.15 -27.73 -14.85
C HIS D 326 -42.63 -26.45 -14.20
N TYR D 327 -43.45 -25.39 -14.22
CA TYR D 327 -43.06 -24.13 -13.59
C TYR D 327 -42.91 -24.25 -12.08
N VAL D 328 -43.82 -24.97 -11.42
CA VAL D 328 -43.75 -25.09 -9.96
C VAL D 328 -42.54 -25.94 -9.55
N ILE D 329 -42.24 -26.98 -10.31
CA ILE D 329 -41.06 -27.77 -9.99
C ILE D 329 -39.77 -27.00 -10.35
N ALA D 330 -39.85 -26.07 -11.30
CA ALA D 330 -38.71 -25.19 -11.55
C ALA D 330 -38.46 -24.22 -10.40
N ASN D 331 -39.53 -23.69 -9.81
CA ASN D 331 -39.36 -22.88 -8.59
C ASN D 331 -38.91 -23.68 -7.39
N LEU D 332 -39.18 -25.00 -7.37
CA LEU D 332 -38.62 -25.79 -6.27
C LEU D 332 -37.15 -26.11 -6.50
N ILE D 333 -36.73 -26.31 -7.75
CA ILE D 333 -35.31 -26.52 -8.04
C ILE D 333 -34.52 -25.22 -7.82
N ARG D 334 -35.15 -24.07 -8.07
CA ARG D 334 -34.51 -22.78 -7.84
C ARG D 334 -34.15 -22.58 -6.37
N GLY D 335 -35.03 -22.99 -5.47
CA GLY D 335 -34.86 -22.73 -4.06
C GLY D 335 -35.32 -21.34 -3.68
N GLY D 336 -35.49 -21.13 -2.39
CA GLY D 336 -35.90 -19.83 -1.91
C GLY D 336 -36.53 -19.93 -0.54
N VAL D 337 -36.72 -18.76 0.06
CA VAL D 337 -37.33 -18.64 1.37
C VAL D 337 -38.82 -18.42 1.13
N PHE D 338 -39.59 -19.48 1.29
CA PHE D 338 -41.02 -19.47 1.03
C PHE D 338 -41.75 -19.35 2.36
N GLY D 339 -43.07 -19.49 2.33
CA GLY D 339 -43.78 -19.19 3.56
C GLY D 339 -43.86 -17.69 3.76
N GLU D 340 -44.25 -17.29 4.96
CA GLU D 340 -44.45 -15.88 5.26
C GLU D 340 -43.24 -15.30 5.97
N ALA D 341 -42.75 -14.18 5.47
CA ALA D 341 -41.67 -13.44 6.12
C ALA D 341 -42.24 -12.20 6.82
N LEU E 8 -36.29 -37.47 49.65
CA LEU E 8 -35.23 -36.68 49.06
C LEU E 8 -35.77 -35.74 47.98
N SER E 9 -35.33 -34.50 48.02
CA SER E 9 -35.66 -33.52 46.99
C SER E 9 -34.40 -33.16 46.22
N THR E 10 -34.54 -32.94 44.92
CA THR E 10 -33.41 -32.56 44.08
C THR E 10 -32.93 -31.16 44.41
N ALA E 11 -31.68 -30.88 44.08
CA ALA E 11 -31.05 -29.63 44.49
C ALA E 11 -31.59 -28.45 43.69
N SER E 12 -31.47 -27.26 44.28
CA SER E 12 -31.91 -26.04 43.63
C SER E 12 -30.90 -25.50 42.62
N VAL E 13 -29.66 -26.00 42.65
CA VAL E 13 -28.62 -25.62 41.70
C VAL E 13 -27.91 -26.91 41.28
N LEU E 14 -27.99 -27.23 39.98
CA LEU E 14 -27.18 -28.29 39.41
C LEU E 14 -26.40 -27.73 38.22
N ALA E 15 -25.30 -28.39 37.91
CA ALA E 15 -24.44 -27.97 36.83
C ALA E 15 -23.58 -29.15 36.43
N PHE E 16 -23.26 -29.23 35.15
CA PHE E 16 -22.37 -30.25 34.64
C PHE E 16 -21.49 -29.63 33.58
N GLU E 17 -20.18 -29.81 33.74
CA GLU E 17 -19.28 -29.39 32.68
C GLU E 17 -19.36 -30.38 31.53
N ARG E 18 -19.03 -29.90 30.34
CA ARG E 18 -19.19 -30.72 29.16
C ARG E 18 -17.99 -31.64 29.02
N LYS E 19 -18.26 -32.85 28.57
CA LYS E 19 -17.24 -33.74 28.04
C LYS E 19 -17.36 -33.70 26.53
N LEU E 20 -16.38 -34.29 25.85
CA LEU E 20 -16.27 -34.28 24.38
C LEU E 20 -16.30 -32.85 23.84
N ASP E 21 -15.41 -32.01 24.39
CA ASP E 21 -15.38 -30.60 24.01
C ASP E 21 -14.42 -30.39 22.84
N PRO E 22 -14.91 -29.93 21.69
CA PRO E 22 -14.02 -29.71 20.55
C PRO E 22 -13.51 -28.27 20.50
N SER E 23 -12.63 -28.03 19.55
CA SER E 23 -12.13 -26.71 19.21
C SER E 23 -12.79 -26.24 17.92
N ASP E 24 -12.52 -25.00 17.55
CA ASP E 24 -13.04 -24.48 16.29
C ASP E 24 -12.32 -25.13 15.12
N ALA E 25 -13.08 -25.45 14.09
CA ALA E 25 -12.51 -26.01 12.88
C ALA E 25 -11.78 -24.94 12.10
N LEU E 26 -10.82 -25.38 11.29
CA LEU E 26 -10.05 -24.47 10.44
C LEU E 26 -10.12 -25.01 9.03
N MET E 27 -10.73 -24.24 8.13
CA MET E 27 -10.90 -24.71 6.76
C MET E 27 -9.77 -24.21 5.87
N SER E 28 -9.34 -25.08 4.96
CA SER E 28 -8.31 -24.77 4.00
C SER E 28 -8.55 -25.66 2.80
N ALA E 29 -8.02 -25.26 1.65
CA ALA E 29 -8.33 -25.93 0.40
C ALA E 29 -7.06 -26.35 -0.31
N GLY E 30 -7.17 -27.44 -1.05
CA GLY E 30 -6.05 -27.95 -1.81
C GLY E 30 -6.49 -28.94 -2.87
N ALA E 31 -5.66 -29.93 -3.17
CA ALA E 31 -5.97 -30.90 -4.19
C ALA E 31 -6.14 -32.28 -3.56
N TRP E 32 -7.08 -33.04 -4.11
CA TRP E 32 -7.19 -34.46 -3.82
C TRP E 32 -5.97 -35.18 -4.38
N ALA E 33 -5.66 -36.34 -3.79
CA ALA E 33 -4.43 -37.10 -3.99
C ALA E 33 -3.17 -36.29 -3.68
N GLN E 34 -3.30 -35.28 -2.82
CA GLN E 34 -2.17 -34.53 -2.26
C GLN E 34 -2.45 -34.27 -0.79
N ARG E 35 -3.58 -34.79 -0.30
CA ARG E 35 -4.04 -34.67 1.07
C ARG E 35 -3.16 -35.38 2.08
N ASP E 36 -2.23 -36.23 1.62
CA ASP E 36 -1.25 -36.82 2.52
C ASP E 36 -0.29 -35.75 3.05
N ALA E 37 0.20 -34.88 2.16
CA ALA E 37 1.03 -33.75 2.55
C ALA E 37 0.16 -32.50 2.55
N SER E 38 -0.46 -32.23 3.70
CA SER E 38 -1.48 -31.20 3.79
C SER E 38 -1.32 -30.35 5.03
N GLN E 39 -0.11 -30.25 5.57
CA GLN E 39 0.16 -29.42 6.72
C GLN E 39 0.43 -27.97 6.36
N GLU E 40 0.24 -27.58 5.09
CA GLU E 40 0.74 -26.33 4.57
C GLU E 40 -0.28 -25.65 3.65
N TRP E 41 -1.50 -26.18 3.57
CA TRP E 41 -2.49 -25.66 2.64
C TRP E 41 -2.97 -24.28 3.07
N PRO E 42 -3.17 -23.37 2.11
CA PRO E 42 -3.62 -22.01 2.47
C PRO E 42 -5.06 -21.99 2.89
N ALA E 43 -5.36 -21.16 3.88
CA ALA E 43 -6.68 -21.16 4.50
C ALA E 43 -7.70 -20.43 3.64
N VAL E 44 -8.94 -20.92 3.67
CA VAL E 44 -10.03 -20.31 2.93
C VAL E 44 -10.40 -18.98 3.58
N THR E 45 -10.43 -17.91 2.79
CA THR E 45 -10.71 -16.58 3.27
C THR E 45 -12.14 -16.17 2.95
N VAL E 46 -12.67 -15.27 3.76
CA VAL E 46 -14.03 -14.78 3.64
C VAL E 46 -13.98 -13.47 2.85
N ARG E 47 -14.40 -13.52 1.60
CA ARG E 47 -14.43 -12.33 0.75
C ARG E 47 -15.82 -11.70 0.82
N GLU E 48 -16.12 -10.80 -0.10
CA GLU E 48 -17.32 -9.97 0.01
C GLU E 48 -17.82 -9.60 -1.37
N LYS E 49 -19.11 -9.84 -1.62
CA LYS E 49 -19.71 -9.51 -2.91
C LYS E 49 -21.02 -8.76 -2.69
N SER E 50 -21.58 -8.25 -3.80
CA SER E 50 -22.82 -7.49 -3.77
C SER E 50 -23.92 -8.26 -4.48
N VAL E 51 -25.15 -8.13 -3.96
CA VAL E 51 -26.30 -8.88 -4.42
C VAL E 51 -27.45 -7.90 -4.63
N ARG E 52 -28.10 -7.98 -5.79
CA ARG E 52 -29.36 -7.29 -6.01
C ARG E 52 -30.47 -8.33 -5.98
N GLY E 53 -31.36 -8.24 -5.00
CA GLY E 53 -32.38 -9.24 -4.78
C GLY E 53 -33.58 -9.08 -5.67
N THR E 54 -34.74 -9.46 -5.12
CA THR E 54 -36.00 -9.46 -5.86
C THR E 54 -37.14 -9.51 -4.85
N ILE E 55 -38.35 -9.48 -5.37
CA ILE E 55 -39.56 -9.62 -4.58
C ILE E 55 -39.99 -11.08 -4.67
N SER E 56 -39.88 -11.80 -3.57
CA SER E 56 -40.13 -13.24 -3.57
C SER E 56 -41.00 -13.73 -2.43
N ASN E 57 -41.12 -12.99 -1.33
CA ASN E 57 -41.93 -13.43 -0.22
C ASN E 57 -43.42 -13.35 -0.56
N ARG E 58 -44.24 -13.99 0.28
CA ARG E 58 -45.67 -14.03 0.05
C ARG E 58 -46.27 -12.65 0.25
N LEU E 59 -47.06 -12.21 -0.73
CA LEU E 59 -47.76 -10.95 -0.58
C LEU E 59 -48.91 -11.10 0.40
N LYS E 60 -49.32 -9.99 1.01
CA LYS E 60 -50.37 -10.02 2.01
C LYS E 60 -51.77 -10.17 1.41
N THR E 61 -51.87 -10.10 0.07
CA THR E 61 -53.07 -10.20 -0.80
C THR E 61 -53.93 -8.93 -0.69
N LYS E 62 -53.60 -8.01 0.21
CA LYS E 62 -54.13 -6.66 0.16
C LYS E 62 -53.22 -5.76 -0.66
N ASP E 63 -52.00 -6.21 -0.93
CA ASP E 63 -51.04 -5.51 -1.78
C ASP E 63 -50.81 -6.24 -3.09
N ARG E 64 -51.80 -6.99 -3.56
CA ARG E 64 -51.70 -7.71 -4.83
C ARG E 64 -52.25 -6.89 -5.99
N ASP E 65 -51.75 -5.67 -6.12
CA ASP E 65 -52.09 -4.72 -7.16
C ASP E 65 -51.03 -4.73 -8.25
N PRO E 66 -51.35 -4.28 -9.48
CA PRO E 66 -50.30 -4.15 -10.51
C PRO E 66 -49.27 -3.09 -10.18
N ALA E 67 -49.73 -1.90 -9.78
CA ALA E 67 -48.83 -0.77 -9.58
C ALA E 67 -47.90 -0.98 -8.39
N LYS E 68 -48.35 -1.69 -7.37
CA LYS E 68 -47.50 -1.92 -6.21
C LYS E 68 -46.39 -2.92 -6.52
N LEU E 69 -46.71 -3.98 -7.27
CA LEU E 69 -45.67 -4.89 -7.73
C LEU E 69 -44.70 -4.21 -8.68
N ASP E 70 -45.19 -3.34 -9.56
CA ASP E 70 -44.30 -2.67 -10.49
C ASP E 70 -43.39 -1.67 -9.78
N ALA E 71 -43.89 -1.00 -8.75
CA ALA E 71 -43.06 -0.12 -7.94
C ALA E 71 -42.05 -0.91 -7.14
N SER E 72 -42.42 -2.12 -6.68
CA SER E 72 -41.47 -2.94 -5.94
C SER E 72 -40.37 -3.49 -6.85
N ILE E 73 -40.71 -3.80 -8.10
CA ILE E 73 -39.71 -4.28 -9.04
C ILE E 73 -38.78 -3.14 -9.47
N GLN E 74 -39.31 -1.93 -9.62
CA GLN E 74 -38.42 -0.80 -9.88
C GLN E 74 -37.62 -0.39 -8.65
N SER E 75 -38.01 -0.82 -7.45
CA SER E 75 -37.30 -0.46 -6.23
C SER E 75 -36.01 -1.25 -6.10
N PRO E 76 -34.95 -0.64 -5.57
CA PRO E 76 -33.72 -1.38 -5.35
C PRO E 76 -33.80 -2.29 -4.14
N ASN E 77 -33.11 -3.41 -4.23
CA ASN E 77 -32.96 -4.32 -3.10
C ASN E 77 -31.50 -4.74 -2.98
N LEU E 78 -30.62 -3.75 -3.02
CA LEU E 78 -29.18 -4.00 -3.05
C LEU E 78 -28.66 -4.38 -1.67
N GLN E 79 -27.85 -5.42 -1.61
CA GLN E 79 -27.29 -5.92 -0.36
C GLN E 79 -25.83 -6.26 -0.56
N THR E 80 -25.18 -6.56 0.56
CA THR E 80 -23.78 -6.99 0.57
C THR E 80 -23.68 -8.20 1.49
N VAL E 81 -23.08 -9.28 1.01
CA VAL E 81 -22.99 -10.51 1.78
C VAL E 81 -21.56 -11.01 1.79
N ASP E 82 -21.28 -11.92 2.72
CA ASP E 82 -20.03 -12.65 2.77
C ASP E 82 -20.18 -13.98 2.05
N VAL E 83 -19.15 -14.35 1.29
CA VAL E 83 -19.07 -15.67 0.68
C VAL E 83 -17.69 -16.26 0.95
N ALA E 84 -17.64 -17.58 0.91
CA ALA E 84 -16.39 -18.31 1.04
C ALA E 84 -16.35 -19.38 -0.04
N ASN E 85 -15.33 -19.31 -0.89
CA ASN E 85 -15.17 -20.22 -2.00
C ASN E 85 -13.81 -20.90 -1.91
N LEU E 86 -13.67 -21.99 -2.64
CA LEU E 86 -12.34 -22.55 -2.85
C LEU E 86 -11.60 -21.69 -3.87
N PRO E 87 -10.27 -21.78 -3.90
CA PRO E 87 -9.55 -21.28 -5.07
C PRO E 87 -9.91 -22.09 -6.31
N SER E 88 -9.72 -21.48 -7.47
CA SER E 88 -10.20 -22.08 -8.72
C SER E 88 -9.38 -23.27 -9.18
N ASP E 89 -8.25 -23.56 -8.55
CA ASP E 89 -7.47 -24.75 -8.84
C ASP E 89 -7.55 -25.80 -7.74
N ALA E 90 -8.22 -25.50 -6.63
CA ALA E 90 -8.37 -26.42 -5.51
C ALA E 90 -9.74 -27.08 -5.58
N ASP E 91 -9.80 -28.37 -5.29
CA ASP E 91 -11.06 -29.11 -5.35
C ASP E 91 -11.42 -29.85 -4.08
N THR E 92 -10.75 -29.61 -2.97
CA THR E 92 -11.08 -30.31 -1.73
C THR E 92 -11.01 -29.35 -0.56
N LEU E 93 -11.57 -29.78 0.56
CA LEU E 93 -11.70 -28.96 1.75
C LEU E 93 -11.12 -29.70 2.95
N LYS E 94 -10.04 -29.18 3.51
CA LYS E 94 -9.47 -29.73 4.72
C LYS E 94 -10.08 -29.03 5.93
N VAL E 95 -10.51 -29.82 6.91
CA VAL E 95 -11.12 -29.33 8.14
C VAL E 95 -10.48 -30.07 9.30
N ARG E 96 -9.81 -29.35 10.21
CA ARG E 96 -9.18 -29.99 11.35
C ARG E 96 -9.60 -29.32 12.65
N PHE E 97 -9.62 -30.13 13.71
CA PHE E 97 -9.97 -29.70 15.05
C PHE E 97 -9.50 -30.77 16.02
N THR E 98 -9.35 -30.39 17.28
CA THR E 98 -8.94 -31.32 18.31
C THR E 98 -10.08 -31.54 19.30
N LEU E 99 -10.01 -32.66 20.02
CA LEU E 99 -11.11 -33.08 20.86
C LEU E 99 -10.55 -33.72 22.13
N ARG E 100 -10.87 -33.13 23.27
CA ARG E 100 -10.52 -33.69 24.57
C ARG E 100 -11.65 -34.54 25.10
N VAL E 101 -11.32 -35.69 25.66
CA VAL E 101 -12.29 -36.59 26.29
C VAL E 101 -11.96 -36.61 27.77
N LEU E 102 -12.82 -36.00 28.58
CA LEU E 102 -12.47 -35.76 29.97
C LEU E 102 -12.66 -36.99 30.85
N GLY E 103 -13.88 -37.48 30.95
CA GLY E 103 -14.19 -38.52 31.90
C GLY E 103 -14.57 -37.95 33.26
N GLY E 104 -15.25 -38.78 34.04
CA GLY E 104 -15.84 -38.30 35.28
C GLY E 104 -17.19 -37.67 34.99
N ALA E 105 -18.01 -38.37 34.21
CA ALA E 105 -19.23 -37.83 33.64
C ALA E 105 -20.45 -38.09 34.51
N GLY E 106 -20.29 -38.21 35.81
CA GLY E 106 -21.42 -38.34 36.70
C GLY E 106 -21.39 -37.33 37.83
N THR E 107 -20.21 -36.76 38.05
CA THR E 107 -20.04 -35.80 39.14
C THR E 107 -20.47 -34.41 38.69
N PRO E 108 -21.44 -33.79 39.35
CA PRO E 108 -21.78 -32.41 39.02
C PRO E 108 -20.71 -31.46 39.53
N SER E 109 -20.60 -30.33 38.85
CA SER E 109 -19.64 -29.30 39.24
C SER E 109 -20.23 -28.27 40.18
N ALA E 110 -21.53 -28.34 40.47
CA ALA E 110 -22.16 -27.46 41.45
C ALA E 110 -23.42 -28.13 41.94
N CYS E 111 -23.61 -28.17 43.27
CA CYS E 111 -24.78 -28.80 43.85
C CYS E 111 -25.00 -28.26 45.25
N ASN E 112 -26.25 -28.19 45.68
CA ASN E 112 -26.56 -27.79 47.05
C ASN E 112 -26.70 -29.00 47.97
N ASP E 113 -27.61 -29.91 47.64
CA ASP E 113 -27.92 -31.03 48.50
C ASP E 113 -26.81 -32.06 48.49
N ALA E 114 -26.23 -32.32 49.66
CA ALA E 114 -25.19 -33.34 49.78
C ALA E 114 -25.74 -34.75 49.70
N ALA E 115 -27.04 -34.94 49.89
CA ALA E 115 -27.66 -36.25 49.75
C ALA E 115 -28.03 -36.56 48.31
N TYR E 116 -28.59 -35.59 47.60
CA TYR E 116 -28.89 -35.75 46.18
C TYR E 116 -27.61 -35.96 45.39
N ARG E 117 -26.52 -35.31 45.80
CA ARG E 117 -25.23 -35.50 45.17
C ARG E 117 -24.75 -36.95 45.29
N ASP E 118 -24.83 -37.51 46.50
CA ASP E 118 -24.35 -38.88 46.70
C ASP E 118 -25.27 -39.89 46.01
N LYS E 119 -26.58 -39.62 46.02
CA LYS E 119 -27.53 -40.50 45.33
C LYS E 119 -27.29 -40.50 43.82
N LEU E 120 -27.00 -39.32 43.26
CA LEU E 120 -26.66 -39.21 41.84
C LEU E 120 -25.37 -39.94 41.53
N LEU E 121 -24.40 -39.86 42.45
CA LEU E 121 -23.13 -40.56 42.26
C LEU E 121 -23.30 -42.07 42.22
N GLN E 122 -24.05 -42.65 43.18
CA GLN E 122 -24.19 -44.10 43.07
C GLN E 122 -25.21 -44.53 42.02
N THR E 123 -26.06 -43.62 41.55
CA THR E 123 -26.94 -43.96 40.42
C THR E 123 -26.14 -44.04 39.11
N VAL E 124 -25.29 -43.05 38.85
CA VAL E 124 -24.40 -43.12 37.69
C VAL E 124 -23.41 -44.26 37.85
N ALA E 125 -22.99 -44.55 39.10
CA ALA E 125 -22.06 -45.64 39.35
C ALA E 125 -22.68 -47.00 39.09
N THR E 126 -23.95 -47.20 39.46
CA THR E 126 -24.56 -48.48 39.15
C THR E 126 -24.99 -48.57 37.69
N TYR E 127 -25.17 -47.43 36.99
CA TYR E 127 -25.24 -47.48 35.53
C TYR E 127 -23.95 -48.02 34.94
N VAL E 128 -22.81 -47.44 35.36
CA VAL E 128 -21.50 -47.83 34.84
C VAL E 128 -21.18 -49.28 35.19
N ASN E 129 -21.57 -49.71 36.38
CA ASN E 129 -21.38 -51.10 36.78
C ASN E 129 -22.30 -52.04 36.02
N ASP E 130 -23.51 -51.59 35.68
CA ASP E 130 -24.41 -52.41 34.88
C ASP E 130 -23.87 -52.58 33.46
N GLN E 131 -23.41 -51.49 32.85
CA GLN E 131 -22.85 -51.52 31.51
C GLN E 131 -21.96 -50.30 31.34
N GLY E 132 -20.91 -50.42 30.54
CA GLY E 132 -19.96 -49.33 30.46
C GLY E 132 -20.45 -48.17 29.60
N PHE E 133 -19.52 -47.36 29.14
CA PHE E 133 -19.83 -46.33 28.16
C PHE E 133 -19.75 -46.84 26.73
N ALA E 134 -19.91 -48.14 26.51
CA ALA E 134 -19.53 -48.76 25.25
C ALA E 134 -20.51 -48.41 24.13
N GLU E 135 -21.81 -48.33 24.44
CA GLU E 135 -22.78 -48.01 23.41
C GLU E 135 -22.73 -46.53 23.02
N LEU E 136 -22.63 -45.65 24.03
CA LEU E 136 -22.50 -44.22 23.77
C LEU E 136 -21.21 -43.93 23.01
N ALA E 137 -20.10 -44.54 23.42
CA ALA E 137 -18.85 -44.30 22.70
C ALA E 137 -18.86 -44.93 21.32
N ARG E 138 -19.64 -45.99 21.12
CA ARG E 138 -19.85 -46.52 19.79
C ARG E 138 -20.55 -45.51 18.90
N ARG E 139 -21.55 -44.81 19.45
CA ARG E 139 -22.27 -43.85 18.64
C ARG E 139 -21.47 -42.55 18.43
N TYR E 140 -20.68 -42.13 19.42
CA TYR E 140 -19.80 -40.98 19.19
C TYR E 140 -18.68 -41.32 18.20
N ALA E 141 -18.18 -42.56 18.22
CA ALA E 141 -17.20 -42.96 17.23
C ALA E 141 -17.82 -43.05 15.84
N HIS E 142 -19.12 -43.35 15.76
CA HIS E 142 -19.79 -43.25 14.46
C HIS E 142 -19.89 -41.82 13.99
N ASN E 143 -20.26 -40.88 14.87
CA ASN E 143 -20.36 -39.50 14.42
C ASN E 143 -19.00 -38.86 14.17
N LEU E 144 -17.92 -39.43 14.70
CA LEU E 144 -16.59 -39.08 14.20
C LEU E 144 -16.25 -39.77 12.89
N ALA E 145 -16.78 -40.98 12.69
CA ALA E 145 -16.41 -41.78 11.51
C ALA E 145 -16.99 -41.19 10.24
N ASN E 146 -18.30 -40.95 10.21
CA ASN E 146 -18.87 -40.20 9.11
C ASN E 146 -18.61 -38.72 9.36
N ALA E 147 -19.13 -37.86 8.49
CA ALA E 147 -18.69 -36.47 8.52
C ALA E 147 -19.83 -35.54 8.87
N ARG E 148 -20.54 -35.85 9.97
CA ARG E 148 -21.63 -35.00 10.45
C ARG E 148 -21.20 -33.57 10.72
N PHE E 149 -19.96 -33.35 11.15
CA PHE E 149 -19.49 -31.98 11.37
C PHE E 149 -19.28 -31.22 10.07
N LEU E 150 -19.21 -31.90 8.93
CA LEU E 150 -19.34 -31.25 7.62
C LEU E 150 -20.83 -31.18 7.34
N TRP E 151 -21.45 -30.06 7.69
CA TRP E 151 -22.91 -30.00 7.67
C TRP E 151 -23.48 -29.93 6.26
N ARG E 152 -23.24 -28.83 5.56
CA ARG E 152 -23.69 -28.72 4.19
C ARG E 152 -22.54 -29.00 3.22
N ASN E 153 -21.32 -29.04 3.74
CA ASN E 153 -20.15 -29.36 2.93
C ASN E 153 -20.18 -30.82 2.49
N ARG E 154 -20.77 -31.71 3.30
CA ARG E 154 -20.90 -33.10 2.91
C ARG E 154 -21.94 -33.28 1.82
N VAL E 155 -22.99 -32.46 1.83
CA VAL E 155 -24.16 -32.62 0.98
C VAL E 155 -23.75 -32.36 -0.47
N GLY E 156 -23.65 -33.41 -1.27
CA GLY E 156 -23.25 -33.31 -2.65
C GLY E 156 -21.74 -33.26 -2.84
N ALA E 157 -21.03 -34.20 -2.21
CA ALA E 157 -19.59 -34.30 -2.33
C ALA E 157 -19.21 -35.57 -3.07
N GLU E 158 -18.09 -35.51 -3.79
CA GLU E 158 -17.61 -36.67 -4.54
C GLU E 158 -17.21 -37.81 -3.61
N ALA E 159 -16.35 -37.50 -2.65
CA ALA E 159 -15.81 -38.51 -1.74
C ALA E 159 -15.32 -37.79 -0.50
N VAL E 160 -15.66 -38.33 0.67
CA VAL E 160 -15.29 -37.74 1.95
C VAL E 160 -14.44 -38.75 2.71
N GLU E 161 -13.37 -38.27 3.35
CA GLU E 161 -12.45 -39.12 4.07
C GLU E 161 -12.04 -38.44 5.38
N VAL E 162 -12.00 -39.22 6.47
CA VAL E 162 -11.77 -38.71 7.81
C VAL E 162 -10.54 -39.40 8.41
N ARG E 163 -9.59 -38.61 8.90
CA ARG E 163 -8.40 -39.11 9.57
C ARG E 163 -8.44 -38.72 11.03
N ILE E 164 -8.28 -39.71 11.91
CA ILE E 164 -8.31 -39.50 13.36
C ILE E 164 -7.01 -40.03 13.95
N ASN E 165 -6.32 -39.19 14.72
CA ASN E 165 -5.09 -39.57 15.39
C ASN E 165 -5.26 -39.45 16.89
N HIS E 166 -4.58 -40.34 17.62
CA HIS E 166 -4.50 -40.25 19.07
C HIS E 166 -3.17 -39.63 19.46
N ILE E 167 -3.23 -38.59 20.29
CA ILE E 167 -2.08 -37.77 20.63
C ILE E 167 -1.71 -38.10 22.08
N ARG E 168 -0.64 -38.88 22.25
CA ARG E 168 -0.21 -39.35 23.56
C ARG E 168 0.80 -38.40 24.19
N GLN E 169 1.62 -37.77 23.36
CA GLN E 169 2.73 -36.89 23.73
C GLN E 169 2.80 -35.84 22.65
N GLY E 170 3.97 -35.25 22.43
CA GLY E 170 4.18 -34.59 21.15
C GLY E 170 4.07 -35.47 19.92
N GLU E 171 4.14 -36.80 20.06
CA GLU E 171 4.10 -37.74 18.96
C GLU E 171 2.77 -38.48 18.93
N VAL E 172 2.28 -38.77 17.72
CA VAL E 172 1.06 -39.53 17.53
C VAL E 172 1.29 -40.99 17.93
N ALA E 173 0.29 -41.57 18.59
CA ALA E 173 0.33 -42.97 19.03
C ALA E 173 -0.53 -43.91 18.19
N ARG E 174 -1.77 -43.53 17.90
CA ARG E 174 -2.69 -44.43 17.21
C ARG E 174 -3.39 -43.65 16.11
N ALA E 175 -3.59 -44.30 14.96
CA ALA E 175 -4.15 -43.66 13.78
C ALA E 175 -5.38 -44.42 13.29
N TRP E 176 -6.22 -43.72 12.54
CA TRP E 176 -7.38 -44.32 11.90
C TRP E 176 -7.62 -43.64 10.56
N ARG E 177 -8.14 -44.41 9.61
CA ARG E 177 -8.46 -43.89 8.29
C ARG E 177 -9.81 -44.46 7.88
N PHE E 178 -10.76 -43.56 7.63
CA PHE E 178 -12.16 -43.92 7.45
C PHE E 178 -12.65 -43.52 6.07
N ASP E 179 -13.90 -43.89 5.78
CA ASP E 179 -14.60 -43.52 4.56
C ASP E 179 -15.98 -43.05 4.98
N ALA E 180 -16.21 -41.74 4.91
CA ALA E 180 -17.41 -41.18 5.51
C ALA E 180 -18.66 -41.41 4.67
N LEU E 181 -18.54 -41.85 3.43
CA LEU E 181 -19.72 -42.13 2.63
C LEU E 181 -20.17 -43.57 2.72
N ALA E 182 -19.22 -44.51 2.77
CA ALA E 182 -19.57 -45.91 2.95
C ALA E 182 -20.10 -46.17 4.36
N ILE E 183 -19.44 -45.60 5.36
CA ILE E 183 -20.00 -45.57 6.70
C ILE E 183 -21.24 -44.69 6.69
N GLY E 184 -22.36 -45.26 7.12
CA GLY E 184 -23.65 -44.65 6.91
C GLY E 184 -23.89 -43.41 7.74
N LEU E 185 -25.03 -42.78 7.47
CA LEU E 185 -25.52 -41.64 8.21
C LEU E 185 -26.83 -41.97 8.92
N ARG E 186 -27.41 -43.14 8.63
CA ARG E 186 -28.75 -43.49 9.05
C ARG E 186 -28.79 -44.47 10.21
N ASP E 187 -27.87 -45.43 10.26
CA ASP E 187 -27.87 -46.44 11.31
C ASP E 187 -26.52 -46.51 12.02
N PHE E 188 -26.34 -47.55 12.84
CA PHE E 188 -25.11 -47.77 13.58
C PHE E 188 -24.66 -49.20 13.36
N LYS E 189 -23.38 -49.36 13.00
CA LYS E 189 -22.87 -50.67 12.58
C LYS E 189 -21.69 -51.08 13.43
N ALA E 190 -20.97 -52.11 13.01
CA ALA E 190 -19.77 -52.58 13.70
C ALA E 190 -18.64 -52.73 12.70
N ASP E 191 -17.43 -52.43 13.16
CA ASP E 191 -16.20 -52.65 12.39
C ASP E 191 -15.06 -52.69 13.39
N ALA E 192 -13.89 -53.15 12.94
CA ALA E 192 -12.76 -53.34 13.84
C ALA E 192 -12.18 -52.01 14.29
N GLU E 193 -11.91 -51.10 13.35
CA GLU E 193 -11.34 -49.82 13.71
C GLU E 193 -12.35 -48.93 14.41
N LEU E 194 -13.64 -49.09 14.06
CA LEU E 194 -14.70 -48.38 14.78
C LEU E 194 -14.78 -48.82 16.23
N ASP E 195 -14.64 -50.11 16.48
CA ASP E 195 -14.70 -50.60 17.86
C ASP E 195 -13.43 -50.26 18.63
N ALA E 196 -12.28 -50.16 17.95
CA ALA E 196 -11.07 -49.71 18.62
C ALA E 196 -11.18 -48.25 19.04
N LEU E 197 -11.71 -47.40 18.15
CA LEU E 197 -11.92 -46.00 18.49
C LEU E 197 -13.00 -45.85 19.55
N ALA E 198 -14.02 -46.71 19.52
CA ALA E 198 -15.06 -46.68 20.53
C ALA E 198 -14.52 -47.10 21.89
N GLU E 199 -13.58 -48.05 21.91
CA GLU E 199 -12.99 -48.43 23.18
C GLU E 199 -12.03 -47.37 23.69
N LEU E 200 -11.37 -46.63 22.80
CA LEU E 200 -10.56 -45.50 23.24
C LEU E 200 -11.41 -44.40 23.87
N ILE E 201 -12.55 -44.07 23.25
CA ILE E 201 -13.46 -43.09 23.80
C ILE E 201 -14.08 -43.59 25.11
N ALA E 202 -14.36 -44.90 25.21
CA ALA E 202 -14.95 -45.45 26.41
C ALA E 202 -13.95 -45.49 27.57
N SER E 203 -12.67 -45.71 27.27
CA SER E 203 -11.65 -45.57 28.29
C SER E 203 -11.48 -44.12 28.71
N GLY E 204 -11.67 -43.19 27.79
CA GLY E 204 -11.58 -41.79 28.14
C GLY E 204 -12.73 -41.31 29.00
N LEU E 205 -13.94 -41.80 28.75
CA LEU E 205 -15.10 -41.32 29.49
C LEU E 205 -15.20 -41.89 30.90
N SER E 206 -14.48 -42.96 31.20
CA SER E 206 -14.54 -43.58 32.52
C SER E 206 -13.39 -43.14 33.42
N GLY E 207 -12.69 -42.06 33.04
CA GLY E 207 -11.62 -41.53 33.85
C GLY E 207 -10.35 -42.35 33.89
N SER E 208 -10.25 -43.41 33.08
CA SER E 208 -9.13 -44.32 33.12
C SER E 208 -8.03 -43.96 32.14
N GLY E 209 -7.89 -42.69 31.82
CA GLY E 209 -6.86 -42.28 30.88
C GLY E 209 -7.10 -40.86 30.42
N HIS E 210 -6.13 -40.36 29.66
CA HIS E 210 -6.20 -39.05 29.03
C HIS E 210 -6.23 -39.26 27.52
N VAL E 211 -7.30 -38.81 26.88
CA VAL E 211 -7.50 -38.99 25.45
C VAL E 211 -7.50 -37.63 24.79
N LEU E 212 -6.62 -37.46 23.80
CA LEU E 212 -6.57 -36.26 23.00
C LEU E 212 -6.59 -36.67 21.54
N LEU E 213 -7.67 -36.34 20.85
CA LEU E 213 -7.87 -36.73 19.47
C LEU E 213 -7.88 -35.50 18.58
N GLU E 214 -7.13 -35.54 17.49
CA GLU E 214 -7.31 -34.58 16.42
C GLU E 214 -7.96 -35.29 15.24
N VAL E 215 -8.92 -34.62 14.61
CA VAL E 215 -9.71 -35.18 13.54
C VAL E 215 -9.56 -34.28 12.32
N VAL E 216 -9.24 -34.87 11.17
CA VAL E 216 -9.07 -34.14 9.93
C VAL E 216 -9.99 -34.76 8.88
N ALA E 217 -10.77 -33.93 8.19
CA ALA E 217 -11.70 -34.38 7.18
C ALA E 217 -11.42 -33.73 5.83
N PHE E 218 -11.51 -34.51 4.76
CA PHE E 218 -11.27 -34.06 3.40
C PHE E 218 -12.52 -34.34 2.58
N ALA E 219 -13.02 -33.32 1.88
CA ALA E 219 -14.25 -33.44 1.09
C ALA E 219 -14.00 -32.92 -0.31
N ARG E 220 -13.96 -33.83 -1.28
CA ARG E 220 -13.68 -33.46 -2.67
C ARG E 220 -14.98 -32.90 -3.26
N ILE E 221 -15.02 -31.58 -3.45
CA ILE E 221 -16.24 -30.93 -3.90
C ILE E 221 -16.13 -30.51 -5.36
N GLY E 222 -15.20 -29.62 -5.67
CA GLY E 222 -15.06 -29.08 -6.99
C GLY E 222 -14.34 -27.75 -6.96
N ASP E 223 -13.93 -27.28 -8.13
CA ASP E 223 -13.10 -26.10 -8.23
C ASP E 223 -13.93 -24.84 -8.07
N GLY E 224 -13.61 -24.04 -7.06
CA GLY E 224 -14.24 -22.76 -6.87
C GLY E 224 -15.61 -22.81 -6.23
N GLN E 225 -16.04 -23.96 -5.74
CA GLN E 225 -17.38 -24.09 -5.17
C GLN E 225 -17.49 -23.36 -3.84
N GLU E 226 -18.72 -23.21 -3.37
CA GLU E 226 -19.01 -22.43 -2.19
C GLU E 226 -18.97 -23.34 -0.96
N VAL E 227 -17.99 -23.13 -0.09
CA VAL E 227 -17.96 -23.80 1.20
C VAL E 227 -18.81 -23.00 2.17
N PHE E 228 -19.16 -23.59 3.29
CA PHE E 228 -20.11 -23.00 4.23
C PHE E 228 -19.51 -22.93 5.62
N PRO E 229 -18.77 -21.87 5.94
CA PRO E 229 -18.47 -21.58 7.34
C PRO E 229 -19.73 -21.19 8.10
N SER E 230 -19.63 -21.23 9.42
CA SER E 230 -20.77 -20.89 10.26
C SER E 230 -21.02 -19.39 10.22
N GLN E 231 -22.30 -19.04 10.27
CA GLN E 231 -22.75 -17.67 10.06
C GLN E 231 -22.96 -16.98 11.40
N GLU E 232 -22.67 -15.69 11.44
CA GLU E 232 -22.72 -14.91 12.65
C GLU E 232 -24.03 -14.14 12.79
N LEU E 233 -24.36 -13.82 14.03
CA LEU E 233 -25.53 -13.04 14.37
C LEU E 233 -25.19 -11.56 14.31
N ILE E 234 -25.89 -10.82 13.45
CA ILE E 234 -25.73 -9.39 13.31
C ILE E 234 -27.10 -8.74 13.36
N LEU E 235 -27.19 -7.61 14.06
CA LEU E 235 -28.45 -6.91 14.22
C LEU E 235 -28.48 -5.76 13.22
N ASP E 236 -29.23 -5.96 12.13
CA ASP E 236 -29.38 -4.94 11.11
C ASP E 236 -30.31 -3.85 11.62
N LYS E 237 -29.76 -2.90 12.36
CA LYS E 237 -30.51 -1.78 12.90
C LYS E 237 -30.35 -0.57 11.99
N GLY E 238 -30.81 0.59 12.44
CA GLY E 238 -30.78 1.79 11.63
C GLY E 238 -29.50 2.58 11.71
N ASP E 239 -28.39 2.01 11.22
CA ASP E 239 -27.14 2.74 11.12
C ASP E 239 -27.03 3.39 9.74
N LYS E 240 -25.83 3.83 9.39
CA LYS E 240 -25.59 4.55 8.15
C LYS E 240 -25.72 3.62 6.94
N LYS E 241 -26.76 3.84 6.14
CA LYS E 241 -26.96 3.33 4.78
C LYS E 241 -27.08 1.81 4.69
N GLY E 242 -27.12 1.10 5.81
CA GLY E 242 -27.18 -0.34 5.78
C GLY E 242 -25.82 -0.97 5.59
N GLN E 243 -25.49 -1.95 6.41
CA GLN E 243 -24.21 -2.64 6.34
C GLN E 243 -24.43 -3.98 5.63
N LYS E 244 -23.38 -4.79 5.61
CA LYS E 244 -23.46 -6.15 5.10
C LYS E 244 -24.43 -6.97 5.93
N SER E 245 -25.26 -7.76 5.25
CA SER E 245 -26.39 -8.44 5.89
C SER E 245 -26.14 -9.92 6.13
N LYS E 246 -24.89 -10.34 6.02
CA LYS E 246 -24.54 -11.75 6.23
C LYS E 246 -23.07 -11.79 6.62
N THR E 247 -22.80 -12.09 7.88
CA THR E 247 -21.45 -12.15 8.40
C THR E 247 -21.10 -13.61 8.68
N LEU E 248 -19.99 -14.06 8.11
CA LEU E 248 -19.52 -15.42 8.36
C LEU E 248 -18.45 -15.40 9.44
N TYR E 249 -18.46 -16.43 10.28
CA TYR E 249 -17.47 -16.53 11.36
C TYR E 249 -16.09 -16.86 10.80
N SER E 250 -15.07 -16.23 11.36
CA SER E 250 -13.71 -16.45 10.94
C SER E 250 -12.78 -16.21 12.12
N VAL E 251 -11.52 -16.52 11.91
CA VAL E 251 -10.42 -16.23 12.83
C VAL E 251 -9.42 -15.47 11.97
N ARG E 252 -8.20 -15.28 12.47
CA ARG E 252 -7.17 -14.62 11.67
C ARG E 252 -6.88 -15.36 10.37
N ASP E 253 -7.34 -14.78 9.25
CA ASP E 253 -7.01 -15.19 7.88
C ASP E 253 -7.54 -16.59 7.56
N ALA E 254 -8.61 -17.01 8.22
CA ALA E 254 -9.13 -18.35 8.02
C ALA E 254 -10.62 -18.39 8.31
N ALA E 255 -11.38 -19.07 7.44
CA ALA E 255 -12.80 -19.27 7.69
C ALA E 255 -13.00 -20.49 8.57
N ALA E 256 -13.86 -20.36 9.57
CA ALA E 256 -13.97 -21.35 10.63
C ALA E 256 -15.41 -21.77 10.84
N ILE E 257 -15.57 -23.00 11.33
CA ILE E 257 -16.82 -23.50 11.89
C ILE E 257 -16.71 -23.37 13.40
N HIS E 258 -17.82 -23.03 14.07
CA HIS E 258 -17.78 -22.92 15.52
C HIS E 258 -17.50 -24.27 16.17
N SER E 259 -17.08 -24.22 17.43
CA SER E 259 -16.87 -25.45 18.18
C SER E 259 -18.19 -26.11 18.55
N GLN E 260 -19.21 -25.31 18.88
CA GLN E 260 -20.47 -25.90 19.29
C GLN E 260 -21.23 -26.52 18.13
N LYS E 261 -20.93 -26.14 16.89
CA LYS E 261 -21.57 -26.78 15.75
C LYS E 261 -21.03 -28.20 15.55
N ILE E 262 -19.72 -28.37 15.74
CA ILE E 262 -19.12 -29.70 15.70
C ILE E 262 -19.57 -30.52 16.91
N GLY E 263 -19.70 -29.88 18.07
CA GLY E 263 -20.18 -30.57 19.24
C GLY E 263 -21.64 -31.00 19.13
N ASN E 264 -22.44 -30.22 18.40
CA ASN E 264 -23.79 -30.64 18.10
C ASN E 264 -23.80 -31.81 17.13
N ALA E 265 -22.92 -31.76 16.13
CA ALA E 265 -22.89 -32.85 15.16
C ALA E 265 -22.30 -34.14 15.74
N LEU E 266 -21.61 -34.07 16.89
CA LEU E 266 -21.13 -35.30 17.50
C LEU E 266 -22.23 -36.00 18.29
N ARG E 267 -23.08 -35.24 18.98
CA ARG E 267 -24.08 -35.81 19.87
C ARG E 267 -25.42 -36.08 19.20
N THR E 268 -25.43 -36.31 17.89
CA THR E 268 -26.67 -36.67 17.20
C THR E 268 -26.84 -38.18 17.31
N ILE E 269 -27.45 -38.59 18.41
CA ILE E 269 -27.48 -39.98 18.85
C ILE E 269 -28.90 -40.51 18.98
N ASP E 270 -29.80 -39.71 19.57
CA ASP E 270 -31.13 -40.11 20.03
C ASP E 270 -32.01 -40.71 18.96
N THR E 271 -32.41 -41.97 19.15
CA THR E 271 -33.34 -42.66 18.25
C THR E 271 -34.55 -43.21 18.99
N TRP E 272 -34.86 -42.69 20.18
CA TRP E 272 -36.01 -43.18 20.91
C TRP E 272 -36.95 -42.08 21.37
N TYR E 273 -36.88 -40.90 20.77
CA TYR E 273 -37.96 -39.95 20.90
C TYR E 273 -39.23 -40.58 20.35
N PRO E 274 -40.37 -40.37 21.02
CA PRO E 274 -41.53 -41.25 20.81
C PRO E 274 -42.27 -41.04 19.50
N ASP E 275 -41.79 -40.19 18.61
CA ASP E 275 -42.53 -39.94 17.36
C ASP E 275 -42.41 -41.12 16.40
N GLU E 276 -41.21 -41.40 15.92
CA GLU E 276 -41.05 -42.39 14.85
C GLU E 276 -39.58 -42.76 14.70
N ASP E 277 -39.36 -43.82 13.94
CA ASP E 277 -38.04 -44.17 13.42
C ASP E 277 -37.87 -43.82 11.95
N GLY E 278 -38.87 -43.15 11.35
CA GLY E 278 -38.79 -42.79 9.95
C GLY E 278 -37.82 -41.66 9.68
N LEU E 279 -37.63 -40.75 10.65
CA LEU E 279 -36.72 -39.64 10.44
C LEU E 279 -35.28 -40.07 10.66
N GLY E 280 -34.95 -40.52 11.88
CA GLY E 280 -33.61 -40.94 12.18
C GLY E 280 -33.09 -40.35 13.47
N PRO E 281 -31.76 -40.30 13.62
CA PRO E 281 -31.18 -39.81 14.87
C PRO E 281 -31.25 -38.29 14.96
N ILE E 282 -31.64 -37.79 16.13
CA ILE E 282 -31.62 -36.37 16.42
C ILE E 282 -30.59 -36.11 17.51
N ALA E 283 -30.32 -34.84 17.76
CA ALA E 283 -29.32 -34.46 18.74
C ALA E 283 -29.85 -34.68 20.16
N VAL E 284 -28.94 -35.06 21.04
CA VAL E 284 -29.28 -35.26 22.45
C VAL E 284 -29.53 -33.88 23.06
N GLU E 285 -30.68 -33.73 23.74
CA GLU E 285 -31.11 -32.45 24.26
C GLU E 285 -32.22 -32.63 25.29
N PRO E 286 -32.21 -31.87 26.39
CA PRO E 286 -33.39 -31.84 27.26
C PRO E 286 -34.50 -31.07 26.58
N TYR E 287 -35.71 -31.65 26.61
CA TYR E 287 -36.83 -31.31 25.73
C TYR E 287 -36.36 -31.36 24.29
N GLY E 288 -35.99 -32.58 23.85
CA GLY E 288 -35.14 -32.76 22.67
C GLY E 288 -35.70 -32.24 21.38
N SER E 289 -35.19 -31.09 20.96
CA SER E 289 -35.87 -30.23 20.00
C SER E 289 -34.98 -29.98 18.79
N VAL E 290 -35.48 -30.35 17.62
CA VAL E 290 -34.84 -29.99 16.35
C VAL E 290 -35.48 -28.67 15.95
N THR E 291 -34.82 -27.58 16.31
CA THR E 291 -35.39 -26.25 16.16
C THR E 291 -35.39 -25.81 14.70
N SER E 292 -34.51 -26.40 13.89
CA SER E 292 -34.42 -26.05 12.47
C SER E 292 -35.63 -26.54 11.68
N GLN E 293 -36.37 -27.50 12.20
CA GLN E 293 -37.67 -27.86 11.66
C GLN E 293 -38.81 -27.52 12.61
N GLY E 294 -38.56 -26.67 13.59
CA GLY E 294 -39.60 -26.05 14.40
C GLY E 294 -40.40 -26.99 15.28
N LYS E 295 -39.98 -28.23 15.44
CA LYS E 295 -40.73 -29.22 16.21
C LYS E 295 -39.85 -29.75 17.33
N ALA E 296 -40.36 -29.66 18.55
CA ALA E 296 -39.69 -30.25 19.70
C ALA E 296 -40.23 -31.66 19.89
N TYR E 297 -39.42 -32.66 19.57
CA TYR E 297 -39.74 -34.02 19.96
C TYR E 297 -39.54 -34.18 21.46
N ARG E 298 -39.97 -35.33 21.97
CA ARG E 298 -39.80 -35.73 23.37
C ARG E 298 -40.41 -34.67 24.30
N GLN E 299 -41.70 -34.44 24.12
CA GLN E 299 -42.37 -33.38 24.83
C GLN E 299 -42.53 -33.81 26.29
N PRO E 300 -42.55 -32.87 27.23
CA PRO E 300 -42.81 -33.24 28.62
C PRO E 300 -44.25 -33.67 28.93
N LYS E 301 -45.13 -33.65 27.94
CA LYS E 301 -46.48 -34.18 28.09
C LYS E 301 -46.52 -35.69 28.02
N GLN E 302 -45.47 -36.32 27.47
CA GLN E 302 -45.29 -37.75 27.61
C GLN E 302 -44.41 -38.02 28.82
N LYS E 303 -43.90 -39.23 28.93
CA LYS E 303 -43.06 -39.60 30.06
C LYS E 303 -41.68 -39.99 29.53
N LEU E 304 -41.13 -39.19 28.62
CA LEU E 304 -39.79 -39.41 28.12
C LEU E 304 -38.87 -38.21 28.24
N ASP E 305 -39.32 -37.12 28.85
CA ASP E 305 -38.50 -35.95 29.09
C ASP E 305 -37.34 -36.29 30.03
N PHE E 306 -36.21 -35.59 29.82
CA PHE E 306 -34.99 -35.87 30.59
C PHE E 306 -35.18 -35.54 32.06
N TYR E 307 -35.86 -34.45 32.37
CA TYR E 307 -36.08 -34.08 33.78
C TYR E 307 -37.00 -35.07 34.46
N THR E 308 -37.98 -35.60 33.73
CA THR E 308 -38.85 -36.65 34.25
C THR E 308 -38.08 -37.92 34.54
N LEU E 309 -37.22 -38.34 33.61
CA LEU E 309 -36.44 -39.57 33.79
C LEU E 309 -35.44 -39.42 34.92
N LEU E 310 -34.84 -38.23 35.05
CA LEU E 310 -33.89 -37.97 36.13
C LEU E 310 -34.57 -38.01 37.48
N ASP E 311 -35.69 -37.30 37.62
CA ASP E 311 -36.40 -37.25 38.89
C ASP E 311 -37.06 -38.58 39.24
N ASN E 312 -37.35 -39.44 38.27
CA ASN E 312 -37.81 -40.78 38.61
C ASN E 312 -36.65 -41.67 39.03
N TRP E 313 -35.57 -41.67 38.26
CA TRP E 313 -34.52 -42.68 38.39
C TRP E 313 -33.47 -42.33 39.44
N VAL E 314 -33.48 -41.12 39.99
CA VAL E 314 -32.60 -40.76 41.08
C VAL E 314 -33.35 -40.64 42.40
N LEU E 315 -34.50 -39.95 42.40
CA LEU E 315 -35.26 -39.78 43.64
C LEU E 315 -36.01 -41.05 44.00
N ARG E 316 -36.88 -41.51 43.10
CA ARG E 316 -37.77 -42.64 43.39
C ARG E 316 -37.14 -43.99 43.10
N ASP E 317 -35.95 -44.00 42.47
CA ASP E 317 -35.14 -45.20 42.23
C ASP E 317 -35.90 -46.23 41.39
N GLU E 318 -36.68 -45.76 40.43
CA GLU E 318 -37.32 -46.61 39.43
C GLU E 318 -36.53 -46.51 38.14
N ALA E 319 -36.14 -47.65 37.59
CA ALA E 319 -35.27 -47.48 36.44
C ALA E 319 -36.08 -47.47 35.15
N PRO E 320 -35.70 -46.66 34.18
CA PRO E 320 -36.36 -46.69 32.87
C PRO E 320 -35.76 -47.79 32.02
N ALA E 321 -36.17 -47.83 30.75
CA ALA E 321 -35.57 -48.74 29.80
C ALA E 321 -34.11 -48.36 29.57
N VAL E 322 -33.33 -49.36 29.11
CA VAL E 322 -31.89 -49.22 28.93
C VAL E 322 -31.57 -48.11 27.93
N GLU E 323 -32.42 -47.98 26.91
CA GLU E 323 -32.27 -46.94 25.91
C GLU E 323 -32.46 -45.54 26.53
N GLN E 324 -33.39 -45.39 27.45
CA GLN E 324 -33.53 -44.11 28.13
C GLN E 324 -32.42 -43.88 29.14
N GLN E 325 -31.81 -44.95 29.64
CA GLN E 325 -30.62 -44.79 30.47
C GLN E 325 -29.45 -44.25 29.64
N HIS E 326 -29.31 -44.74 28.40
CA HIS E 326 -28.32 -44.16 27.48
C HIS E 326 -28.62 -42.69 27.21
N TYR E 327 -29.90 -42.34 27.08
CA TYR E 327 -30.28 -40.96 26.84
C TYR E 327 -29.93 -40.05 28.01
N VAL E 328 -30.18 -40.51 29.24
CA VAL E 328 -29.89 -39.70 30.42
C VAL E 328 -28.38 -39.55 30.62
N ILE E 329 -27.61 -40.60 30.34
CA ILE E 329 -26.16 -40.47 30.52
C ILE E 329 -25.55 -39.62 29.40
N ALA E 330 -26.12 -39.65 28.19
CA ALA E 330 -25.66 -38.72 27.15
C ALA E 330 -26.01 -37.28 27.48
N ASN E 331 -27.14 -37.05 28.16
CA ASN E 331 -27.45 -35.71 28.65
C ASN E 331 -26.47 -35.25 29.72
N LEU E 332 -26.03 -36.17 30.58
CA LEU E 332 -25.05 -35.78 31.59
C LEU E 332 -23.68 -35.52 30.97
N ILE E 333 -23.34 -36.24 29.91
CA ILE E 333 -22.09 -35.98 29.18
C ILE E 333 -22.16 -34.64 28.46
N ARG E 334 -23.35 -34.26 27.97
CA ARG E 334 -23.54 -32.98 27.29
C ARG E 334 -23.22 -31.79 28.19
N GLY E 335 -23.66 -31.84 29.43
CA GLY E 335 -23.60 -30.69 30.31
C GLY E 335 -24.82 -29.82 30.17
N GLY E 336 -24.97 -28.88 31.09
CA GLY E 336 -26.11 -28.00 31.07
C GLY E 336 -26.34 -27.34 32.40
N VAL E 337 -27.36 -26.51 32.43
CA VAL E 337 -27.82 -25.83 33.63
C VAL E 337 -29.08 -26.55 34.07
N PHE E 338 -28.95 -27.38 35.10
CA PHE E 338 -30.06 -28.21 35.55
C PHE E 338 -30.49 -27.73 36.92
N GLY E 339 -31.71 -28.06 37.31
CA GLY E 339 -32.28 -27.55 38.54
C GLY E 339 -33.08 -26.28 38.32
N GLU E 340 -33.72 -25.83 39.39
CA GLU E 340 -34.62 -24.69 39.30
C GLU E 340 -33.86 -23.36 39.21
N LEU F 8 -13.09 -5.53 81.03
CA LEU F 8 -12.54 -5.04 79.77
C LEU F 8 -13.11 -5.78 78.57
N SER F 9 -13.81 -5.05 77.71
CA SER F 9 -14.30 -5.58 76.45
C SER F 9 -13.23 -5.43 75.38
N THR F 10 -13.55 -5.91 74.18
CA THR F 10 -12.63 -5.88 73.05
C THR F 10 -13.01 -4.76 72.10
N ALA F 11 -12.15 -4.54 71.10
CA ALA F 11 -12.40 -3.50 70.11
C ALA F 11 -13.51 -3.94 69.17
N SER F 12 -14.31 -2.97 68.73
CA SER F 12 -15.44 -3.26 67.85
C SER F 12 -15.11 -2.97 66.38
N VAL F 13 -14.42 -1.88 66.11
CA VAL F 13 -13.98 -1.56 64.75
C VAL F 13 -12.57 -2.12 64.57
N LEU F 14 -12.46 -3.23 63.85
CA LEU F 14 -11.19 -3.89 63.59
C LEU F 14 -11.09 -4.22 62.12
N ALA F 15 -9.87 -4.15 61.58
CA ALA F 15 -9.62 -4.36 60.16
C ALA F 15 -8.30 -5.09 59.98
N PHE F 16 -8.36 -6.42 59.95
CA PHE F 16 -7.19 -7.19 59.57
C PHE F 16 -6.95 -7.05 58.07
N GLU F 17 -5.68 -6.89 57.67
CA GLU F 17 -5.36 -6.43 56.34
C GLU F 17 -4.90 -7.58 55.45
N ARG F 18 -4.78 -7.30 54.16
CA ARG F 18 -4.39 -8.30 53.18
C ARG F 18 -2.94 -8.69 53.36
N LYS F 19 -2.67 -9.97 53.09
CA LYS F 19 -1.32 -10.51 53.20
C LYS F 19 -1.28 -11.76 52.35
N LEU F 20 -0.12 -12.04 51.75
CA LEU F 20 0.06 -12.90 50.57
C LEU F 20 -0.81 -12.40 49.41
N ASP F 21 -0.41 -11.25 48.86
CA ASP F 21 -1.15 -10.63 47.76
C ASP F 21 -0.63 -11.15 46.42
N PRO F 22 -1.46 -11.79 45.60
CA PRO F 22 -1.03 -12.16 44.25
C PRO F 22 -1.44 -11.12 43.21
N SER F 23 -0.73 -11.14 42.10
CA SER F 23 -1.01 -10.23 40.99
C SER F 23 -2.02 -10.86 40.04
N ASP F 24 -2.52 -10.04 39.11
CA ASP F 24 -3.41 -10.53 38.06
C ASP F 24 -2.62 -11.44 37.11
N ALA F 25 -3.03 -12.70 37.05
CA ALA F 25 -2.32 -13.70 36.26
C ALA F 25 -2.59 -13.49 34.79
N LEU F 26 -1.53 -13.26 34.03
CA LEU F 26 -1.63 -13.08 32.59
C LEU F 26 -1.40 -14.41 31.88
N MET F 27 -2.10 -14.61 30.77
CA MET F 27 -2.01 -15.84 30.02
C MET F 27 -1.45 -15.60 28.63
N SER F 28 -0.58 -16.52 28.22
CA SER F 28 0.01 -16.51 26.89
C SER F 28 -0.06 -17.94 26.36
N ALA F 29 0.50 -18.17 25.17
CA ALA F 29 0.36 -19.51 24.61
C ALA F 29 1.56 -19.82 23.71
N GLY F 30 2.04 -21.05 23.84
CA GLY F 30 3.13 -21.51 23.01
C GLY F 30 3.16 -23.02 22.96
N ALA F 31 4.33 -23.56 22.67
CA ALA F 31 4.52 -24.99 22.52
C ALA F 31 5.23 -25.57 23.73
N TRP F 32 4.90 -26.82 24.06
CA TRP F 32 5.56 -27.53 25.14
C TRP F 32 7.00 -27.87 24.73
N ALA F 33 7.86 -28.01 25.75
CA ALA F 33 9.28 -28.34 25.70
C ALA F 33 10.15 -27.24 25.10
N GLN F 34 9.54 -26.16 24.62
CA GLN F 34 10.25 -24.91 24.33
C GLN F 34 9.87 -23.84 25.35
N ARG F 35 9.31 -24.24 26.48
CA ARG F 35 8.89 -23.36 27.56
C ARG F 35 10.03 -22.83 28.39
N ASP F 36 11.24 -23.36 28.21
CA ASP F 36 12.36 -22.98 29.06
C ASP F 36 12.85 -21.57 28.72
N ALA F 37 12.99 -21.26 27.44
CA ALA F 37 13.47 -19.96 26.99
C ALA F 37 12.31 -19.05 26.58
N SER F 38 11.19 -19.14 27.30
CA SER F 38 9.97 -18.44 26.93
C SER F 38 9.73 -17.29 27.90
N GLN F 39 9.98 -16.08 27.42
CA GLN F 39 9.55 -14.87 28.10
C GLN F 39 8.79 -13.95 27.16
N GLU F 40 8.37 -14.44 25.98
CA GLU F 40 7.99 -13.60 24.85
C GLU F 40 6.71 -14.07 24.17
N TRP F 41 5.99 -15.00 24.79
CA TRP F 41 4.85 -15.63 24.13
C TRP F 41 3.70 -14.65 23.94
N PRO F 42 3.00 -14.71 22.80
CA PRO F 42 1.89 -13.78 22.56
C PRO F 42 0.71 -14.06 23.47
N ALA F 43 0.02 -12.99 23.86
CA ALA F 43 -1.05 -13.11 24.83
C ALA F 43 -2.31 -13.72 24.22
N VAL F 44 -2.97 -14.57 24.99
CA VAL F 44 -4.30 -15.04 24.63
C VAL F 44 -5.27 -13.87 24.76
N THR F 45 -6.08 -13.66 23.72
CA THR F 45 -7.01 -12.54 23.69
C THR F 45 -8.44 -13.05 23.57
N VAL F 46 -9.37 -12.25 24.05
CA VAL F 46 -10.79 -12.60 24.08
C VAL F 46 -11.40 -12.28 22.72
N ARG F 47 -11.90 -13.31 22.05
CA ARG F 47 -12.47 -13.22 20.73
C ARG F 47 -13.98 -13.02 20.88
N GLU F 48 -14.73 -13.14 19.79
CA GLU F 48 -16.17 -12.94 19.77
C GLU F 48 -16.83 -13.99 18.89
N LYS F 49 -17.96 -14.53 19.34
CA LYS F 49 -18.74 -15.41 18.48
C LYS F 49 -20.21 -15.37 18.91
N SER F 50 -21.06 -15.96 18.07
CA SER F 50 -22.50 -15.97 18.28
C SER F 50 -22.99 -17.38 18.55
N VAL F 51 -24.14 -17.48 19.22
CA VAL F 51 -24.70 -18.74 19.69
C VAL F 51 -26.17 -18.79 19.33
N ARG F 52 -26.58 -19.87 18.65
CA ARG F 52 -27.98 -20.21 18.51
C ARG F 52 -28.24 -21.51 19.26
N GLY F 53 -28.96 -21.42 20.38
CA GLY F 53 -29.27 -22.58 21.18
C GLY F 53 -30.76 -22.77 21.37
N THR F 54 -31.11 -23.91 21.94
CA THR F 54 -32.47 -24.20 22.31
C THR F 54 -32.71 -23.68 23.72
N ILE F 55 -33.83 -24.05 24.32
CA ILE F 55 -34.13 -23.72 25.71
C ILE F 55 -34.29 -25.03 26.46
N SER F 56 -33.30 -25.36 27.28
CA SER F 56 -33.22 -26.66 27.94
C SER F 56 -33.39 -26.57 29.45
N ASN F 57 -33.66 -25.38 29.97
CA ASN F 57 -33.88 -25.23 31.40
C ASN F 57 -35.24 -25.80 31.79
N ARG F 58 -35.42 -26.01 33.10
CA ARG F 58 -36.67 -26.54 33.63
C ARG F 58 -37.82 -25.57 33.38
N LEU F 59 -38.97 -26.13 33.07
CA LEU F 59 -40.15 -25.35 32.74
C LEU F 59 -41.33 -25.85 33.56
N LYS F 60 -42.24 -24.93 33.89
CA LYS F 60 -43.34 -25.24 34.79
C LYS F 60 -44.44 -26.03 34.08
N THR F 61 -45.38 -26.53 34.88
CA THR F 61 -46.64 -27.05 34.36
C THR F 61 -47.84 -26.32 34.95
N LYS F 62 -47.63 -25.34 35.82
CA LYS F 62 -48.69 -24.54 36.40
C LYS F 62 -48.57 -23.11 35.90
N ASP F 63 -49.71 -22.49 35.62
CA ASP F 63 -49.85 -21.08 35.20
C ASP F 63 -49.09 -20.79 33.89
N ARG F 64 -48.85 -21.82 33.08
CA ARG F 64 -48.23 -21.69 31.78
C ARG F 64 -49.11 -22.39 30.77
N ASP F 65 -49.32 -21.77 29.62
CA ASP F 65 -50.16 -22.37 28.61
C ASP F 65 -49.40 -23.49 27.90
N PRO F 66 -50.12 -24.50 27.40
CA PRO F 66 -49.46 -25.50 26.54
C PRO F 66 -48.95 -24.90 25.23
N ALA F 67 -49.73 -23.99 24.63
CA ALA F 67 -49.30 -23.33 23.41
C ALA F 67 -48.11 -22.42 23.67
N LYS F 68 -48.06 -21.82 24.85
CA LYS F 68 -46.94 -20.94 25.19
C LYS F 68 -45.63 -21.71 25.31
N LEU F 69 -45.65 -22.87 25.98
CA LEU F 69 -44.43 -23.66 26.10
C LEU F 69 -44.08 -24.37 24.80
N ASP F 70 -45.08 -24.74 23.99
CA ASP F 70 -44.78 -25.26 22.66
C ASP F 70 -44.13 -24.22 21.78
N ALA F 71 -44.58 -22.97 21.88
CA ALA F 71 -43.96 -21.89 21.13
C ALA F 71 -42.61 -21.48 21.71
N SER F 72 -42.37 -21.73 23.00
CA SER F 72 -41.13 -21.33 23.63
C SER F 72 -40.00 -22.34 23.42
N ILE F 73 -40.31 -23.63 23.48
CA ILE F 73 -39.26 -24.64 23.28
C ILE F 73 -38.82 -24.70 21.82
N GLN F 74 -39.78 -24.60 20.90
CA GLN F 74 -39.53 -24.78 19.48
C GLN F 74 -38.92 -23.55 18.82
N SER F 75 -38.67 -22.50 19.56
CA SER F 75 -38.06 -21.29 19.03
C SER F 75 -36.66 -21.11 19.61
N PRO F 76 -35.67 -20.77 18.79
CA PRO F 76 -34.29 -20.77 19.26
C PRO F 76 -33.97 -19.54 20.09
N ASN F 77 -32.77 -19.56 20.66
CA ASN F 77 -32.26 -18.46 21.47
C ASN F 77 -30.94 -18.00 20.88
N LEU F 78 -30.86 -16.71 20.52
CA LEU F 78 -29.74 -16.16 19.77
C LEU F 78 -28.98 -15.17 20.63
N GLN F 79 -28.10 -15.67 21.49
CA GLN F 79 -27.33 -14.80 22.36
C GLN F 79 -25.92 -14.62 21.80
N THR F 80 -25.13 -13.81 22.48
CA THR F 80 -23.77 -13.51 22.04
C THR F 80 -22.84 -13.60 23.24
N VAL F 81 -21.77 -14.37 23.12
CA VAL F 81 -20.88 -14.68 24.23
C VAL F 81 -19.44 -14.38 23.83
N ASP F 82 -18.58 -14.27 24.83
CA ASP F 82 -17.16 -14.13 24.65
C ASP F 82 -16.46 -15.46 24.90
N VAL F 83 -15.40 -15.73 24.15
CA VAL F 83 -14.57 -16.91 24.38
C VAL F 83 -13.10 -16.50 24.30
N ALA F 84 -12.24 -17.47 24.55
CA ALA F 84 -10.80 -17.31 24.44
C ALA F 84 -10.20 -18.69 24.22
N ASN F 85 -9.41 -18.84 23.17
CA ASN F 85 -8.82 -20.12 22.80
C ASN F 85 -7.32 -19.97 22.65
N LEU F 86 -6.61 -21.09 22.66
CA LEU F 86 -5.22 -21.05 22.25
C LEU F 86 -5.15 -20.95 20.73
N PRO F 87 -4.02 -20.50 20.19
CA PRO F 87 -3.81 -20.64 18.74
C PRO F 87 -3.70 -22.11 18.33
N SER F 88 -3.86 -22.34 17.04
CA SER F 88 -3.98 -23.70 16.53
C SER F 88 -2.65 -24.39 16.32
N ASP F 89 -1.53 -23.71 16.57
CA ASP F 89 -0.21 -24.33 16.56
C ASP F 89 0.46 -24.24 17.93
N ALA F 90 -0.29 -23.89 18.97
CA ALA F 90 0.24 -23.72 20.32
C ALA F 90 -0.64 -24.49 21.28
N ASP F 91 -0.02 -25.40 22.04
CA ASP F 91 -0.75 -26.32 22.88
C ASP F 91 -0.46 -26.17 24.37
N THR F 92 0.13 -25.06 24.79
CA THR F 92 0.53 -24.87 26.17
C THR F 92 0.05 -23.51 26.67
N LEU F 93 -0.73 -23.52 27.74
CA LEU F 93 -1.21 -22.30 28.38
C LEU F 93 -0.22 -21.89 29.47
N LYS F 94 0.51 -20.80 29.24
CA LYS F 94 1.42 -20.25 30.24
C LYS F 94 0.67 -19.27 31.13
N VAL F 95 0.83 -19.42 32.45
CA VAL F 95 0.23 -18.52 33.42
C VAL F 95 1.33 -17.98 34.33
N ARG F 96 1.50 -16.66 34.34
CA ARG F 96 2.56 -16.00 35.09
C ARG F 96 1.95 -14.94 36.00
N PHE F 97 2.37 -14.94 37.26
CA PHE F 97 1.91 -13.94 38.22
C PHE F 97 2.97 -13.79 39.30
N THR F 98 2.88 -12.68 40.05
CA THR F 98 3.80 -12.41 41.14
C THR F 98 3.05 -12.45 42.46
N LEU F 99 3.81 -12.61 43.54
CA LEU F 99 3.22 -12.83 44.87
C LEU F 99 4.08 -12.10 45.90
N ARG F 100 3.62 -10.92 46.34
CA ARG F 100 4.24 -10.26 47.47
C ARG F 100 3.96 -11.02 48.76
N VAL F 101 5.01 -11.28 49.53
CA VAL F 101 4.88 -11.87 50.85
C VAL F 101 5.38 -10.81 51.82
N LEU F 102 4.47 -10.16 52.54
CA LEU F 102 4.82 -8.95 53.28
C LEU F 102 5.48 -9.26 54.62
N GLY F 103 4.73 -9.86 55.55
CA GLY F 103 5.29 -10.15 56.86
C GLY F 103 4.55 -9.45 57.98
N GLY F 104 4.26 -10.22 59.04
CA GLY F 104 3.60 -9.68 60.21
C GLY F 104 2.14 -9.34 59.98
N ALA F 105 1.31 -10.36 59.78
CA ALA F 105 -0.12 -10.17 59.57
C ALA F 105 -0.92 -10.22 60.86
N GLY F 106 -0.26 -10.16 62.01
CA GLY F 106 -0.95 -10.25 63.28
C GLY F 106 -1.74 -9.01 63.64
N THR F 107 -1.05 -7.89 63.82
CA THR F 107 -1.73 -6.69 64.27
C THR F 107 -2.48 -6.01 63.13
N PRO F 108 -3.65 -5.46 63.40
CA PRO F 108 -4.32 -4.61 62.41
C PRO F 108 -3.82 -3.18 62.49
N SER F 109 -4.46 -2.29 61.71
CA SER F 109 -4.17 -0.87 61.76
C SER F 109 -5.45 -0.07 61.85
N ALA F 110 -6.44 -0.64 62.54
CA ALA F 110 -7.71 0.05 62.81
C ALA F 110 -8.26 -0.50 64.12
N CYS F 111 -8.02 0.23 65.22
CA CYS F 111 -8.34 -0.27 66.55
C CYS F 111 -8.98 0.83 67.39
N ASN F 112 -10.02 0.46 68.14
CA ASN F 112 -10.52 1.35 69.19
C ASN F 112 -9.70 1.19 70.45
N ASP F 113 -9.70 0.00 71.04
CA ASP F 113 -9.11 -0.24 72.34
C ASP F 113 -7.60 -0.42 72.20
N ALA F 114 -6.84 0.38 72.94
CA ALA F 114 -5.39 0.18 72.97
C ALA F 114 -5.02 -1.05 73.77
N ALA F 115 -5.84 -1.42 74.75
CA ALA F 115 -5.55 -2.60 75.57
C ALA F 115 -5.80 -3.89 74.79
N TYR F 116 -6.84 -3.90 73.94
CA TYR F 116 -7.04 -5.05 73.06
C TYR F 116 -5.94 -5.15 72.02
N ARG F 117 -5.44 -4.00 71.54
CA ARG F 117 -4.45 -4.02 70.46
C ARG F 117 -3.12 -4.58 70.93
N ASP F 118 -2.61 -4.09 72.06
CA ASP F 118 -1.37 -4.68 72.54
C ASP F 118 -1.59 -6.03 73.22
N LYS F 119 -2.83 -6.37 73.62
CA LYS F 119 -3.11 -7.73 74.04
C LYS F 119 -3.03 -8.72 72.87
N LEU F 120 -3.55 -8.32 71.70
CA LEU F 120 -3.37 -9.10 70.49
C LEU F 120 -1.90 -9.16 70.08
N LEU F 121 -1.16 -8.06 70.32
CA LEU F 121 0.29 -8.08 70.11
C LEU F 121 0.98 -9.08 71.03
N GLN F 122 0.51 -9.19 72.28
CA GLN F 122 1.05 -10.18 73.21
C GLN F 122 0.82 -11.59 72.70
N THR F 123 -0.40 -11.89 72.24
CA THR F 123 -0.63 -13.28 71.80
C THR F 123 0.02 -13.58 70.44
N VAL F 124 0.18 -12.58 69.57
CA VAL F 124 0.85 -12.89 68.30
C VAL F 124 2.36 -12.96 68.50
N ALA F 125 2.91 -12.22 69.48
CA ALA F 125 4.32 -12.41 69.83
C ALA F 125 4.53 -13.74 70.53
N THR F 126 3.52 -14.23 71.25
CA THR F 126 3.58 -15.58 71.80
C THR F 126 3.66 -16.63 70.70
N TYR F 127 2.82 -16.47 69.65
CA TYR F 127 2.86 -17.45 68.57
C TYR F 127 4.14 -17.33 67.74
N VAL F 128 4.68 -16.12 67.58
CA VAL F 128 5.98 -15.99 66.92
C VAL F 128 7.08 -16.57 67.80
N ASN F 129 6.91 -16.53 69.13
CA ASN F 129 7.94 -17.03 70.03
C ASN F 129 8.00 -18.55 70.03
N ASP F 130 6.84 -19.22 70.22
CA ASP F 130 6.91 -20.66 70.45
C ASP F 130 7.17 -21.46 69.17
N GLN F 131 6.57 -21.07 68.04
CA GLN F 131 6.80 -21.75 66.77
C GLN F 131 6.40 -20.80 65.64
N GLY F 132 7.38 -20.38 64.84
CA GLY F 132 7.08 -19.62 63.64
C GLY F 132 6.25 -20.42 62.64
N PHE F 133 5.73 -19.70 61.64
CA PHE F 133 4.67 -20.19 60.77
C PHE F 133 5.10 -21.40 59.97
N ALA F 134 4.62 -22.58 60.36
CA ALA F 134 5.13 -23.84 59.82
C ALA F 134 4.09 -24.62 59.03
N GLU F 135 2.95 -24.95 59.62
CA GLU F 135 1.96 -25.74 58.91
C GLU F 135 1.12 -24.90 57.97
N LEU F 136 0.83 -23.65 58.34
CA LEU F 136 0.21 -22.73 57.39
C LEU F 136 1.12 -22.46 56.21
N ALA F 137 2.42 -22.31 56.47
CA ALA F 137 3.38 -22.15 55.38
C ALA F 137 3.48 -23.41 54.54
N ARG F 138 3.35 -24.58 55.17
CA ARG F 138 3.26 -25.84 54.44
C ARG F 138 2.08 -25.86 53.48
N ARG F 139 0.92 -25.40 53.96
CA ARG F 139 -0.29 -25.47 53.15
C ARG F 139 -0.30 -24.41 52.05
N TYR F 140 0.25 -23.21 52.30
CA TYR F 140 0.39 -22.22 51.23
C TYR F 140 1.41 -22.66 50.18
N ALA F 141 2.54 -23.22 50.62
CA ALA F 141 3.55 -23.68 49.67
C ALA F 141 3.06 -24.89 48.88
N HIS F 142 2.18 -25.69 49.47
CA HIS F 142 1.65 -26.83 48.75
C HIS F 142 0.54 -26.45 47.80
N ASN F 143 -0.26 -25.42 48.13
CA ASN F 143 -1.19 -24.88 47.13
C ASN F 143 -0.45 -24.21 45.99
N LEU F 144 0.70 -23.59 46.26
CA LEU F 144 1.56 -23.14 45.17
C LEU F 144 2.16 -24.30 44.41
N ALA F 145 2.36 -25.45 45.07
CA ALA F 145 3.05 -26.56 44.44
C ALA F 145 2.19 -27.23 43.38
N ASN F 146 0.92 -27.50 43.69
CA ASN F 146 -0.01 -27.93 42.66
C ASN F 146 -0.60 -26.70 41.98
N ALA F 147 -1.64 -26.90 41.18
CA ALA F 147 -2.10 -25.84 40.29
C ALA F 147 -3.52 -25.41 40.65
N ARG F 148 -3.75 -25.11 41.93
CA ARG F 148 -5.05 -24.62 42.38
C ARG F 148 -5.44 -23.30 41.71
N PHE F 149 -4.45 -22.47 41.34
CA PHE F 149 -4.76 -21.25 40.62
C PHE F 149 -5.24 -21.52 39.19
N LEU F 150 -4.86 -22.66 38.61
CA LEU F 150 -5.49 -23.12 37.39
C LEU F 150 -6.81 -23.77 37.78
N TRP F 151 -7.93 -23.08 37.57
CA TRP F 151 -9.20 -23.58 38.11
C TRP F 151 -9.81 -24.67 37.24
N ARG F 152 -10.26 -24.29 36.04
CA ARG F 152 -10.76 -25.27 35.08
C ARG F 152 -9.70 -25.58 34.03
N ASN F 153 -8.61 -24.80 34.02
CA ASN F 153 -7.46 -25.11 33.21
C ASN F 153 -6.74 -26.37 33.68
N ARG F 154 -6.90 -26.73 34.95
CA ARG F 154 -6.21 -27.88 35.52
C ARG F 154 -6.75 -29.20 34.97
N VAL F 155 -8.05 -29.42 35.11
CA VAL F 155 -8.63 -30.72 34.79
C VAL F 155 -8.67 -30.90 33.28
N GLY F 156 -8.26 -32.08 32.83
CA GLY F 156 -8.12 -32.37 31.42
C GLY F 156 -6.73 -32.17 30.87
N ALA F 157 -5.86 -31.51 31.61
CA ALA F 157 -4.47 -31.34 31.18
C ALA F 157 -3.67 -32.60 31.49
N GLU F 158 -2.73 -32.91 30.59
CA GLU F 158 -1.92 -34.10 30.75
C GLU F 158 -0.58 -33.84 31.44
N ALA F 159 -0.16 -32.58 31.55
CA ALA F 159 1.12 -32.24 32.16
C ALA F 159 1.08 -30.80 32.65
N VAL F 160 1.15 -30.60 33.96
CA VAL F 160 1.16 -29.27 34.56
C VAL F 160 2.44 -29.10 35.35
N GLU F 161 3.16 -28.01 35.08
CA GLU F 161 4.42 -27.67 35.73
C GLU F 161 4.29 -26.34 36.44
N VAL F 162 4.89 -26.23 37.62
CA VAL F 162 4.92 -24.97 38.37
C VAL F 162 6.38 -24.62 38.63
N ARG F 163 6.79 -23.44 38.18
CA ARG F 163 8.13 -22.92 38.41
C ARG F 163 8.03 -21.65 39.23
N ILE F 164 8.78 -21.60 40.33
CA ILE F 164 8.66 -20.51 41.31
C ILE F 164 10.04 -19.90 41.51
N ASN F 165 10.20 -18.64 41.14
CA ASN F 165 11.44 -17.91 41.37
C ASN F 165 11.27 -16.89 42.47
N HIS F 166 12.39 -16.50 43.08
CA HIS F 166 12.43 -15.56 44.18
C HIS F 166 13.26 -14.33 43.79
N ILE F 167 12.86 -13.17 44.30
CA ILE F 167 13.36 -11.88 43.84
C ILE F 167 14.11 -11.21 44.99
N ARG F 168 15.36 -10.84 44.74
CA ARG F 168 16.12 -9.93 45.59
C ARG F 168 16.46 -8.63 44.88
N GLN F 169 17.02 -8.73 43.67
CA GLN F 169 17.40 -7.62 42.82
C GLN F 169 17.15 -8.09 41.39
N GLY F 170 17.78 -7.43 40.42
CA GLY F 170 17.70 -7.91 39.04
C GLY F 170 18.52 -9.17 38.81
N GLU F 171 18.08 -10.26 39.42
CA GLU F 171 18.79 -11.53 39.57
C GLU F 171 17.84 -12.50 40.23
N VAL F 172 18.28 -13.74 40.38
CA VAL F 172 17.44 -14.76 40.99
C VAL F 172 18.10 -15.22 42.29
N ALA F 173 17.28 -15.78 43.19
CA ALA F 173 17.77 -16.34 44.43
C ALA F 173 17.60 -17.85 44.53
N ARG F 174 16.53 -18.41 43.97
CA ARG F 174 16.29 -19.84 44.00
C ARG F 174 15.32 -20.17 42.87
N ALA F 175 15.50 -21.34 42.27
CA ALA F 175 14.66 -21.80 41.17
C ALA F 175 14.16 -23.21 41.50
N TRP F 176 12.94 -23.30 42.01
CA TRP F 176 12.32 -24.59 42.23
C TRP F 176 11.70 -25.11 40.94
N ARG F 177 11.10 -26.30 41.03
CA ARG F 177 10.41 -26.91 39.90
C ARG F 177 9.44 -27.95 40.46
N PHE F 178 8.15 -27.72 40.29
CA PHE F 178 7.12 -28.55 40.89
C PHE F 178 6.27 -29.21 39.81
N ASP F 179 6.10 -30.52 39.94
CA ASP F 179 5.26 -31.28 39.02
C ASP F 179 3.88 -31.37 39.66
N ALA F 180 2.93 -30.60 39.16
CA ALA F 180 1.61 -30.53 39.77
C ALA F 180 0.77 -31.77 39.52
N LEU F 181 1.19 -32.66 38.62
CA LEU F 181 0.55 -33.96 38.48
C LEU F 181 1.13 -34.97 39.47
N ALA F 182 2.44 -34.94 39.67
CA ALA F 182 3.07 -35.83 40.63
C ALA F 182 2.71 -35.43 42.06
N ILE F 183 2.81 -34.14 42.36
CA ILE F 183 2.29 -33.62 43.61
C ILE F 183 0.78 -33.74 43.62
N GLY F 184 0.24 -34.38 44.65
CA GLY F 184 -1.17 -34.69 44.70
C GLY F 184 -2.06 -33.47 44.90
N LEU F 185 -3.35 -33.73 44.90
CA LEU F 185 -4.35 -32.68 45.02
C LEU F 185 -4.94 -32.58 46.43
N ARG F 186 -5.12 -33.71 47.10
CA ARG F 186 -5.91 -33.74 48.33
C ARG F 186 -5.05 -33.97 49.57
N ASP F 187 -4.29 -35.05 49.64
CA ASP F 187 -3.53 -35.40 50.84
C ASP F 187 -2.23 -34.60 50.85
N PHE F 188 -2.00 -33.86 51.93
CA PHE F 188 -0.84 -32.97 51.99
C PHE F 188 0.37 -33.72 52.53
N LYS F 189 1.48 -33.62 51.81
CA LYS F 189 2.74 -34.23 52.19
C LYS F 189 3.81 -33.14 52.30
N ALA F 190 5.06 -33.57 52.50
CA ALA F 190 6.19 -32.65 52.59
C ALA F 190 7.39 -33.24 51.87
N ASP F 191 8.11 -32.38 51.14
CA ASP F 191 9.32 -32.79 50.44
C ASP F 191 10.33 -31.66 50.58
N ALA F 192 11.58 -31.94 50.19
CA ALA F 192 12.72 -31.07 50.49
C ALA F 192 12.61 -29.71 49.79
N GLU F 193 12.19 -29.70 48.52
CA GLU F 193 11.91 -28.44 47.85
C GLU F 193 10.70 -27.74 48.46
N LEU F 194 9.70 -28.52 48.86
CA LEU F 194 8.53 -27.94 49.50
C LEU F 194 8.88 -27.44 50.91
N ASP F 195 9.79 -28.15 51.59
CA ASP F 195 10.34 -27.67 52.86
C ASP F 195 11.09 -26.36 52.67
N ALA F 196 11.84 -26.24 51.57
CA ALA F 196 12.64 -25.04 51.32
C ALA F 196 11.75 -23.84 51.02
N LEU F 197 10.73 -24.03 50.18
CA LEU F 197 9.82 -22.94 49.87
C LEU F 197 8.98 -22.55 51.08
N ALA F 198 8.51 -23.55 51.85
CA ALA F 198 7.77 -23.24 53.07
C ALA F 198 8.64 -22.56 54.10
N GLU F 199 9.94 -22.85 54.13
CA GLU F 199 10.85 -22.17 55.05
C GLU F 199 11.10 -20.72 54.62
N LEU F 200 11.26 -20.50 53.31
CA LEU F 200 11.48 -19.15 52.80
C LEU F 200 10.27 -18.25 53.07
N ILE F 201 9.07 -18.74 52.75
CA ILE F 201 7.92 -17.89 53.05
C ILE F 201 7.52 -18.00 54.52
N ALA F 202 8.07 -18.96 55.26
CA ALA F 202 7.91 -18.96 56.71
C ALA F 202 8.64 -17.80 57.34
N SER F 203 9.86 -17.54 56.87
CA SER F 203 10.53 -16.29 57.22
C SER F 203 9.75 -15.09 56.71
N GLY F 204 9.19 -15.20 55.50
CA GLY F 204 8.46 -14.09 54.90
C GLY F 204 7.14 -13.75 55.56
N LEU F 205 6.58 -14.61 56.39
CA LEU F 205 5.30 -14.33 57.04
C LEU F 205 5.43 -13.65 58.40
N SER F 206 6.49 -13.91 59.16
CA SER F 206 6.61 -13.42 60.53
C SER F 206 7.30 -12.06 60.62
N GLY F 207 7.27 -11.28 59.55
CA GLY F 207 7.87 -9.95 59.58
C GLY F 207 9.38 -9.93 59.65
N SER F 208 10.04 -10.96 59.13
CA SER F 208 11.50 -11.03 59.14
C SER F 208 12.14 -10.28 57.98
N GLY F 209 11.36 -9.62 57.13
CA GLY F 209 11.91 -8.86 56.03
C GLY F 209 10.96 -8.73 54.86
N HIS F 210 11.47 -9.00 53.66
CA HIS F 210 10.69 -8.88 52.43
C HIS F 210 10.91 -10.10 51.56
N VAL F 211 9.81 -10.72 51.14
CA VAL F 211 9.85 -11.87 50.24
C VAL F 211 8.93 -11.57 49.06
N LEU F 212 9.48 -11.62 47.85
CA LEU F 212 8.72 -11.38 46.64
C LEU F 212 8.99 -12.51 45.66
N LEU F 213 7.92 -13.20 45.26
CA LEU F 213 8.00 -14.36 44.39
C LEU F 213 7.30 -14.06 43.07
N GLU F 214 7.64 -14.84 42.06
CA GLU F 214 6.90 -14.85 40.81
C GLU F 214 6.80 -16.30 40.34
N VAL F 215 5.59 -16.71 39.97
CA VAL F 215 5.28 -18.10 39.69
C VAL F 215 4.94 -18.25 38.22
N VAL F 216 5.55 -19.21 37.55
CA VAL F 216 5.32 -19.47 36.13
C VAL F 216 4.76 -20.88 36.01
N ALA F 217 3.62 -21.02 35.35
CA ALA F 217 2.97 -22.31 35.16
C ALA F 217 2.87 -22.64 33.69
N PHE F 218 2.79 -23.94 33.40
CA PHE F 218 2.60 -24.44 32.04
C PHE F 218 1.65 -25.62 32.08
N ALA F 219 0.91 -25.82 30.98
CA ALA F 219 -0.11 -26.86 30.96
C ALA F 219 -0.36 -27.27 29.50
N ARG F 220 -0.05 -28.53 29.18
CA ARG F 220 -0.49 -29.06 27.89
C ARG F 220 -1.99 -29.30 27.93
N ILE F 221 -2.71 -28.60 27.07
CA ILE F 221 -4.12 -28.85 26.86
C ILE F 221 -4.39 -29.36 25.45
N GLY F 222 -3.77 -28.76 24.45
CA GLY F 222 -3.98 -29.13 23.06
C GLY F 222 -4.22 -27.85 22.28
N ASP F 223 -3.81 -27.87 21.02
CA ASP F 223 -3.91 -26.68 20.18
C ASP F 223 -5.35 -26.35 19.83
N GLY F 224 -5.74 -25.11 20.10
CA GLY F 224 -7.07 -24.64 19.80
C GLY F 224 -8.07 -24.75 20.92
N GLN F 225 -7.70 -25.33 22.05
CA GLN F 225 -8.68 -25.64 23.07
C GLN F 225 -9.09 -24.40 23.85
N GLU F 226 -10.15 -24.56 24.63
CA GLU F 226 -10.70 -23.46 25.40
C GLU F 226 -9.90 -23.22 26.67
N VAL F 227 -9.48 -21.97 26.88
CA VAL F 227 -8.99 -21.52 28.16
C VAL F 227 -10.13 -20.84 28.89
N PHE F 228 -9.93 -20.61 30.18
CA PHE F 228 -10.97 -20.02 31.02
C PHE F 228 -10.42 -18.86 31.84
N PRO F 229 -10.35 -17.66 31.28
CA PRO F 229 -10.19 -16.46 32.11
C PRO F 229 -11.46 -16.21 32.89
N SER F 230 -11.32 -15.39 33.94
CA SER F 230 -12.44 -15.12 34.82
C SER F 230 -13.47 -14.23 34.12
N GLN F 231 -14.65 -14.15 34.72
CA GLN F 231 -15.79 -13.51 34.10
C GLN F 231 -16.07 -12.18 34.78
N GLU F 232 -16.14 -11.11 33.97
CA GLU F 232 -16.58 -9.82 34.46
C GLU F 232 -18.07 -9.88 34.79
N LEU F 233 -18.42 -9.30 35.92
CA LEU F 233 -19.77 -9.35 36.44
C LEU F 233 -20.62 -8.22 35.88
N ILE F 234 -21.94 -8.40 35.96
CA ILE F 234 -22.90 -7.34 35.67
C ILE F 234 -24.15 -7.66 36.49
N LEU F 235 -24.87 -6.60 36.88
CA LEU F 235 -26.00 -6.78 37.77
C LEU F 235 -27.20 -7.41 37.04
N ASP F 236 -27.75 -6.70 36.06
CA ASP F 236 -28.93 -7.08 35.28
C ASP F 236 -30.11 -7.42 36.19
N LYS F 237 -30.59 -6.39 36.88
CA LYS F 237 -31.76 -6.50 37.75
C LYS F 237 -32.94 -5.85 37.05
N GLY F 238 -33.72 -6.65 36.33
CA GLY F 238 -34.90 -6.15 35.67
C GLY F 238 -34.64 -5.57 34.30
N ASP F 239 -34.52 -4.25 34.23
CA ASP F 239 -34.34 -3.54 32.96
C ASP F 239 -32.88 -3.64 32.51
N LYS F 240 -32.61 -3.12 31.32
CA LYS F 240 -31.33 -3.23 30.60
C LYS F 240 -30.91 -4.69 30.45
N LYS F 241 -31.73 -5.46 29.73
CA LYS F 241 -31.54 -6.90 29.63
C LYS F 241 -30.30 -7.24 28.81
N GLY F 242 -30.28 -6.83 27.56
CA GLY F 242 -29.02 -6.92 26.84
C GLY F 242 -29.02 -7.99 25.78
N GLN F 243 -28.31 -7.69 24.69
CA GLN F 243 -28.00 -8.65 23.63
C GLN F 243 -26.81 -9.52 24.01
N LYS F 244 -26.00 -9.07 24.97
CA LYS F 244 -24.72 -9.66 25.31
C LYS F 244 -24.84 -10.50 26.58
N SER F 245 -24.12 -11.61 26.63
CA SER F 245 -23.90 -12.36 27.85
C SER F 245 -22.45 -12.82 27.88
N LYS F 246 -22.02 -13.27 29.06
CA LYS F 246 -20.69 -13.85 29.30
C LYS F 246 -19.58 -12.85 28.94
N THR F 247 -19.49 -11.81 29.75
CA THR F 247 -18.44 -10.81 29.56
C THR F 247 -17.18 -11.31 30.26
N LEU F 248 -16.15 -11.66 29.49
CA LEU F 248 -14.90 -12.12 30.08
C LEU F 248 -14.12 -10.94 30.65
N TYR F 249 -13.06 -11.26 31.39
CA TYR F 249 -12.20 -10.25 32.03
C TYR F 249 -10.92 -10.07 31.23
N SER F 250 -10.51 -8.82 31.07
CA SER F 250 -9.31 -8.51 30.32
C SER F 250 -8.56 -7.38 31.00
N VAL F 251 -7.35 -7.16 30.50
CA VAL F 251 -6.45 -6.08 30.88
C VAL F 251 -6.11 -5.39 29.57
N ARG F 252 -5.05 -4.57 29.56
CA ARG F 252 -4.48 -4.13 28.29
C ARG F 252 -4.12 -5.37 27.47
N ASP F 253 -4.92 -5.57 26.39
CA ASP F 253 -4.89 -6.59 25.34
C ASP F 253 -4.45 -8.00 25.76
N ALA F 254 -5.01 -8.52 26.86
CA ALA F 254 -4.71 -9.88 27.28
C ALA F 254 -5.87 -10.43 28.08
N ALA F 255 -5.89 -11.76 28.22
CA ALA F 255 -6.90 -12.47 29.00
C ALA F 255 -6.32 -12.81 30.37
N ALA F 256 -6.97 -12.32 31.41
CA ALA F 256 -6.41 -12.36 32.75
C ALA F 256 -7.38 -13.05 33.71
N ILE F 257 -6.83 -13.42 34.86
CA ILE F 257 -7.60 -13.97 35.98
C ILE F 257 -7.57 -12.92 37.09
N HIS F 258 -8.69 -12.78 37.81
CA HIS F 258 -8.76 -11.82 38.91
C HIS F 258 -7.81 -12.17 40.04
N SER F 259 -7.41 -11.14 40.78
CA SER F 259 -6.59 -11.33 41.96
C SER F 259 -7.36 -12.02 43.08
N GLN F 260 -8.67 -11.75 43.16
CA GLN F 260 -9.51 -12.33 44.18
C GLN F 260 -9.56 -13.85 44.08
N LYS F 261 -9.67 -14.37 42.86
CA LYS F 261 -9.87 -15.79 42.69
C LYS F 261 -8.58 -16.58 42.76
N ILE F 262 -7.45 -16.01 42.30
CA ILE F 262 -6.17 -16.68 42.51
C ILE F 262 -5.77 -16.63 43.99
N GLY F 263 -6.17 -15.57 44.71
CA GLY F 263 -5.98 -15.56 46.15
C GLY F 263 -6.86 -16.57 46.85
N ASN F 264 -8.10 -16.74 46.39
CA ASN F 264 -8.99 -17.76 46.93
C ASN F 264 -8.46 -19.15 46.63
N ALA F 265 -7.77 -19.32 45.50
CA ALA F 265 -7.07 -20.56 45.21
C ALA F 265 -5.89 -20.78 46.14
N LEU F 266 -5.25 -19.70 46.61
CA LEU F 266 -4.19 -19.85 47.57
C LEU F 266 -4.68 -20.15 48.98
N ARG F 267 -5.94 -19.83 49.30
CA ARG F 267 -6.44 -19.86 50.67
C ARG F 267 -7.32 -21.07 50.96
N THR F 268 -7.00 -22.24 50.45
CA THR F 268 -7.77 -23.46 50.73
C THR F 268 -6.94 -24.29 51.72
N ILE F 269 -7.24 -24.13 53.00
CA ILE F 269 -6.41 -24.61 54.09
C ILE F 269 -7.17 -25.54 55.03
N ASP F 270 -8.40 -25.15 55.40
CA ASP F 270 -9.12 -25.73 56.52
C ASP F 270 -9.57 -27.15 56.21
N THR F 271 -8.94 -28.13 56.84
CA THR F 271 -9.35 -29.53 56.75
C THR F 271 -10.12 -30.01 57.98
N TRP F 272 -10.38 -29.15 58.95
CA TRP F 272 -11.09 -29.51 60.17
C TRP F 272 -12.34 -28.68 60.37
N TYR F 273 -13.09 -28.44 59.30
CA TYR F 273 -14.38 -27.78 59.45
C TYR F 273 -15.39 -28.78 60.00
N PRO F 274 -16.31 -28.36 60.87
CA PRO F 274 -17.09 -29.32 61.66
C PRO F 274 -18.17 -30.07 60.89
N ASP F 275 -18.42 -29.73 59.62
CA ASP F 275 -19.44 -30.45 58.86
C ASP F 275 -18.89 -31.76 58.31
N GLU F 276 -17.70 -31.73 57.71
CA GLU F 276 -17.10 -32.89 57.09
C GLU F 276 -15.59 -32.76 57.17
N ASP F 277 -14.89 -33.89 57.04
CA ASP F 277 -13.43 -33.88 57.08
C ASP F 277 -12.78 -34.81 56.07
N GLY F 278 -13.54 -35.41 55.16
CA GLY F 278 -12.99 -36.30 54.16
C GLY F 278 -13.30 -35.88 52.73
N LEU F 279 -14.11 -34.84 52.58
CA LEU F 279 -14.45 -34.34 51.26
C LEU F 279 -13.38 -33.42 50.69
N GLY F 280 -12.39 -33.06 51.48
CA GLY F 280 -11.37 -32.14 51.07
C GLY F 280 -11.52 -30.79 51.76
N PRO F 281 -10.49 -29.95 51.66
CA PRO F 281 -10.53 -28.65 52.35
C PRO F 281 -11.47 -27.66 51.69
N ILE F 282 -11.87 -26.65 52.48
CA ILE F 282 -12.74 -25.58 52.02
C ILE F 282 -11.99 -24.26 52.13
N ALA F 283 -12.66 -23.17 51.75
CA ALA F 283 -12.05 -21.85 51.81
C ALA F 283 -12.06 -21.33 53.24
N VAL F 284 -10.97 -20.66 53.63
CA VAL F 284 -10.81 -20.13 54.97
C VAL F 284 -11.37 -18.71 55.02
N GLU F 285 -12.42 -18.53 55.80
CA GLU F 285 -13.08 -17.25 55.99
C GLU F 285 -13.95 -17.34 57.23
N PRO F 286 -14.28 -16.21 57.87
CA PRO F 286 -15.32 -16.23 58.91
C PRO F 286 -16.66 -16.62 58.31
N TYR F 287 -17.42 -17.42 59.08
CA TYR F 287 -18.61 -18.15 58.60
C TYR F 287 -18.23 -18.97 57.37
N GLY F 288 -17.25 -19.85 57.56
CA GLY F 288 -16.57 -20.52 56.46
C GLY F 288 -17.38 -21.51 55.69
N SER F 289 -17.75 -21.13 54.46
CA SER F 289 -18.58 -21.95 53.59
C SER F 289 -18.34 -21.52 52.16
N VAL F 290 -18.09 -22.50 51.28
CA VAL F 290 -17.80 -22.20 49.89
C VAL F 290 -19.06 -21.68 49.19
N THR F 291 -18.85 -20.79 48.21
CA THR F 291 -19.97 -20.11 47.58
C THR F 291 -20.73 -21.02 46.62
N SER F 292 -20.00 -21.90 45.91
CA SER F 292 -20.61 -22.71 44.86
C SER F 292 -21.56 -23.76 45.44
N GLN F 293 -21.20 -24.33 46.60
CA GLN F 293 -22.06 -25.35 47.19
C GLN F 293 -23.33 -24.75 47.78
N GLY F 294 -23.20 -23.62 48.48
CA GLY F 294 -24.35 -22.99 49.09
C GLY F 294 -24.77 -23.56 50.42
N LYS F 295 -24.24 -24.72 50.82
CA LYS F 295 -24.49 -25.27 52.14
C LYS F 295 -23.72 -24.48 53.18
N ALA F 296 -24.41 -24.08 54.24
CA ALA F 296 -23.83 -23.23 55.28
C ALA F 296 -22.92 -24.05 56.17
N TYR F 297 -21.69 -24.28 55.69
CA TYR F 297 -20.67 -24.87 56.53
C TYR F 297 -20.22 -23.88 57.60
N ARG F 298 -19.76 -24.41 58.73
CA ARG F 298 -19.28 -23.68 59.90
C ARG F 298 -20.37 -22.74 60.43
N GLN F 299 -21.43 -23.40 60.90
CA GLN F 299 -22.59 -22.73 61.48
C GLN F 299 -22.17 -21.94 62.72
N PRO F 300 -22.63 -20.70 62.88
CA PRO F 300 -22.20 -19.90 64.03
C PRO F 300 -22.75 -20.36 65.37
N LYS F 301 -23.70 -21.29 65.40
CA LYS F 301 -24.29 -21.72 66.65
C LYS F 301 -23.40 -22.72 67.40
N GLN F 302 -22.31 -23.16 66.78
CA GLN F 302 -21.25 -23.84 67.52
C GLN F 302 -20.19 -22.81 67.92
N LYS F 303 -19.19 -23.28 68.65
CA LYS F 303 -18.11 -22.42 69.13
C LYS F 303 -16.99 -22.27 68.10
N LEU F 304 -17.18 -22.76 66.88
CA LEU F 304 -16.10 -22.95 65.93
C LEU F 304 -16.10 -21.92 64.80
N ASP F 305 -16.47 -20.68 65.09
CA ASP F 305 -16.33 -19.60 64.12
C ASP F 305 -14.92 -19.04 64.10
N PHE F 306 -14.76 -17.87 63.51
CA PHE F 306 -13.70 -16.95 63.88
C PHE F 306 -14.18 -15.90 64.88
N TYR F 307 -15.43 -15.46 64.76
CA TYR F 307 -16.03 -14.46 65.64
C TYR F 307 -16.09 -14.91 67.10
N THR F 308 -16.90 -15.95 67.36
CA THR F 308 -17.09 -16.42 68.73
C THR F 308 -15.84 -17.09 69.26
N LEU F 309 -15.04 -17.69 68.38
CA LEU F 309 -13.84 -18.36 68.84
C LEU F 309 -12.78 -17.35 69.24
N LEU F 310 -12.68 -16.23 68.51
CA LEU F 310 -11.75 -15.19 68.93
C LEU F 310 -12.24 -14.49 70.19
N ASP F 311 -13.56 -14.31 70.31
CA ASP F 311 -14.12 -13.74 71.55
C ASP F 311 -13.90 -14.66 72.74
N ASN F 312 -13.86 -15.97 72.52
CA ASN F 312 -13.56 -16.90 73.59
C ASN F 312 -12.06 -16.94 73.88
N TRP F 313 -11.23 -16.76 72.86
CA TRP F 313 -9.81 -16.97 72.99
C TRP F 313 -9.06 -15.74 73.50
N VAL F 314 -9.64 -14.54 73.38
CA VAL F 314 -8.95 -13.34 73.82
C VAL F 314 -9.50 -12.81 75.15
N LEU F 315 -10.71 -13.19 75.56
CA LEU F 315 -11.24 -12.80 76.87
C LEU F 315 -11.12 -13.93 77.89
N ARG F 316 -11.70 -15.09 77.58
CA ARG F 316 -11.76 -16.19 78.54
C ARG F 316 -10.43 -16.92 78.68
N ASP F 317 -9.46 -16.66 77.78
CA ASP F 317 -8.09 -17.16 77.86
C ASP F 317 -8.01 -18.68 77.85
N GLU F 318 -8.97 -19.34 77.22
CA GLU F 318 -8.93 -20.77 77.05
C GLU F 318 -8.61 -21.10 75.60
N ALA F 319 -8.47 -22.40 75.31
CA ALA F 319 -8.07 -22.78 73.98
C ALA F 319 -8.61 -24.16 73.61
N PRO F 320 -9.11 -24.33 72.37
CA PRO F 320 -9.28 -25.67 71.81
C PRO F 320 -7.96 -26.25 71.32
N ALA F 321 -8.01 -27.38 70.60
CA ALA F 321 -6.81 -28.00 70.04
C ALA F 321 -6.15 -27.09 69.01
N VAL F 322 -4.88 -27.40 68.71
CA VAL F 322 -3.97 -26.47 68.05
C VAL F 322 -4.42 -26.17 66.62
N GLU F 323 -5.15 -27.10 65.99
CA GLU F 323 -5.60 -26.92 64.61
C GLU F 323 -6.60 -25.78 64.50
N GLN F 324 -7.46 -25.60 65.51
CA GLN F 324 -8.37 -24.46 65.51
C GLN F 324 -7.60 -23.15 65.62
N GLN F 325 -6.49 -23.12 66.37
CA GLN F 325 -5.65 -21.94 66.37
C GLN F 325 -4.93 -21.74 65.05
N HIS F 326 -4.59 -22.82 64.33
CA HIS F 326 -4.07 -22.66 62.98
C HIS F 326 -5.11 -22.01 62.07
N TYR F 327 -6.37 -22.40 62.23
CA TYR F 327 -7.46 -21.77 61.49
C TYR F 327 -7.61 -20.29 61.83
N VAL F 328 -7.45 -19.94 63.11
CA VAL F 328 -7.59 -18.54 63.51
C VAL F 328 -6.42 -17.71 62.99
N ILE F 329 -5.21 -18.28 63.02
CA ILE F 329 -4.06 -17.56 62.48
C ILE F 329 -4.15 -17.46 60.96
N ALA F 330 -4.78 -18.45 60.30
CA ALA F 330 -5.04 -18.32 58.87
C ALA F 330 -6.12 -17.28 58.58
N ASN F 331 -7.07 -17.10 59.50
CA ASN F 331 -8.05 -16.03 59.37
C ASN F 331 -7.39 -14.66 59.46
N LEU F 332 -6.44 -14.49 60.37
CA LEU F 332 -5.81 -13.19 60.50
C LEU F 332 -4.77 -12.94 59.41
N ILE F 333 -4.14 -13.99 58.86
CA ILE F 333 -3.31 -13.82 57.67
C ILE F 333 -4.18 -13.52 56.45
N ARG F 334 -5.39 -14.06 56.41
CA ARG F 334 -6.34 -13.74 55.35
C ARG F 334 -6.74 -12.27 55.37
N GLY F 335 -7.08 -11.75 56.54
CA GLY F 335 -7.57 -10.40 56.66
C GLY F 335 -9.06 -10.38 56.93
N GLY F 336 -9.65 -9.21 56.72
CA GLY F 336 -11.09 -9.10 56.83
C GLY F 336 -11.59 -8.16 57.90
N VAL F 337 -12.82 -8.40 58.36
CA VAL F 337 -13.47 -7.58 59.37
C VAL F 337 -13.84 -8.49 60.54
N PHE F 338 -13.48 -8.08 61.75
CA PHE F 338 -13.91 -8.74 62.97
C PHE F 338 -14.94 -7.85 63.66
N GLY F 339 -16.10 -8.41 63.97
CA GLY F 339 -17.22 -7.64 64.47
C GLY F 339 -18.12 -7.16 63.35
N GLU F 340 -19.32 -6.73 63.74
CA GLU F 340 -20.31 -6.27 62.77
C GLU F 340 -19.95 -4.87 62.22
N SER G 2 -36.67 32.16 -0.49
CA SER G 2 -35.99 33.10 -1.36
C SER G 2 -34.48 32.93 -1.27
N MET G 3 -33.94 32.07 -2.14
CA MET G 3 -32.50 31.76 -2.17
C MET G 3 -32.04 31.85 -3.62
N LYS G 4 -31.58 33.03 -4.00
CA LYS G 4 -31.16 33.29 -5.37
C LYS G 4 -29.82 32.63 -5.65
N PHE G 5 -29.74 31.92 -6.78
CA PHE G 5 -28.51 31.25 -7.17
C PHE G 5 -27.49 32.29 -7.65
N ILE G 6 -26.21 32.03 -7.36
CA ILE G 6 -25.13 32.91 -7.75
C ILE G 6 -24.20 32.23 -8.74
N LYS G 7 -23.54 31.15 -8.32
CA LYS G 7 -22.55 30.46 -9.13
C LYS G 7 -22.26 29.11 -8.49
N TYR G 8 -21.70 28.21 -9.29
CA TYR G 8 -21.04 27.04 -8.75
C TYR G 8 -19.62 27.39 -8.35
N LEU G 9 -19.11 26.66 -7.35
CA LEU G 9 -17.83 27.00 -6.75
C LEU G 9 -16.66 26.47 -7.56
N SER G 10 -16.90 25.58 -8.52
CA SER G 10 -15.83 25.04 -9.34
C SER G 10 -16.14 25.22 -10.81
N THR G 11 -15.14 24.92 -11.63
CA THR G 11 -15.35 24.89 -13.08
C THR G 11 -15.95 23.56 -13.51
N ALA G 12 -15.53 22.47 -12.89
CA ALA G 12 -15.98 21.13 -13.24
C ALA G 12 -16.73 20.51 -12.07
N HIS G 13 -17.70 19.66 -12.39
CA HIS G 13 -18.35 18.84 -11.36
C HIS G 13 -17.45 17.66 -11.06
N LEU G 14 -17.62 17.08 -9.87
CA LEU G 14 -16.74 15.96 -9.56
C LEU G 14 -17.41 14.62 -9.88
N ASN G 15 -18.49 14.28 -9.20
CA ASN G 15 -19.14 13.01 -9.45
C ASN G 15 -20.64 13.22 -9.50
N TYR G 16 -21.05 14.18 -10.33
CA TYR G 16 -22.33 14.90 -10.37
C TYR G 16 -22.52 15.76 -9.12
N MET G 17 -21.47 15.96 -8.34
CA MET G 17 -21.51 16.70 -7.09
C MET G 17 -20.71 17.97 -7.25
N ASN G 18 -21.23 19.06 -6.70
CA ASN G 18 -20.52 20.33 -6.71
C ASN G 18 -20.98 21.11 -5.49
N ILE G 19 -20.63 22.39 -5.43
CA ILE G 19 -21.04 23.28 -4.35
C ILE G 19 -21.72 24.48 -4.99
N ALA G 20 -23.02 24.61 -4.76
CA ALA G 20 -23.78 25.76 -5.25
C ALA G 20 -23.75 26.87 -4.22
N VAL G 21 -23.89 28.11 -4.69
CA VAL G 21 -23.79 29.29 -3.84
C VAL G 21 -25.10 30.06 -3.94
N TYR G 22 -25.81 30.17 -2.82
CA TYR G 22 -27.08 30.88 -2.74
C TYR G 22 -26.95 32.10 -1.86
N GLU G 23 -27.67 33.16 -2.23
CA GLU G 23 -27.71 34.39 -1.44
C GLU G 23 -28.94 34.34 -0.55
N ASN G 24 -28.75 34.00 0.73
CA ASN G 24 -29.84 33.85 1.68
C ASN G 24 -29.90 35.11 2.53
N GLY G 25 -30.62 36.11 2.03
CA GLY G 25 -30.73 37.39 2.71
C GLY G 25 -29.42 38.16 2.66
N SER G 26 -28.99 38.70 3.79
CA SER G 26 -27.66 39.30 3.89
C SER G 26 -26.58 38.26 4.14
N LYS G 27 -26.96 37.02 4.40
CA LYS G 27 -26.01 35.92 4.49
C LYS G 27 -25.75 35.34 3.09
N ILE G 28 -25.04 34.22 3.05
CA ILE G 28 -24.75 33.53 1.80
C ILE G 28 -24.57 32.05 2.12
N LYS G 29 -25.10 31.20 1.25
CA LYS G 29 -25.24 29.77 1.49
C LYS G 29 -24.30 28.99 0.58
N ALA G 30 -23.79 27.87 1.09
CA ALA G 30 -22.98 26.94 0.30
C ALA G 30 -23.55 25.54 0.51
N ARG G 31 -24.22 25.00 -0.50
CA ARG G 31 -24.85 23.70 -0.43
C ARG G 31 -24.08 22.68 -1.27
N VAL G 32 -23.89 21.49 -0.70
CA VAL G 32 -23.28 20.38 -1.43
C VAL G 32 -24.43 19.65 -2.13
N GLU G 33 -24.56 19.89 -3.43
CA GLU G 33 -25.72 19.45 -4.18
C GLU G 33 -25.34 18.49 -5.29
N ASN G 34 -26.19 17.48 -5.50
CA ASN G 34 -26.15 16.69 -6.71
C ASN G 34 -26.79 17.50 -7.83
N VAL G 35 -26.06 17.66 -8.94
CA VAL G 35 -26.44 18.65 -9.94
C VAL G 35 -27.60 18.22 -10.82
N VAL G 36 -27.93 16.94 -10.85
CA VAL G 36 -28.96 16.45 -11.77
C VAL G 36 -30.34 16.43 -11.14
N ASN G 37 -30.42 16.39 -9.81
CA ASN G 37 -31.71 16.32 -9.13
C ASN G 37 -31.85 17.27 -7.94
N GLY G 38 -30.77 17.92 -7.51
CA GLY G 38 -30.87 18.94 -6.49
C GLY G 38 -30.87 18.45 -5.06
N LYS G 39 -30.54 17.19 -4.81
CA LYS G 39 -30.53 16.64 -3.47
C LYS G 39 -29.32 17.15 -2.70
N SER G 40 -29.57 17.98 -1.69
CA SER G 40 -28.50 18.47 -0.84
C SER G 40 -28.14 17.46 0.23
N VAL G 41 -26.84 17.33 0.49
CA VAL G 41 -26.34 16.44 1.52
C VAL G 41 -25.54 17.18 2.58
N GLY G 42 -25.75 18.49 2.72
CA GLY G 42 -25.07 19.25 3.74
C GLY G 42 -24.77 20.67 3.32
N ALA G 43 -25.09 21.64 4.16
CA ALA G 43 -24.89 23.04 3.86
C ALA G 43 -24.18 23.71 5.03
N ARG G 44 -23.70 24.92 4.79
CA ARG G 44 -23.03 25.69 5.84
C ARG G 44 -23.28 27.16 5.60
N ASP G 45 -23.56 27.89 6.67
CA ASP G 45 -23.88 29.31 6.59
C ASP G 45 -22.61 30.12 6.48
N PHE G 46 -22.68 31.21 5.70
CA PHE G 46 -21.62 32.18 5.58
C PHE G 46 -22.26 33.56 5.45
N ASP G 47 -21.44 34.61 5.56
CA ASP G 47 -21.99 35.96 5.48
C ASP G 47 -21.43 36.76 4.32
N SER G 48 -20.12 36.78 4.14
CA SER G 48 -19.49 37.59 3.10
C SER G 48 -18.79 36.68 2.10
N THR G 49 -18.78 37.12 0.84
CA THR G 49 -18.05 36.37 -0.17
C THR G 49 -16.55 36.51 -0.01
N GLU G 50 -16.07 37.60 0.62
CA GLU G 50 -14.63 37.77 0.81
C GLU G 50 -14.10 36.79 1.85
N GLN G 51 -14.80 36.63 2.97
CA GLN G 51 -14.37 35.65 3.96
C GLN G 51 -14.62 34.23 3.48
N LEU G 52 -15.63 34.02 2.62
CA LEU G 52 -15.85 32.70 2.04
C LEU G 52 -14.71 32.31 1.12
N GLU G 53 -14.20 33.26 0.33
CA GLU G 53 -13.05 32.95 -0.50
C GLU G 53 -11.77 32.84 0.31
N SER G 54 -11.66 33.59 1.42
CA SER G 54 -10.49 33.42 2.28
C SER G 54 -10.54 32.09 3.03
N TRP G 55 -11.73 31.55 3.25
CA TRP G 55 -11.85 30.21 3.80
C TRP G 55 -11.56 29.14 2.76
N PHE G 56 -12.06 29.33 1.54
CA PHE G 56 -11.90 28.32 0.51
C PHE G 56 -10.47 28.23 0.02
N TYR G 57 -9.83 29.38 -0.24
CA TYR G 57 -8.42 29.37 -0.63
C TYR G 57 -7.49 29.04 0.53
N GLY G 58 -7.99 29.04 1.77
CA GLY G 58 -7.20 28.55 2.88
C GLY G 58 -7.23 27.06 3.07
N LEU G 59 -8.09 26.35 2.33
CA LEU G 59 -8.13 24.90 2.38
C LEU G 59 -6.89 24.31 1.70
N PRO G 60 -6.40 23.18 2.20
CA PRO G 60 -5.27 22.52 1.53
C PRO G 60 -5.71 21.83 0.26
N GLY G 61 -4.90 21.97 -0.79
CA GLY G 61 -5.19 21.35 -2.07
C GLY G 61 -5.15 22.37 -3.19
N SER G 62 -5.38 21.85 -4.40
CA SER G 62 -5.31 22.67 -5.61
C SER G 62 -6.35 22.17 -6.61
N GLY G 63 -7.50 22.83 -6.68
CA GLY G 63 -8.49 22.53 -7.69
C GLY G 63 -9.54 21.55 -7.21
N LEU G 64 -9.66 20.43 -7.92
CA LEU G 64 -10.67 19.43 -7.56
C LEU G 64 -10.33 18.73 -6.26
N GLY G 65 -9.05 18.62 -5.91
CA GLY G 65 -8.70 18.13 -4.58
C GLY G 65 -9.12 19.10 -3.49
N ARG G 66 -9.03 20.40 -3.78
CA ARG G 66 -9.46 21.40 -2.81
C ARG G 66 -10.97 21.41 -2.63
N ILE G 67 -11.73 21.20 -3.72
CA ILE G 67 -13.17 21.12 -3.54
C ILE G 67 -13.59 19.74 -3.01
N GLU G 68 -12.75 18.72 -3.17
CA GLU G 68 -12.96 17.47 -2.43
C GLU G 68 -12.82 17.68 -0.93
N ASN G 69 -11.80 18.44 -0.52
CA ASN G 69 -11.66 18.82 0.88
C ASN G 69 -12.84 19.65 1.35
N ALA G 70 -13.34 20.54 0.49
CA ALA G 70 -14.49 21.36 0.85
C ALA G 70 -15.76 20.53 1.04
N MET G 71 -16.01 19.58 0.14
CA MET G 71 -17.20 18.74 0.26
C MET G 71 -17.08 17.74 1.40
N ASN G 72 -15.86 17.28 1.71
CA ASN G 72 -15.69 16.44 2.89
C ASN G 72 -15.85 17.22 4.18
N GLU G 73 -15.46 18.50 4.17
CA GLU G 73 -15.64 19.34 5.35
C GLU G 73 -17.10 19.66 5.59
N ILE G 74 -17.82 20.04 4.53
CA ILE G 74 -19.23 20.41 4.71
C ILE G 74 -20.09 19.16 4.91
N SER G 75 -19.77 18.06 4.25
CA SER G 75 -20.60 16.87 4.25
C SER G 75 -20.56 16.08 5.55
N ARG G 76 -19.77 16.49 6.54
CA ARG G 76 -19.87 15.93 7.87
C ARG G 76 -20.70 16.85 8.76
N ARG G 77 -21.30 16.26 9.80
CA ARG G 77 -22.14 17.01 10.72
C ARG G 77 -21.29 17.94 11.59
N GLU G 78 -21.64 19.22 11.55
CA GLU G 78 -20.93 20.21 12.35
C GLU G 78 -21.19 19.99 13.84
N ASN G 79 -20.12 19.99 14.62
CA ASN G 79 -20.20 19.61 16.02
C ASN G 79 -20.89 20.71 16.83
N PRO G 80 -21.66 20.36 17.86
CA PRO G 80 -22.28 21.34 18.76
C PRO G 80 -21.25 22.08 19.61
N SER H 2 -57.79 -12.63 32.96
CA SER H 2 -58.12 -13.29 31.69
C SER H 2 -57.33 -12.67 30.54
N MET H 3 -56.15 -13.22 30.27
CA MET H 3 -55.26 -12.73 29.22
C MET H 3 -54.80 -13.93 28.40
N LYS H 4 -55.54 -14.22 27.34
CA LYS H 4 -55.25 -15.38 26.51
C LYS H 4 -54.04 -15.12 25.63
N PHE H 5 -53.12 -16.09 25.61
CA PHE H 5 -51.92 -15.98 24.79
C PHE H 5 -52.26 -16.17 23.33
N ILE H 6 -51.56 -15.43 22.47
CA ILE H 6 -51.78 -15.49 21.02
C ILE H 6 -50.54 -16.03 20.32
N LYS H 7 -49.43 -15.32 20.40
CA LYS H 7 -48.20 -15.69 19.70
C LYS H 7 -47.04 -14.88 20.27
N TYR H 8 -45.84 -15.36 20.03
CA TYR H 8 -44.65 -14.54 20.20
C TYR H 8 -44.44 -13.69 18.95
N LEU H 9 -43.83 -12.53 19.14
CA LEU H 9 -43.71 -11.55 18.07
C LEU H 9 -42.55 -11.85 17.14
N SER H 10 -41.66 -12.77 17.51
CA SER H 10 -40.53 -13.12 16.66
C SER H 10 -40.48 -14.63 16.44
N THR H 11 -39.59 -15.02 15.53
CA THR H 11 -39.32 -16.44 15.33
C THR H 11 -38.33 -16.94 16.37
N ALA H 12 -37.34 -16.13 16.70
CA ALA H 12 -36.28 -16.51 17.64
C ALA H 12 -36.33 -15.63 18.87
N HIS H 13 -35.94 -16.19 20.01
CA HIS H 13 -35.75 -15.40 21.22
C HIS H 13 -34.40 -14.71 21.12
N LEU H 14 -34.25 -13.61 21.86
CA LEU H 14 -32.96 -12.93 21.76
C LEU H 14 -32.00 -13.35 22.87
N ASN H 15 -32.33 -13.06 24.12
CA ASN H 15 -31.45 -13.42 25.23
C ASN H 15 -32.27 -13.99 26.35
N TYR H 16 -33.09 -15.00 25.99
CA TYR H 16 -34.26 -15.53 26.71
C TYR H 16 -35.38 -14.51 26.79
N MET H 17 -35.28 -13.43 26.01
CA MET H 17 -36.23 -12.33 26.03
C MET H 17 -36.97 -12.30 24.70
N ASN H 18 -38.27 -12.06 24.76
CA ASN H 18 -39.06 -11.92 23.54
C ASN H 18 -40.22 -10.99 23.89
N ILE H 19 -41.21 -10.92 22.98
CA ILE H 19 -42.41 -10.13 23.19
C ILE H 19 -43.61 -11.05 23.00
N ALA H 20 -44.33 -11.31 24.08
CA ALA H 20 -45.54 -12.12 24.03
C ALA H 20 -46.74 -11.23 23.74
N VAL H 21 -47.77 -11.81 23.14
CA VAL H 21 -48.95 -11.07 22.71
C VAL H 21 -50.17 -11.68 23.39
N TYR H 22 -50.82 -10.89 24.24
CA TYR H 22 -52.01 -11.32 24.98
C TYR H 22 -53.23 -10.55 24.50
N GLU H 23 -54.37 -11.22 24.49
CA GLU H 23 -55.65 -10.60 24.15
C GLU H 23 -56.34 -10.19 25.44
N ASN H 24 -56.26 -8.90 25.78
CA ASN H 24 -56.83 -8.38 27.02
C ASN H 24 -58.15 -7.70 26.68
N GLY H 25 -59.21 -8.50 26.66
CA GLY H 25 -60.53 -8.01 26.31
C GLY H 25 -60.63 -7.66 24.84
N SER H 26 -61.18 -6.49 24.52
CA SER H 26 -61.16 -5.99 23.17
C SER H 26 -59.84 -5.30 22.82
N LYS H 27 -58.97 -5.08 23.81
CA LYS H 27 -57.63 -4.59 23.57
C LYS H 27 -56.69 -5.76 23.26
N ILE H 28 -55.40 -5.46 23.20
CA ILE H 28 -54.37 -6.47 22.96
C ILE H 28 -53.09 -5.99 23.61
N LYS H 29 -52.37 -6.92 24.23
CA LYS H 29 -51.25 -6.64 25.11
C LYS H 29 -49.94 -7.09 24.46
N ALA H 30 -48.87 -6.35 24.71
CA ALA H 30 -47.53 -6.75 24.28
C ALA H 30 -46.59 -6.63 25.47
N ARG H 31 -46.19 -7.77 26.03
CA ARG H 31 -45.33 -7.81 27.21
C ARG H 31 -43.92 -8.25 26.84
N VAL H 32 -42.93 -7.56 27.40
CA VAL H 32 -41.53 -7.93 27.24
C VAL H 32 -41.22 -8.93 28.36
N GLU H 33 -41.18 -10.21 28.01
CA GLU H 33 -41.13 -11.28 28.99
C GLU H 33 -39.87 -12.11 28.83
N ASN H 34 -39.31 -12.51 29.97
CA ASN H 34 -38.32 -13.58 30.00
C ASN H 34 -39.04 -14.91 29.85
N VAL H 35 -38.61 -15.70 28.86
CA VAL H 35 -39.40 -16.85 28.43
C VAL H 35 -39.32 -18.05 29.37
N VAL H 36 -38.33 -18.09 30.27
CA VAL H 36 -38.15 -19.27 31.10
C VAL H 36 -38.86 -19.14 32.44
N ASN H 37 -39.18 -17.93 32.88
CA ASN H 37 -39.83 -17.73 34.17
C ASN H 37 -41.00 -16.75 34.14
N GLY H 38 -41.19 -16.02 33.05
CA GLY H 38 -42.37 -15.18 32.90
C GLY H 38 -42.28 -13.81 33.52
N LYS H 39 -41.09 -13.37 33.92
CA LYS H 39 -40.92 -12.06 34.55
C LYS H 39 -41.03 -10.97 33.49
N SER H 40 -42.09 -10.17 33.58
CA SER H 40 -42.26 -9.05 32.67
C SER H 40 -41.46 -7.83 33.15
N VAL H 41 -40.85 -7.14 32.19
CA VAL H 41 -40.11 -5.93 32.48
C VAL H 41 -40.66 -4.72 31.74
N GLY H 42 -41.91 -4.76 31.33
CA GLY H 42 -42.53 -3.63 30.65
C GLY H 42 -43.53 -4.04 29.60
N ALA H 43 -44.72 -3.43 29.63
CA ALA H 43 -45.79 -3.76 28.70
C ALA H 43 -46.33 -2.48 28.11
N ARG H 44 -47.13 -2.63 27.05
CA ARG H 44 -47.74 -1.48 26.40
C ARG H 44 -49.09 -1.91 25.83
N ASP H 45 -50.09 -1.06 26.01
CA ASP H 45 -51.45 -1.36 25.57
C ASP H 45 -51.58 -1.09 24.08
N PHE H 46 -52.37 -1.93 23.41
CA PHE H 46 -52.74 -1.76 22.02
C PHE H 46 -54.18 -2.20 21.85
N ASP H 47 -54.77 -1.90 20.69
CA ASP H 47 -56.17 -2.28 20.48
C ASP H 47 -56.35 -3.23 19.30
N SER H 48 -55.76 -2.94 18.15
CA SER H 48 -55.96 -3.76 16.97
C SER H 48 -54.64 -4.38 16.55
N THR H 49 -54.71 -5.59 16.00
CA THR H 49 -53.51 -6.22 15.48
C THR H 49 -53.01 -5.56 14.20
N GLU H 50 -53.91 -4.89 13.45
CA GLU H 50 -53.49 -4.23 12.23
C GLU H 50 -52.64 -3.00 12.52
N GLN H 51 -53.07 -2.19 13.49
CA GLN H 51 -52.26 -1.03 13.87
C GLN H 51 -51.01 -1.45 14.64
N LEU H 52 -51.06 -2.59 15.35
CA LEU H 52 -49.87 -3.11 16.01
C LEU H 52 -48.83 -3.55 15.00
N GLU H 53 -49.26 -4.17 13.91
CA GLU H 53 -48.29 -4.53 12.88
C GLU H 53 -47.84 -3.32 12.09
N SER H 54 -48.70 -2.31 11.92
CA SER H 54 -48.24 -1.09 11.27
C SER H 54 -47.29 -0.29 12.14
N TRP H 55 -47.38 -0.46 13.46
CA TRP H 55 -46.39 0.13 14.36
C TRP H 55 -45.09 -0.66 14.35
N PHE H 56 -45.18 -1.99 14.35
CA PHE H 56 -44.00 -2.82 14.43
C PHE H 56 -43.19 -2.77 13.15
N TYR H 57 -43.86 -2.89 11.99
CA TYR H 57 -43.15 -2.76 10.72
C TYR H 57 -42.73 -1.33 10.41
N GLY H 58 -43.23 -0.35 11.15
CA GLY H 58 -42.73 1.01 11.05
C GLY H 58 -41.47 1.29 11.84
N LEU H 59 -41.07 0.36 12.69
CA LEU H 59 -39.83 0.51 13.43
C LEU H 59 -38.62 0.36 12.52
N PRO H 60 -37.54 1.08 12.79
CA PRO H 60 -36.32 0.90 11.99
C PRO H 60 -35.61 -0.40 12.35
N GLY H 61 -35.14 -1.11 11.34
CA GLY H 61 -34.43 -2.35 11.52
C GLY H 61 -35.04 -3.48 10.70
N SER H 62 -34.40 -4.64 10.82
CA SER H 62 -34.80 -5.82 10.04
C SER H 62 -34.57 -7.07 10.88
N GLY H 63 -35.64 -7.57 11.49
CA GLY H 63 -35.57 -8.84 12.20
C GLY H 63 -35.28 -8.68 13.67
N LEU H 64 -34.18 -9.29 14.13
CA LEU H 64 -33.83 -9.23 15.54
C LEU H 64 -33.37 -7.84 15.96
N GLY H 65 -32.81 -7.06 15.03
CA GLY H 65 -32.55 -5.67 15.34
C GLY H 65 -33.82 -4.87 15.50
N ARG H 66 -34.86 -5.21 14.73
CA ARG H 66 -36.15 -4.53 14.85
C ARG H 66 -36.83 -4.88 16.17
N ILE H 67 -36.73 -6.15 16.60
CA ILE H 67 -37.32 -6.46 17.90
C ILE H 67 -36.43 -6.01 19.05
N GLU H 68 -35.14 -5.78 18.81
CA GLU H 68 -34.30 -5.07 19.78
C GLU H 68 -34.78 -3.64 19.96
N ASN H 69 -35.10 -2.96 18.86
CA ASN H 69 -35.70 -1.63 18.92
C ASN H 69 -37.05 -1.66 19.63
N ALA H 70 -37.83 -2.72 19.40
CA ALA H 70 -39.13 -2.85 20.05
C ALA H 70 -39.00 -3.04 21.56
N MET H 71 -38.06 -3.89 21.99
CA MET H 71 -37.88 -4.12 23.42
C MET H 71 -37.22 -2.95 24.11
N ASN H 72 -36.37 -2.18 23.40
CA ASN H 72 -35.83 -0.96 23.98
C ASN H 72 -36.89 0.12 24.08
N GLU H 73 -37.83 0.15 23.13
CA GLU H 73 -38.91 1.13 23.19
C GLU H 73 -39.89 0.82 24.32
N ILE H 74 -40.28 -0.44 24.46
CA ILE H 74 -41.25 -0.80 25.49
C ILE H 74 -40.58 -0.81 26.87
N SER H 75 -39.32 -1.23 26.96
CA SER H 75 -38.65 -1.42 28.23
C SER H 75 -38.24 -0.12 28.92
N ARG H 76 -38.49 1.03 28.33
CA ARG H 76 -38.36 2.29 29.05
C ARG H 76 -39.73 2.76 29.53
N ARG H 77 -39.71 3.57 30.59
CA ARG H 77 -40.94 4.08 31.17
C ARG H 77 -41.58 5.11 30.25
N GLU H 78 -42.85 4.86 29.90
CA GLU H 78 -43.59 5.77 29.04
C GLU H 78 -43.85 7.09 29.77
N ASN H 79 -43.58 8.19 29.09
CA ASN H 79 -43.62 9.50 29.72
C ASN H 79 -45.05 9.92 29.97
N PRO H 80 -45.32 10.67 31.07
CA PRO H 80 -46.66 11.21 31.34
C PRO H 80 -47.06 12.29 30.36
N MET I 1 72.56 5.01 27.96
CA MET I 1 73.88 5.07 28.57
C MET I 1 74.97 5.19 27.51
N ALA I 2 74.71 4.62 26.35
CA ALA I 2 75.64 4.62 25.23
C ALA I 2 75.08 5.38 24.03
N MET I 3 74.39 6.49 24.30
CA MET I 3 73.84 7.34 23.24
C MET I 3 74.78 8.51 23.00
N ASP I 4 75.98 8.18 22.54
CA ASP I 4 77.01 9.19 22.28
C ASP I 4 76.69 10.01 21.05
N HIS I 5 76.62 9.37 19.88
CA HIS I 5 76.16 10.03 18.68
C HIS I 5 74.65 10.11 18.71
N TYR I 6 74.12 11.32 18.74
CA TYR I 6 72.69 11.54 18.85
C TYR I 6 72.21 12.45 17.72
N LEU I 7 70.97 12.23 17.30
CA LEU I 7 70.37 13.04 16.24
C LEU I 7 68.86 13.00 16.41
N ASP I 8 68.19 13.89 15.71
CA ASP I 8 66.74 14.02 15.80
C ASP I 8 66.12 14.11 14.40
N ILE I 9 64.81 13.96 14.36
CA ILE I 9 64.04 14.08 13.13
C ILE I 9 62.66 14.64 13.47
N ARG I 10 62.30 15.75 12.85
CA ARG I 10 61.02 16.41 13.12
C ARG I 10 60.25 16.52 11.81
N LEU I 11 59.19 15.74 11.68
CA LEU I 11 58.30 15.83 10.53
C LEU I 11 57.38 17.02 10.73
N ARG I 12 57.43 17.98 9.81
CA ARG I 12 56.66 19.20 9.95
C ARG I 12 55.18 18.93 9.70
N PRO I 13 54.29 19.69 10.34
CA PRO I 13 52.85 19.45 10.16
C PRO I 13 52.38 20.06 8.84
N ASP I 14 51.68 19.25 8.04
CA ASP I 14 51.22 19.68 6.73
C ASP I 14 49.97 18.89 6.39
N PRO I 15 49.14 19.40 5.47
CA PRO I 15 47.88 18.70 5.16
C PRO I 15 48.01 17.67 4.04
N GLU I 16 49.24 17.28 3.71
CA GLU I 16 49.49 16.31 2.65
C GLU I 16 49.67 14.89 3.18
N PHE I 17 49.73 14.71 4.50
CA PHE I 17 49.88 13.39 5.10
C PHE I 17 49.75 13.56 6.61
N PRO I 18 49.34 12.50 7.31
CA PRO I 18 49.17 12.60 8.76
C PRO I 18 50.52 12.49 9.47
N PRO I 19 50.56 12.77 10.78
CA PRO I 19 51.81 12.58 11.51
C PRO I 19 52.22 11.13 11.62
N ALA I 20 51.25 10.21 11.79
CA ALA I 20 51.55 8.79 11.73
C ALA I 20 51.93 8.39 10.31
N GLN I 21 51.31 8.99 9.31
CA GLN I 21 51.67 8.72 7.92
C GLN I 21 53.07 9.22 7.60
N LEU I 22 53.42 10.41 8.09
CA LEU I 22 54.77 10.94 7.88
C LEU I 22 55.81 10.12 8.64
N MET I 23 55.47 9.65 9.84
CA MET I 23 56.38 8.80 10.60
C MET I 23 56.58 7.45 9.92
N SER I 24 55.50 6.89 9.34
CA SER I 24 55.62 5.62 8.64
C SER I 24 56.40 5.77 7.34
N VAL I 25 56.25 6.91 6.66
CA VAL I 25 57.02 7.16 5.44
C VAL I 25 58.50 7.34 5.75
N LEU I 26 58.81 8.05 6.85
CA LEU I 26 60.20 8.22 7.26
C LEU I 26 60.82 6.90 7.72
N PHE I 27 60.05 6.08 8.43
CA PHE I 27 60.55 4.79 8.89
C PHE I 27 60.77 3.82 7.73
N GLY I 28 59.88 3.84 6.73
CA GLY I 28 60.08 3.00 5.56
C GLY I 28 61.24 3.45 4.70
N LYS I 29 61.43 4.77 4.58
CA LYS I 29 62.58 5.30 3.85
C LYS I 29 63.88 4.98 4.57
N LEU I 30 63.88 5.04 5.90
CA LEU I 30 65.08 4.70 6.67
C LEU I 30 65.38 3.20 6.57
N HIS I 31 64.35 2.36 6.60
CA HIS I 31 64.57 0.92 6.51
C HIS I 31 64.96 0.48 5.11
N GLN I 32 64.61 1.27 4.08
CA GLN I 32 65.00 0.94 2.72
C GLN I 32 66.35 1.54 2.32
N ALA I 33 66.74 2.68 2.88
CA ALA I 33 67.97 3.36 2.51
C ALA I 33 68.97 3.46 3.66
N LEU I 34 68.81 2.63 4.69
CA LEU I 34 69.79 2.53 5.76
C LEU I 34 70.31 1.11 5.94
N VAL I 35 69.43 0.11 5.85
CA VAL I 35 69.83 -1.28 5.96
C VAL I 35 69.74 -1.92 4.58
N ALA I 36 69.90 -1.11 3.53
CA ALA I 36 69.91 -1.65 2.17
C ALA I 36 71.21 -2.39 1.88
N GLN I 37 72.34 -1.75 2.14
CA GLN I 37 73.65 -2.37 2.03
C GLN I 37 74.09 -3.05 3.32
N GLY I 38 73.21 -3.12 4.33
CA GLY I 38 73.53 -3.77 5.58
C GLY I 38 73.78 -2.79 6.72
N GLY I 39 74.83 -3.02 7.49
CA GLY I 39 75.19 -2.17 8.60
C GLY I 39 75.06 -2.87 9.94
N ASP I 40 75.62 -2.23 10.95
CA ASP I 40 75.58 -2.75 12.32
C ASP I 40 74.91 -1.80 13.29
N ARG I 41 75.30 -0.52 13.29
CA ARG I 41 74.83 0.45 14.28
C ARG I 41 73.66 1.23 13.72
N ILE I 42 72.46 0.92 14.22
CA ILE I 42 71.25 1.67 13.89
C ILE I 42 70.34 1.70 15.10
N GLY I 43 70.17 2.89 15.69
CA GLY I 43 69.29 3.05 16.83
C GLY I 43 68.26 4.13 16.61
N VAL I 44 66.98 3.74 16.57
CA VAL I 44 65.88 4.65 16.26
C VAL I 44 64.86 4.52 17.39
N SER I 45 65.00 5.36 18.41
CA SER I 45 64.04 5.43 19.50
C SER I 45 63.10 6.61 19.29
N PHE I 46 62.13 6.74 20.20
CA PHE I 46 61.18 7.84 20.09
C PHE I 46 61.81 9.08 20.71
N PRO I 47 62.39 9.97 19.90
CA PRO I 47 63.01 11.18 20.47
C PRO I 47 62.01 12.20 20.96
N ASP I 48 60.74 12.09 20.56
CA ASP I 48 59.64 12.91 21.07
C ASP I 48 58.46 12.00 21.40
N LEU I 49 58.74 10.89 22.07
CA LEU I 49 57.73 9.87 22.32
C LEU I 49 56.93 10.17 23.57
N ASP I 50 55.69 9.65 23.59
CA ASP I 50 54.82 9.76 24.75
C ASP I 50 53.88 8.56 24.70
N GLU I 51 54.19 7.52 25.48
CA GLU I 51 53.44 6.27 25.48
C GLU I 51 52.33 6.25 26.52
N SER I 52 51.78 7.42 26.87
CA SER I 52 50.66 7.51 27.81
C SER I 52 49.36 7.94 27.15
N ARG I 53 49.41 8.66 26.04
CA ARG I 53 48.23 9.10 25.33
C ARG I 53 47.87 8.21 24.14
N SER I 54 48.46 7.02 24.06
CA SER I 54 48.20 6.03 23.02
C SER I 54 48.76 6.42 21.66
N ARG I 55 49.72 7.34 21.60
CA ARG I 55 50.33 7.78 20.35
C ARG I 55 51.76 7.26 20.32
N LEU I 56 52.03 6.32 19.41
CA LEU I 56 53.32 5.65 19.37
C LEU I 56 54.41 6.51 18.75
N GLY I 57 54.10 7.27 17.70
CA GLY I 57 55.11 8.09 17.08
C GLY I 57 54.63 9.46 16.60
N GLU I 58 55.27 10.51 17.10
CA GLU I 58 55.01 11.87 16.65
C GLU I 58 56.30 12.69 16.55
N ARG I 59 57.45 12.03 16.61
CA ARG I 59 58.76 12.67 16.54
C ARG I 59 59.79 11.58 16.45
N LEU I 60 60.92 11.89 15.82
CA LEU I 60 61.97 10.92 15.56
C LEU I 60 63.26 11.36 16.22
N ARG I 61 63.97 10.39 16.81
CA ARG I 61 65.28 10.62 17.41
C ARG I 61 66.17 9.45 17.07
N ILE I 62 67.36 9.73 16.53
CA ILE I 62 68.31 8.72 16.11
C ILE I 62 69.50 8.76 17.05
N HIS I 63 69.84 7.61 17.63
CA HIS I 63 71.03 7.46 18.46
C HIS I 63 71.90 6.40 17.79
N ALA I 64 72.73 6.85 16.85
CA ALA I 64 73.56 5.97 16.04
C ALA I 64 75.04 6.32 16.23
N SER I 65 75.89 5.68 15.44
CA SER I 65 77.33 5.86 15.54
C SER I 65 77.79 7.01 14.65
N ALA I 66 79.10 7.29 14.69
CA ALA I 66 79.65 8.39 13.89
C ALA I 66 79.74 8.00 12.41
N ASP I 67 80.43 6.89 12.12
CA ASP I 67 80.54 6.44 10.74
C ASP I 67 79.24 5.84 10.22
N ASP I 68 78.34 5.40 11.12
CA ASP I 68 77.05 4.90 10.70
C ASP I 68 76.12 6.01 10.23
N LEU I 69 76.35 7.25 10.68
CA LEU I 69 75.60 8.40 10.21
C LEU I 69 76.35 9.22 9.17
N ARG I 70 77.67 9.08 9.08
CA ARG I 70 78.43 9.75 8.04
C ARG I 70 78.27 9.09 6.69
N ALA I 71 77.82 7.83 6.65
CA ALA I 71 77.57 7.12 5.41
C ALA I 71 76.16 6.54 5.30
N LEU I 72 75.30 6.76 6.31
CA LEU I 72 73.93 6.26 6.31
C LEU I 72 72.90 7.38 6.19
N LEU I 73 73.30 8.54 5.68
CA LEU I 73 72.37 9.64 5.47
C LEU I 73 72.65 10.40 4.18
N ALA I 74 73.27 9.76 3.19
CA ALA I 74 73.67 10.41 1.93
C ALA I 74 73.32 9.54 0.74
N ARG I 75 72.07 9.07 0.69
CA ARG I 75 71.59 8.22 -0.38
C ARG I 75 70.23 8.71 -0.87
N PRO I 76 69.78 8.23 -2.03
CA PRO I 76 68.44 8.59 -2.51
C PRO I 76 67.32 7.86 -1.81
N TRP I 77 67.62 6.79 -1.07
CA TRP I 77 66.62 6.12 -0.23
C TRP I 77 66.28 6.91 1.02
N LEU I 78 67.08 7.91 1.38
CA LEU I 78 66.80 8.81 2.49
C LEU I 78 66.32 10.18 2.01
N GLU I 79 66.94 10.72 0.97
CA GLU I 79 66.58 12.03 0.46
C GLU I 79 65.38 11.92 -0.49
N GLY I 80 65.09 13.00 -1.20
CA GLY I 80 63.93 13.04 -2.09
C GLY I 80 62.71 13.67 -1.49
N LEU I 81 62.19 13.09 -0.40
CA LEU I 81 60.98 13.57 0.25
C LEU I 81 61.27 14.48 1.44
N ARG I 82 62.34 15.26 1.38
CA ARG I 82 62.75 16.14 2.48
C ARG I 82 62.00 17.47 2.50
N ASP I 83 60.88 17.59 1.79
CA ASP I 83 60.09 18.82 1.82
C ASP I 83 59.09 18.85 2.95
N HIS I 84 58.79 17.71 3.58
CA HIS I 84 57.90 17.67 4.73
C HIS I 84 58.69 17.76 6.03
N LEU I 85 59.59 16.81 6.26
CA LEU I 85 60.47 16.82 7.41
C LEU I 85 61.72 17.64 7.09
N GLN I 86 62.74 17.54 7.95
CA GLN I 86 63.98 18.28 7.76
C GLN I 86 65.15 17.33 7.95
N PHE I 87 66.36 17.89 7.87
CA PHE I 87 67.58 17.12 8.10
C PHE I 87 67.85 17.04 9.61
N GLY I 88 69.02 16.52 9.97
CA GLY I 88 69.39 16.36 11.36
C GLY I 88 70.67 17.09 11.70
N GLU I 89 71.04 17.00 12.97
CA GLU I 89 72.25 17.61 13.50
C GLU I 89 72.89 16.64 14.48
N PRO I 90 74.21 16.72 14.65
CA PRO I 90 74.89 15.82 15.60
C PRO I 90 74.98 16.44 16.99
N ALA I 91 74.88 15.58 18.00
CA ALA I 91 74.97 16.00 19.39
C ALA I 91 75.75 14.95 20.17
N VAL I 92 76.52 15.43 21.14
CA VAL I 92 77.34 14.53 21.96
C VAL I 92 76.46 13.84 23.00
N VAL I 93 77.02 12.81 23.63
CA VAL I 93 76.31 12.04 24.65
C VAL I 93 76.65 12.60 26.03
N PRO I 94 75.67 12.99 26.83
CA PRO I 94 75.95 13.54 28.15
C PRO I 94 76.12 12.42 29.17
N HIS I 95 76.31 12.82 30.43
CA HIS I 95 76.44 11.88 31.55
C HIS I 95 75.11 11.22 31.83
N PRO I 96 73.99 11.92 31.60
CA PRO I 96 72.67 11.31 31.81
C PRO I 96 72.28 10.43 30.63
N THR I 97 72.34 9.12 30.84
CA THR I 97 72.04 8.13 29.81
C THR I 97 71.19 7.02 30.41
N PRO I 98 69.87 7.09 30.26
CA PRO I 98 69.02 6.00 30.73
C PRO I 98 69.12 4.78 29.82
N TYR I 99 69.04 3.58 30.39
CA TYR I 99 69.16 2.34 29.63
C TYR I 99 67.82 1.97 29.00
N ARG I 100 67.44 2.74 28.00
CA ARG I 100 66.21 2.51 27.25
C ARG I 100 66.56 1.67 26.04
N GLN I 101 66.52 0.34 26.20
CA GLN I 101 66.89 -0.57 25.13
C GLN I 101 65.76 -0.66 24.10
N VAL I 102 65.88 0.14 23.03
CA VAL I 102 64.88 0.18 21.97
C VAL I 102 65.22 -0.89 20.95
N SER I 103 64.20 -1.61 20.48
CA SER I 103 64.40 -2.72 19.56
C SER I 103 63.48 -2.59 18.36
N ARG I 104 63.70 -3.49 17.40
CA ARG I 104 62.87 -3.59 16.19
C ARG I 104 62.49 -5.06 16.03
N VAL I 105 61.40 -5.46 16.68
CA VAL I 105 60.96 -6.85 16.71
C VAL I 105 59.46 -6.91 16.45
N GLN I 106 58.87 -8.09 16.61
CA GLN I 106 57.46 -8.30 16.39
C GLN I 106 56.75 -8.63 17.72
N ALA I 107 55.46 -8.95 17.61
CA ALA I 107 54.64 -9.34 18.75
C ALA I 107 53.59 -10.31 18.26
N LYS I 108 52.90 -10.95 19.22
CA LYS I 108 51.87 -11.92 18.88
C LYS I 108 50.62 -11.22 18.39
N SER I 109 50.20 -11.54 17.17
CA SER I 109 49.02 -10.92 16.58
C SER I 109 48.13 -11.85 15.77
N ASN I 110 48.45 -13.14 15.71
CA ASN I 110 47.70 -14.06 14.84
C ASN I 110 46.47 -14.58 15.57
N PRO I 111 45.25 -14.34 15.07
CA PRO I 111 44.08 -14.93 15.71
C PRO I 111 43.66 -16.22 15.05
N GLU I 112 44.29 -16.52 13.90
CA GLU I 112 44.06 -17.78 13.20
C GLU I 112 45.35 -18.36 12.65
N ARG I 113 46.50 -17.74 12.94
CA ARG I 113 47.78 -18.25 12.44
C ARG I 113 48.21 -19.53 13.13
N LEU I 114 47.68 -19.80 14.33
CA LEU I 114 47.93 -21.08 14.98
C LEU I 114 47.30 -22.23 14.21
N ARG I 115 46.14 -21.99 13.57
CA ARG I 115 45.51 -23.02 12.75
C ARG I 115 46.33 -23.29 11.49
N ARG I 116 46.90 -22.24 10.89
CA ARG I 116 47.77 -22.43 9.73
C ARG I 116 49.05 -23.14 10.12
N ARG I 117 49.59 -22.85 11.31
CA ARG I 117 50.79 -23.53 11.77
C ARG I 117 50.52 -25.00 12.10
N LEU I 118 49.34 -25.29 12.67
CA LEU I 118 48.98 -26.68 12.96
C LEU I 118 48.67 -27.46 11.68
N MET I 119 48.12 -26.80 10.66
CA MET I 119 47.89 -27.48 9.40
C MET I 119 49.19 -27.72 8.64
N ARG I 120 50.12 -26.78 8.72
CA ARG I 120 51.39 -26.92 7.99
C ARG I 120 52.33 -27.89 8.68
N ARG I 121 52.73 -27.61 9.92
CA ARG I 121 53.75 -28.40 10.59
C ARG I 121 53.40 -28.69 12.05
N HIS I 122 52.13 -28.90 12.35
CA HIS I 122 51.73 -29.22 13.72
C HIS I 122 50.87 -30.47 13.81
N ASP I 123 49.91 -30.66 12.90
CA ASP I 123 48.96 -31.77 12.98
C ASP I 123 47.94 -31.54 14.08
N LEU I 124 47.42 -30.32 14.18
CA LEU I 124 46.47 -29.94 15.21
C LEU I 124 45.08 -29.75 14.62
N SER I 125 44.09 -29.59 15.51
CA SER I 125 42.70 -29.39 15.11
C SER I 125 42.55 -27.95 14.59
N GLU I 126 42.31 -27.82 13.28
CA GLU I 126 42.22 -26.49 12.69
C GLU I 126 40.91 -25.80 13.01
N GLU I 127 39.84 -26.58 13.24
CA GLU I 127 38.54 -25.99 13.55
C GLU I 127 38.54 -25.38 14.94
N GLU I 128 39.13 -26.07 15.92
CA GLU I 128 39.25 -25.51 17.27
C GLU I 128 40.22 -24.33 17.28
N ALA I 129 41.24 -24.36 16.43
CA ALA I 129 42.18 -23.24 16.36
C ALA I 129 41.53 -22.01 15.71
N ARG I 130 40.60 -22.23 14.78
CA ARG I 130 39.89 -21.12 14.16
C ARG I 130 38.82 -20.56 15.09
N LYS I 131 38.09 -21.43 15.78
CA LYS I 131 37.03 -21.00 16.70
C LYS I 131 37.56 -20.57 18.06
N ARG I 132 38.85 -20.76 18.35
CA ARG I 132 39.45 -20.34 19.60
C ARG I 132 40.05 -18.94 19.54
N ILE I 133 39.54 -18.08 18.66
CA ILE I 133 40.05 -16.73 18.50
C ILE I 133 39.04 -15.75 19.07
N PRO I 134 39.04 -15.51 20.38
CA PRO I 134 38.14 -14.49 20.95
C PRO I 134 38.81 -13.13 21.04
N ASP I 135 38.08 -12.13 21.56
CA ASP I 135 38.67 -10.83 21.79
C ASP I 135 39.70 -10.86 22.91
N THR I 136 39.53 -11.75 23.89
CA THR I 136 40.48 -11.93 24.97
C THR I 136 41.54 -12.98 24.66
N VAL I 137 41.75 -13.29 23.38
CA VAL I 137 42.76 -14.26 22.97
C VAL I 137 44.02 -13.59 22.46
N ALA I 138 43.88 -12.50 21.70
CA ALA I 138 45.03 -11.78 21.18
C ALA I 138 45.67 -10.96 22.29
N ARG I 139 46.99 -11.04 22.39
CA ARG I 139 47.77 -10.33 23.41
C ARG I 139 48.91 -9.60 22.70
N ALA I 140 48.63 -8.41 22.20
CA ALA I 140 49.59 -7.61 21.45
C ALA I 140 49.90 -6.32 22.21
N LEU I 141 50.65 -5.44 21.58
CA LEU I 141 51.09 -4.19 22.20
C LEU I 141 49.90 -3.24 22.30
N ASP I 142 49.29 -3.16 23.49
CA ASP I 142 48.19 -2.25 23.75
C ASP I 142 48.65 -0.83 24.02
N LEU I 143 49.95 -0.61 24.20
CA LEU I 143 50.54 0.71 24.32
C LEU I 143 50.86 1.22 22.92
N PRO I 144 51.44 2.41 22.79
CA PRO I 144 51.71 2.94 21.44
C PRO I 144 52.87 2.25 20.75
N PHE I 145 52.58 1.10 20.12
CA PHE I 145 53.55 0.39 19.29
C PHE I 145 53.19 0.70 17.84
N VAL I 146 53.87 1.68 17.27
CA VAL I 146 53.52 2.21 15.95
C VAL I 146 53.99 1.23 14.88
N THR I 147 53.05 0.67 14.13
CA THR I 147 53.37 -0.28 13.06
C THR I 147 53.23 0.45 11.73
N LEU I 148 54.35 0.94 11.21
CA LEU I 148 54.38 1.53 9.88
C LEU I 148 54.31 0.42 8.84
N ARG I 149 53.11 0.14 8.35
CA ARG I 149 52.87 -0.98 7.45
C ARG I 149 52.87 -0.51 6.00
N SER I 150 52.79 -1.49 5.10
CA SER I 150 52.78 -1.27 3.66
C SER I 150 51.40 -1.55 3.10
N GLN I 151 51.29 -1.45 1.78
CA GLN I 151 50.02 -1.68 1.08
C GLN I 151 49.97 -3.11 0.54
N SER I 152 49.92 -4.05 1.47
CA SER I 152 49.79 -5.47 1.13
C SER I 152 48.64 -6.14 1.88
N THR I 153 48.41 -5.76 3.13
CA THR I 153 47.33 -6.33 3.94
C THR I 153 46.40 -5.21 4.38
N GLY I 154 45.10 -5.50 4.40
CA GLY I 154 44.11 -4.50 4.79
C GLY I 154 44.05 -4.24 6.28
N GLN I 155 44.59 -5.15 7.09
CA GLN I 155 44.59 -4.98 8.53
C GLN I 155 45.54 -3.85 8.95
N HIS I 156 45.12 -3.09 9.96
CA HIS I 156 45.82 -1.90 10.39
C HIS I 156 47.11 -2.26 11.14
N PHE I 157 47.93 -1.26 11.43
CA PHE I 157 49.24 -1.45 12.02
C PHE I 157 49.11 -1.72 13.52
N ARG I 158 49.54 -2.90 13.95
CA ARG I 158 49.61 -3.25 15.35
C ARG I 158 51.00 -2.94 15.89
N LEU I 159 51.36 -3.52 17.03
CA LEU I 159 52.64 -3.26 17.64
C LEU I 159 53.76 -3.97 16.90
N PHE I 160 54.85 -3.23 16.64
CA PHE I 160 56.10 -3.82 16.14
C PHE I 160 57.25 -2.99 16.72
N ILE I 161 57.73 -3.38 17.87
CA ILE I 161 58.77 -2.64 18.59
C ILE I 161 59.33 -3.53 19.68
N ARG I 162 60.51 -3.18 20.19
CA ARG I 162 61.11 -3.83 21.35
C ARG I 162 61.54 -2.74 22.34
N HIS I 163 60.61 -2.26 23.15
CA HIS I 163 60.91 -1.19 24.09
C HIS I 163 61.54 -1.74 25.37
N GLY I 164 62.26 -0.87 26.06
CA GLY I 164 62.93 -1.25 27.28
C GLY I 164 62.46 -0.46 28.50
N PRO I 165 63.06 -0.74 29.66
CA PRO I 165 62.67 -0.02 30.87
C PRO I 165 63.45 1.27 31.07
N LEU I 166 62.75 2.39 31.26
CA LEU I 166 63.38 3.69 31.40
C LEU I 166 63.72 3.94 32.86
N GLN I 167 65.01 3.91 33.18
CA GLN I 167 65.48 4.08 34.55
C GLN I 167 66.83 4.80 34.49
N VAL I 168 67.61 4.70 35.56
CA VAL I 168 68.93 5.30 35.62
C VAL I 168 70.04 4.27 35.38
N THR I 169 69.70 3.13 34.79
CA THR I 169 70.65 2.06 34.55
C THR I 169 71.21 2.15 33.14
N ALA I 170 71.96 1.12 32.72
CA ALA I 170 72.55 1.03 31.40
C ALA I 170 72.24 -0.31 30.79
N GLU I 171 71.85 -0.31 29.51
CA GLU I 171 71.51 -1.54 28.81
C GLU I 171 71.70 -1.30 27.32
N GLU I 172 72.75 -1.91 26.76
CA GLU I 172 73.08 -1.79 25.35
C GLU I 172 73.17 -3.18 24.73
N GLY I 173 72.91 -3.24 23.42
CA GLY I 173 72.86 -4.51 22.73
C GLY I 173 73.20 -4.34 21.26
N GLY I 174 73.07 -5.44 20.52
CA GLY I 174 73.45 -5.47 19.12
C GLY I 174 72.39 -4.94 18.17
N PHE I 175 72.77 -3.97 17.34
CA PHE I 175 71.85 -3.37 16.39
C PHE I 175 71.76 -4.21 15.13
N THR I 176 70.57 -4.27 14.55
CA THR I 176 70.29 -5.10 13.39
C THR I 176 70.43 -4.28 12.10
N CYS I 177 69.98 -4.86 10.99
CA CYS I 177 70.00 -4.20 9.69
C CYS I 177 68.72 -3.43 9.39
N TYR I 178 68.00 -2.98 10.43
CA TYR I 178 66.79 -2.20 10.24
C TYR I 178 66.66 -1.05 11.23
N GLY I 179 67.68 -0.79 12.04
CA GLY I 179 67.59 0.28 13.02
C GLY I 179 66.85 -0.12 14.27
N LEU I 180 67.41 -1.06 15.03
CA LEU I 180 66.76 -1.55 16.25
C LEU I 180 67.85 -2.00 17.22
N SER I 181 67.44 -2.79 18.21
CA SER I 181 68.35 -3.36 19.20
C SER I 181 67.94 -4.81 19.46
N LYS I 182 68.94 -5.68 19.56
CA LYS I 182 68.72 -7.10 19.76
C LYS I 182 69.23 -7.53 21.13
N GLY I 183 68.88 -6.75 22.15
CA GLY I 183 69.42 -6.95 23.49
C GLY I 183 69.75 -5.64 24.17
N GLY I 184 69.41 -4.54 23.54
CA GLY I 184 69.62 -3.23 24.13
C GLY I 184 69.90 -2.20 23.05
N PHE I 185 69.90 -0.93 23.47
CA PHE I 185 70.09 0.17 22.54
C PHE I 185 70.90 1.30 23.18
N VAL I 186 70.90 2.47 22.54
CA VAL I 186 71.64 3.63 23.02
C VAL I 186 70.76 4.41 23.99
N PRO I 187 71.24 5.52 24.54
CA PRO I 187 70.47 6.25 25.55
C PRO I 187 69.33 7.06 24.91
N TRP I 188 68.48 7.59 25.79
CA TRP I 188 67.34 8.39 25.38
C TRP I 188 67.13 9.50 26.40
N PHE I 189 67.33 10.74 25.97
CA PHE I 189 67.16 11.89 26.86
C PHE I 189 67.68 13.16 26.20
#